data_6DVI
#
_entry.id   6DVI
#
_cell.length_a   148.400
_cell.length_b   148.400
_cell.length_c   272.600
_cell.angle_alpha   90.00
_cell.angle_beta   90.00
_cell.angle_gamma   90.00
#
_symmetry.space_group_name_H-M   'P 4 21 2'
#
loop_
_entity.id
_entity.type
_entity.pdbx_description
1 polymer 'Lactate 2-monooxygenase'
2 non-polymer 'FLAVIN MONONUCLEOTIDE'
3 non-polymer 'SULFATE ION'
4 water water
#
_entity_poly.entity_id   1
_entity_poly.type   'polypeptide(L)'
_entity_poly.pdbx_seq_one_letter_code
;MSNWGDYENEIYGQGLVGVAPTLPMSYADWEAHAQQALPPGVLSYVAGGSGDEHTQRANVEAFKHWGLMPRMLMAATERD
LSVELWGKTWAAPMFFAPIGVIALCAQDGHGDAASAQASARTGVPYITSTLAVSSLEDIRKHAGDTPAYFQLYYPEDRDL
AESFIRRAEEAGYDGLVITLDTWIFGWRPRDLTISNFPFLRGLCLTNYVTDPVFQKKFKAHSGVEAEGLRDNPRLAADFW
HGLFGHSVTWEDIDWVRSITKMPVILKGIQHPDDARRAVDSGVDGIYCSNHGGRQANGGLPALDCLPEVVKASGDTPVLF
DSGIRTGADVVKALAMGASAVGIGRPYAWGAALGGSKGIEHVARSLLAEADLIMAVDGYRNLKELTIDALRPTR
;
_entity_poly.pdbx_strand_id   A,B,C,D,E,F
#
# COMPACT_ATOMS: atom_id res chain seq x y z
N MET A 1 22.57 -25.53 54.72
CA MET A 1 23.68 -25.25 55.68
C MET A 1 24.99 -25.88 55.25
N SER A 2 25.10 -27.22 55.26
N SER A 2 25.13 -27.21 55.41
CA SER A 2 26.42 -27.86 55.20
CA SER A 2 26.45 -27.86 55.24
C SER A 2 27.32 -27.12 56.19
C SER A 2 27.39 -27.14 56.18
N ASN A 3 28.01 -26.05 55.73
CA ASN A 3 28.10 -24.85 56.59
C ASN A 3 27.79 -23.63 55.74
N TRP A 4 27.20 -22.64 56.40
CA TRP A 4 26.86 -21.46 55.65
C TRP A 4 28.07 -20.76 55.10
N GLY A 5 29.22 -20.84 55.80
CA GLY A 5 30.40 -20.16 55.38
C GLY A 5 30.93 -20.64 54.06
N ASP A 6 30.57 -21.86 53.64
CA ASP A 6 30.99 -22.41 52.37
C ASP A 6 30.74 -21.46 51.20
N TYR A 7 29.79 -20.52 51.35
CA TYR A 7 29.40 -19.65 50.28
C TYR A 7 30.57 -18.89 49.71
N GLU A 8 31.57 -18.59 50.55
CA GLU A 8 32.72 -17.83 50.05
C GLU A 8 33.60 -18.67 49.16
N ASN A 9 33.58 -19.99 49.31
CA ASN A 9 34.32 -20.84 48.39
C ASN A 9 33.81 -20.64 46.97
N GLU A 10 32.50 -20.48 46.82
CA GLU A 10 31.96 -20.37 45.48
C GLU A 10 32.35 -19.05 44.83
N ILE A 11 32.27 -17.95 45.58
CA ILE A 11 32.71 -16.64 45.09
C ILE A 11 34.17 -16.71 44.68
N TYR A 12 35.02 -17.25 45.54
CA TYR A 12 36.44 -17.29 45.21
C TYR A 12 36.68 -18.20 44.04
N GLY A 13 35.92 -19.30 43.96
CA GLY A 13 36.11 -20.28 42.93
C GLY A 13 35.77 -19.76 41.56
N GLN A 14 34.76 -18.91 41.49
CA GLN A 14 34.30 -18.33 40.24
C GLN A 14 35.31 -17.32 39.73
N GLY A 15 35.93 -16.58 40.67
CA GLY A 15 36.97 -15.63 40.28
C GLY A 15 38.17 -16.29 39.61
N LEU A 16 38.56 -17.45 40.10
CA LEU A 16 39.65 -18.17 39.50
C LEU A 16 39.41 -18.52 38.05
N VAL A 17 38.14 -18.50 37.60
CA VAL A 17 37.85 -18.76 36.17
C VAL A 17 37.36 -17.50 35.48
N GLY A 18 37.79 -16.35 35.99
CA GLY A 18 37.48 -15.09 35.36
C GLY A 18 36.07 -14.60 35.52
N VAL A 19 35.34 -15.09 36.54
CA VAL A 19 33.93 -14.67 36.76
C VAL A 19 33.88 -13.85 38.04
N ALA A 20 33.83 -12.55 37.84
CA ALA A 20 33.76 -11.62 38.90
C ALA A 20 32.37 -11.57 39.52
N PRO A 21 32.28 -11.15 40.78
CA PRO A 21 30.97 -10.90 41.39
C PRO A 21 30.23 -9.78 40.66
N THR A 22 28.92 -9.84 40.73
CA THR A 22 28.07 -8.83 40.12
C THR A 22 27.32 -8.04 41.17
N LEU A 23 27.32 -8.45 42.43
CA LEU A 23 26.61 -7.77 43.49
C LEU A 23 27.60 -7.34 44.56
N PRO A 24 27.25 -6.39 45.40
CA PRO A 24 28.17 -6.03 46.47
C PRO A 24 28.25 -7.10 47.56
N MET A 25 29.33 -7.00 48.37
CA MET A 25 29.61 -7.94 49.44
C MET A 25 29.44 -7.39 50.85
N SER A 26 29.11 -6.13 51.00
CA SER A 26 29.07 -5.54 52.35
C SER A 26 27.88 -4.59 52.41
N TYR A 27 27.40 -4.33 53.62
CA TYR A 27 26.21 -3.52 53.76
C TYR A 27 26.43 -2.14 53.14
N ALA A 28 27.54 -1.51 53.46
CA ALA A 28 27.76 -0.15 53.03
C ALA A 28 27.69 -0.04 51.49
N ASP A 29 28.24 -1.01 50.79
CA ASP A 29 28.15 -1.07 49.34
C ASP A 29 26.73 -1.44 48.90
N TRP A 30 26.04 -2.32 49.65
CA TRP A 30 24.63 -2.60 49.32
CA TRP A 30 24.64 -2.59 49.32
C TRP A 30 23.84 -1.31 49.36
N GLU A 31 23.97 -0.57 50.44
CA GLU A 31 23.22 0.65 50.66
C GLU A 31 23.62 1.73 49.68
N ALA A 32 24.91 1.89 49.45
CA ALA A 32 25.37 2.96 48.58
C ALA A 32 24.78 2.78 47.20
N HIS A 33 24.76 1.57 46.73
CA HIS A 33 24.36 1.33 45.34
C HIS A 33 22.87 1.21 45.19
N ALA A 34 22.23 0.54 46.17
CA ALA A 34 20.78 0.41 46.14
C ALA A 34 20.12 1.76 46.17
N GLN A 35 20.56 2.62 47.07
CA GLN A 35 19.86 3.89 47.24
C GLN A 35 19.84 4.69 45.96
N GLN A 36 20.92 4.62 45.19
CA GLN A 36 20.95 5.27 43.89
C GLN A 36 20.17 4.49 42.85
N ALA A 37 19.94 3.19 43.07
CA ALA A 37 19.20 2.43 42.07
C ALA A 37 17.68 2.52 42.24
N LEU A 38 17.21 3.08 43.32
CA LEU A 38 15.80 3.07 43.55
C LEU A 38 15.15 4.34 43.07
N PRO A 39 13.85 4.28 42.79
CA PRO A 39 13.07 5.52 42.62
C PRO A 39 13.13 6.35 43.83
N PRO A 40 13.01 7.67 43.71
CA PRO A 40 13.20 8.58 44.86
C PRO A 40 12.17 8.44 45.96
N GLY A 41 10.91 8.13 45.63
CA GLY A 41 9.93 7.92 46.68
C GLY A 41 10.22 6.68 47.46
N VAL A 42 10.66 5.63 46.79
CA VAL A 42 10.96 4.40 47.50
C VAL A 42 12.17 4.61 48.40
N LEU A 43 13.22 5.27 47.90
CA LEU A 43 14.39 5.58 48.72
C LEU A 43 14.02 6.30 50.00
N SER A 44 13.20 7.36 49.87
CA SER A 44 12.77 8.17 51.00
C SER A 44 12.02 7.30 51.97
N TYR A 45 11.25 6.36 51.42
CA TYR A 45 10.42 5.55 52.30
C TYR A 45 11.23 4.47 53.01
N VAL A 46 12.19 3.87 52.33
CA VAL A 46 12.90 2.71 52.86
C VAL A 46 14.10 3.16 53.71
N ALA A 47 14.81 4.17 53.27
CA ALA A 47 15.94 4.68 54.01
C ALA A 47 15.48 5.49 55.21
N GLY A 48 14.35 6.18 55.08
CA GLY A 48 13.99 7.22 56.00
C GLY A 48 13.53 6.61 57.33
N GLY A 49 13.84 7.27 58.42
CA GLY A 49 13.27 6.84 59.66
C GLY A 49 12.54 7.98 60.34
N SER A 50 12.36 7.83 61.65
CA SER A 50 11.57 8.76 62.45
C SER A 50 12.38 9.93 62.97
N GLY A 51 11.85 11.13 62.83
CA GLY A 51 12.50 12.34 63.32
C GLY A 51 13.84 12.55 62.66
N ASP A 52 14.86 12.89 63.49
CA ASP A 52 16.20 13.07 62.97
C ASP A 52 16.97 11.78 62.82
N GLU A 53 16.30 10.63 63.02
CA GLU A 53 16.80 9.30 62.75
C GLU A 53 17.88 8.87 63.73
N HIS A 54 18.04 9.58 64.85
CA HIS A 54 19.00 9.12 65.86
C HIS A 54 18.74 7.68 66.26
N THR A 55 17.48 7.28 66.40
CA THR A 55 17.19 5.93 66.91
C THR A 55 17.58 4.86 65.90
N GLN A 56 17.09 5.04 64.66
CA GLN A 56 17.55 4.20 63.55
C GLN A 56 19.05 4.09 63.52
N ARG A 57 19.74 5.18 63.84
CA ARG A 57 21.20 5.08 63.75
C ARG A 57 21.79 4.44 65.00
N ALA A 58 21.23 4.78 66.16
CA ALA A 58 21.65 4.22 67.43
C ALA A 58 21.42 2.73 67.47
N ASN A 59 20.35 2.25 66.87
CA ASN A 59 20.17 0.82 66.79
C ASN A 59 21.42 0.14 66.23
N VAL A 60 22.01 0.76 65.21
CA VAL A 60 23.12 0.12 64.48
C VAL A 60 24.42 0.29 65.25
N GLU A 61 24.65 1.50 65.76
CA GLU A 61 25.80 1.78 66.59
C GLU A 61 25.89 0.88 67.80
N ALA A 62 24.76 0.47 68.38
CA ALA A 62 24.83 -0.33 69.58
C ALA A 62 25.73 -1.54 69.40
N PHE A 63 25.71 -2.13 68.20
CA PHE A 63 26.42 -3.39 67.95
C PHE A 63 27.93 -3.19 67.97
N LYS A 64 28.41 -1.95 67.80
CA LYS A 64 29.84 -1.70 67.87
C LYS A 64 30.37 -1.74 69.26
N HIS A 65 29.54 -1.99 70.27
CA HIS A 65 29.92 -1.81 71.67
C HIS A 65 29.75 -3.10 72.40
N TRP A 66 29.67 -4.18 71.65
CA TRP A 66 29.85 -5.52 72.19
C TRP A 66 30.92 -6.21 71.35
N GLY A 67 31.72 -7.02 71.99
CA GLY A 67 32.67 -7.86 71.30
C GLY A 67 32.59 -9.32 71.68
N LEU A 68 32.67 -10.19 70.70
CA LEU A 68 32.76 -11.61 70.97
C LEU A 68 34.18 -12.00 71.38
N MET A 69 34.26 -12.78 72.46
CA MET A 69 35.53 -13.28 72.93
C MET A 69 35.95 -14.50 72.14
N PRO A 70 37.05 -14.45 71.40
CA PRO A 70 37.47 -15.64 70.65
C PRO A 70 38.00 -16.75 71.55
N ARG A 71 37.55 -17.97 71.28
CA ARG A 71 38.05 -19.18 71.92
C ARG A 71 38.91 -19.99 70.97
N MET A 72 40.16 -20.19 71.36
CA MET A 72 41.07 -20.95 70.52
C MET A 72 40.99 -22.45 70.89
N LEU A 73 41.48 -23.29 69.97
CA LEU A 73 41.58 -24.75 70.08
C LEU A 73 40.25 -25.42 70.40
N MET A 74 39.18 -24.85 69.89
CA MET A 74 37.88 -25.46 69.99
C MET A 74 37.56 -26.35 68.81
N ALA A 75 38.22 -26.22 67.67
CA ALA A 75 37.95 -27.03 66.46
C ALA A 75 36.45 -27.07 66.09
N ALA A 76 35.87 -25.89 65.89
CA ALA A 76 34.45 -25.87 65.60
C ALA A 76 34.32 -26.05 64.09
N THR A 77 34.70 -27.26 63.62
CA THR A 77 34.77 -27.55 62.21
C THR A 77 33.41 -27.92 61.58
N GLU A 78 32.43 -28.30 62.37
CA GLU A 78 31.08 -28.49 61.88
C GLU A 78 30.11 -27.69 62.74
N ARG A 79 29.50 -26.65 62.16
CA ARG A 79 28.58 -25.80 62.90
C ARG A 79 27.14 -26.22 62.70
N ASP A 80 26.33 -26.02 63.74
CA ASP A 80 24.90 -26.30 63.73
C ASP A 80 24.27 -24.97 64.12
N LEU A 81 23.69 -24.32 63.12
CA LEU A 81 23.06 -23.02 63.24
C LEU A 81 21.54 -23.14 63.21
N SER A 82 21.05 -24.36 63.26
CA SER A 82 19.61 -24.58 63.21
C SER A 82 18.97 -24.20 64.55
N VAL A 83 17.71 -23.81 64.46
CA VAL A 83 16.90 -23.47 65.62
C VAL A 83 15.53 -24.09 65.41
N GLU A 84 14.93 -24.60 66.49
CA GLU A 84 13.57 -25.10 66.47
C GLU A 84 12.70 -24.06 67.16
N LEU A 85 11.74 -23.55 66.43
CA LEU A 85 10.82 -22.50 66.84
C LEU A 85 9.42 -22.96 66.63
N TRP A 86 8.69 -23.09 67.73
CA TRP A 86 7.26 -23.43 67.74
C TRP A 86 7.00 -24.68 66.92
N GLY A 87 7.86 -25.64 67.11
CA GLY A 87 7.68 -26.93 66.47
C GLY A 87 8.38 -27.10 65.12
N LYS A 88 8.85 -26.05 64.48
CA LYS A 88 9.41 -26.19 63.16
C LYS A 88 10.92 -26.05 63.24
N THR A 89 11.66 -26.76 62.40
CA THR A 89 13.11 -26.58 62.41
C THR A 89 13.59 -25.58 61.39
N TRP A 90 14.19 -24.51 61.86
CA TRP A 90 14.79 -23.54 60.96
C TRP A 90 16.22 -23.93 60.62
N ALA A 91 16.56 -23.89 59.33
CA ALA A 91 17.93 -24.15 58.96
C ALA A 91 18.88 -23.02 59.38
N ALA A 92 18.37 -21.85 59.71
CA ALA A 92 19.27 -20.75 60.04
C ALA A 92 18.56 -19.94 61.10
N PRO A 93 19.30 -19.29 62.06
CA PRO A 93 18.67 -18.47 63.09
C PRO A 93 18.43 -17.07 62.56
N MET A 94 17.76 -16.99 61.43
CA MET A 94 17.67 -15.69 60.77
C MET A 94 16.42 -15.72 59.92
N PHE A 95 15.83 -14.56 59.76
CA PHE A 95 14.61 -14.49 58.99
C PHE A 95 14.52 -13.14 58.32
N PHE A 96 13.76 -13.11 57.21
CA PHE A 96 13.42 -11.84 56.58
C PHE A 96 12.34 -11.14 57.40
N ALA A 97 12.69 -9.99 57.99
CA ALA A 97 11.70 -9.19 58.72
C ALA A 97 10.64 -8.60 57.79
N PRO A 98 9.43 -8.32 58.30
CA PRO A 98 8.36 -7.76 57.47
C PRO A 98 8.68 -6.39 56.92
N ILE A 99 8.37 -6.22 55.64
CA ILE A 99 8.64 -4.96 54.96
C ILE A 99 7.46 -4.73 54.03
N GLY A 100 6.61 -3.76 54.38
CA GLY A 100 5.37 -3.63 53.62
C GLY A 100 5.53 -3.16 52.19
N VAL A 101 6.65 -2.49 51.85
CA VAL A 101 6.86 -1.99 50.48
C VAL A 101 7.96 -2.76 49.75
N ILE A 102 8.35 -3.96 50.21
CA ILE A 102 9.43 -4.71 49.56
C ILE A 102 9.06 -5.04 48.15
N ALA A 103 7.76 -5.11 47.86
CA ALA A 103 7.34 -5.30 46.48
C ALA A 103 7.94 -4.21 45.60
N LEU A 104 8.03 -2.98 46.12
CA LEU A 104 8.41 -1.84 45.31
C LEU A 104 9.90 -1.56 45.37
N CYS A 105 10.65 -2.23 46.25
CA CYS A 105 12.10 -2.16 46.27
C CYS A 105 12.73 -2.85 45.07
N ALA A 106 11.98 -3.70 44.37
CA ALA A 106 12.45 -4.46 43.20
C ALA A 106 11.91 -3.82 41.91
N GLN A 107 12.76 -3.77 40.90
CA GLN A 107 12.37 -3.07 39.69
C GLN A 107 11.09 -3.62 39.06
N ASP A 108 10.86 -4.91 39.15
CA ASP A 108 9.68 -5.48 38.55
C ASP A 108 8.43 -5.34 39.41
N GLY A 109 8.50 -4.71 40.56
CA GLY A 109 7.27 -4.51 41.30
C GLY A 109 6.78 -5.70 42.10
N HIS A 110 7.55 -6.78 42.19
CA HIS A 110 7.15 -8.01 42.87
C HIS A 110 8.26 -8.46 43.81
N GLY A 111 8.93 -7.50 44.41
CA GLY A 111 9.89 -7.78 45.46
C GLY A 111 9.42 -8.67 46.59
N ASP A 112 8.12 -8.71 46.89
CA ASP A 112 7.65 -9.58 47.95
C ASP A 112 7.72 -11.05 47.50
N ALA A 113 7.11 -11.36 46.36
CA ALA A 113 7.27 -12.67 45.74
C ALA A 113 8.74 -13.07 45.69
N ALA A 114 9.59 -12.16 45.24
CA ALA A 114 11.02 -12.38 45.09
C ALA A 114 11.65 -12.75 46.43
N SER A 115 11.14 -12.15 47.48
CA SER A 115 11.62 -12.41 48.82
C SER A 115 11.17 -13.77 49.27
N ALA A 116 9.96 -14.16 48.92
CA ALA A 116 9.49 -15.45 49.37
C ALA A 116 10.21 -16.57 48.65
N GLN A 117 10.51 -16.33 47.38
CA GLN A 117 11.24 -17.32 46.59
C GLN A 117 12.67 -17.46 47.10
N ALA A 118 13.32 -16.36 47.44
CA ALA A 118 14.64 -16.45 48.06
C ALA A 118 14.57 -17.25 49.36
N SER A 119 13.50 -17.05 50.15
CA SER A 119 13.28 -17.88 51.32
C SER A 119 13.19 -19.36 50.96
N ALA A 120 12.40 -19.66 49.92
CA ALA A 120 12.25 -21.04 49.49
C ALA A 120 13.59 -21.70 49.14
N ARG A 121 14.48 -20.98 48.43
CA ARG A 121 15.77 -21.52 48.07
C ARG A 121 16.80 -21.50 49.21
N THR A 122 16.71 -20.58 50.18
CA THR A 122 17.73 -20.56 51.23
C THR A 122 17.29 -21.25 52.51
N GLY A 123 16.01 -21.30 52.80
CA GLY A 123 15.55 -21.73 54.11
C GLY A 123 15.60 -20.68 55.17
N VAL A 124 15.76 -19.43 54.77
CA VAL A 124 15.64 -18.30 55.68
C VAL A 124 14.17 -17.90 55.69
N PRO A 125 13.47 -17.99 56.80
CA PRO A 125 12.02 -17.75 56.77
C PRO A 125 11.70 -16.32 56.37
N TYR A 126 10.60 -16.18 55.62
CA TYR A 126 10.04 -14.92 55.19
C TYR A 126 8.88 -14.61 56.15
N ILE A 127 8.88 -13.39 56.66
CA ILE A 127 7.75 -12.89 57.41
C ILE A 127 7.08 -11.87 56.51
N THR A 128 5.90 -12.19 55.98
CA THR A 128 5.30 -11.24 55.04
C THR A 128 4.53 -10.20 55.79
N SER A 129 4.68 -8.95 55.36
CA SER A 129 3.84 -7.92 55.91
C SER A 129 2.38 -8.14 55.49
N THR A 130 1.51 -7.55 56.29
CA THR A 130 0.12 -7.43 55.87
C THR A 130 0.02 -6.58 54.60
N LEU A 131 0.85 -5.56 54.49
CA LEU A 131 0.92 -4.72 53.30
C LEU A 131 1.77 -5.45 52.30
N ALA A 132 1.30 -5.54 51.05
CA ALA A 132 1.95 -6.35 50.03
C ALA A 132 1.30 -6.24 48.66
N VAL A 133 2.08 -6.60 47.64
CA VAL A 133 1.50 -6.68 46.29
C VAL A 133 0.98 -8.08 46.01
N SER A 134 1.72 -9.09 46.40
CA SER A 134 1.19 -10.47 46.30
C SER A 134 0.34 -10.74 47.52
N SER A 135 -0.75 -11.43 47.32
CA SER A 135 -1.59 -11.81 48.43
C SER A 135 -0.87 -12.79 49.35
N LEU A 136 -1.27 -12.82 50.61
CA LEU A 136 -0.60 -13.72 51.55
C LEU A 136 -0.74 -15.18 51.15
N GLU A 137 -1.78 -15.57 50.40
CA GLU A 137 -1.80 -16.95 49.86
C GLU A 137 -0.72 -17.21 48.80
N ASP A 138 -0.54 -16.30 47.83
CA ASP A 138 0.53 -16.49 46.85
C ASP A 138 1.92 -16.50 47.49
N ILE A 139 2.19 -15.59 48.43
CA ILE A 139 3.44 -15.57 49.16
C ILE A 139 3.78 -16.95 49.71
N ARG A 140 2.82 -17.57 50.43
CA ARG A 140 3.13 -18.82 51.13
C ARG A 140 3.47 -19.91 50.14
N LYS A 141 2.80 -19.93 48.99
CA LYS A 141 3.24 -20.82 47.94
C LYS A 141 4.66 -20.53 47.49
N HIS A 142 4.99 -19.25 47.23
CA HIS A 142 6.35 -18.93 46.78
C HIS A 142 7.42 -19.36 47.79
N ALA A 143 7.04 -19.48 49.08
CA ALA A 143 7.99 -19.77 50.12
C ALA A 143 8.36 -21.26 50.15
N GLY A 144 7.69 -22.09 49.36
CA GLY A 144 8.12 -23.47 49.28
C GLY A 144 7.99 -24.22 50.60
N ASP A 145 9.07 -24.95 50.94
CA ASP A 145 9.18 -25.82 52.10
C ASP A 145 9.62 -25.06 53.35
N THR A 146 9.96 -23.78 53.21
CA THR A 146 10.60 -23.01 54.26
C THR A 146 9.51 -22.45 55.18
N PRO A 147 9.65 -22.53 56.47
CA PRO A 147 8.70 -21.83 57.35
C PRO A 147 8.48 -20.37 56.95
N ALA A 148 7.22 -19.96 57.03
CA ALA A 148 6.73 -18.64 56.68
C ALA A 148 5.79 -18.18 57.78
N TYR A 149 5.88 -16.89 58.10
CA TYR A 149 5.11 -16.26 59.16
C TYR A 149 4.34 -15.08 58.60
N PHE A 150 3.18 -14.82 59.20
CA PHE A 150 2.31 -13.72 58.77
C PHE A 150 2.32 -12.60 59.81
N GLN A 151 2.70 -11.41 59.38
CA GLN A 151 2.70 -10.24 60.24
C GLN A 151 1.41 -9.45 60.01
N LEU A 152 0.64 -9.37 61.06
CA LEU A 152 -0.66 -8.72 61.08
C LEU A 152 -0.48 -7.29 61.48
N TYR A 153 -0.95 -6.37 60.64
CA TYR A 153 -1.32 -5.04 61.08
C TYR A 153 -2.81 -5.11 61.40
N TYR A 154 -3.11 -5.12 62.68
CA TYR A 154 -4.46 -5.38 63.22
C TYR A 154 -5.35 -4.22 62.89
N PRO A 155 -6.41 -4.41 62.11
CA PRO A 155 -7.26 -3.29 61.68
C PRO A 155 -8.38 -2.93 62.66
N GLU A 156 -8.98 -1.75 62.44
CA GLU A 156 -10.09 -1.33 63.27
C GLU A 156 -11.40 -1.97 62.82
N ASP A 157 -11.40 -3.29 62.65
CA ASP A 157 -12.58 -4.05 62.20
C ASP A 157 -12.26 -5.50 62.60
N ARG A 158 -12.88 -5.96 63.66
CA ARG A 158 -12.61 -7.30 64.15
C ARG A 158 -12.86 -8.33 63.05
N ASP A 159 -13.83 -8.11 62.21
CA ASP A 159 -14.12 -9.08 61.18
C ASP A 159 -12.97 -9.19 60.22
N LEU A 160 -12.35 -8.06 59.88
CA LEU A 160 -11.24 -8.10 58.96
C LEU A 160 -10.02 -8.77 59.60
N ALA A 161 -9.75 -8.43 60.87
CA ALA A 161 -8.59 -8.98 61.54
C ALA A 161 -8.64 -10.48 61.60
N GLU A 162 -9.82 -11.01 61.90
CA GLU A 162 -10.06 -12.45 61.93
C GLU A 162 -10.02 -13.08 60.54
N SER A 163 -10.46 -12.36 59.50
CA SER A 163 -10.28 -12.85 58.13
C SER A 163 -8.81 -13.03 57.77
N PHE A 164 -7.97 -12.07 58.11
CA PHE A 164 -6.53 -12.15 57.87
C PHE A 164 -5.92 -13.35 58.57
N ILE A 165 -6.26 -13.52 59.86
CA ILE A 165 -5.71 -14.61 60.68
C ILE A 165 -6.20 -15.96 60.16
N ARG A 166 -7.51 -16.08 59.91
CA ARG A 166 -8.03 -17.29 59.26
C ARG A 166 -7.34 -17.56 57.95
N ARG A 167 -7.32 -16.57 57.06
CA ARG A 167 -6.67 -16.83 55.77
C ARG A 167 -5.21 -17.28 55.95
N ALA A 168 -4.50 -16.68 56.88
CA ALA A 168 -3.10 -17.05 57.14
C ALA A 168 -2.99 -18.48 57.68
N GLU A 169 -3.81 -18.84 58.65
CA GLU A 169 -3.79 -20.23 59.06
C GLU A 169 -4.17 -21.15 57.90
N GLU A 170 -5.12 -20.77 57.05
CA GLU A 170 -5.51 -21.71 56.01
C GLU A 170 -4.45 -21.83 54.93
N ALA A 171 -3.75 -20.72 54.63
CA ALA A 171 -2.64 -20.72 53.71
C ALA A 171 -1.44 -21.50 54.23
N GLY A 172 -1.52 -22.01 55.46
CA GLY A 172 -0.39 -22.75 55.99
C GLY A 172 0.74 -21.93 56.53
N TYR A 173 0.52 -20.67 56.96
CA TYR A 173 1.54 -19.93 57.72
C TYR A 173 1.79 -20.60 59.06
N ASP A 174 3.05 -20.48 59.53
CA ASP A 174 3.54 -21.19 60.67
C ASP A 174 3.52 -20.37 61.95
N GLY A 175 3.15 -19.11 61.88
CA GLY A 175 2.98 -18.32 63.07
C GLY A 175 2.47 -16.97 62.66
N LEU A 176 2.08 -16.20 63.67
CA LEU A 176 1.39 -14.93 63.48
C LEU A 176 2.13 -13.89 64.30
N VAL A 177 2.60 -12.85 63.64
CA VAL A 177 3.36 -11.80 64.30
C VAL A 177 2.46 -10.59 64.34
N ILE A 178 2.15 -10.12 65.54
CA ILE A 178 1.33 -8.91 65.65
C ILE A 178 2.26 -7.74 65.97
N THR A 179 2.28 -6.75 65.07
CA THR A 179 3.17 -5.61 65.20
C THR A 179 2.47 -4.57 66.08
N LEU A 180 3.07 -4.25 67.22
CA LEU A 180 2.41 -3.43 68.23
C LEU A 180 2.78 -1.96 68.13
N ASP A 181 3.78 -1.61 67.34
CA ASP A 181 4.34 -0.26 67.32
C ASP A 181 3.96 0.55 66.09
N THR A 182 2.92 0.17 65.37
CA THR A 182 2.57 0.82 64.12
C THR A 182 1.06 0.76 63.89
N TRP A 183 0.26 1.31 64.80
CA TRP A 183 -1.14 1.55 64.59
C TRP A 183 -1.40 2.97 64.10
N ILE A 184 -0.33 3.74 63.98
CA ILE A 184 -0.34 5.14 63.64
C ILE A 184 1.10 5.44 63.24
N PHE A 185 1.27 6.34 62.30
CA PHE A 185 2.58 6.49 61.68
C PHE A 185 3.34 7.62 62.38
N GLY A 186 4.58 7.35 62.72
CA GLY A 186 5.45 8.31 63.35
C GLY A 186 5.89 9.42 62.40
N TRP A 187 6.43 10.49 63.00
CA TRP A 187 6.84 11.68 62.27
C TRP A 187 8.10 11.35 61.48
N ARG A 188 8.01 11.38 60.14
CA ARG A 188 9.05 10.89 59.24
CA ARG A 188 9.04 10.87 59.25
C ARG A 188 9.46 11.99 58.29
N PRO A 189 10.46 12.80 58.65
CA PRO A 189 10.80 13.94 57.80
C PRO A 189 11.07 13.65 56.35
N ARG A 190 11.79 12.58 56.01
CA ARG A 190 12.10 12.35 54.59
C ARG A 190 10.83 12.17 53.75
N ASP A 191 9.84 11.42 54.27
CA ASP A 191 8.59 11.24 53.57
C ASP A 191 7.73 12.50 53.59
N LEU A 192 7.77 13.27 54.70
CA LEU A 192 6.95 14.46 54.80
C LEU A 192 7.44 15.55 53.83
N THR A 193 8.73 15.74 53.73
CA THR A 193 9.29 16.73 52.81
C THR A 193 8.66 16.61 51.42
N ILE A 194 8.54 15.39 50.90
CA ILE A 194 7.95 15.14 49.59
C ILE A 194 6.54 14.58 49.67
N SER A 195 5.88 14.67 50.83
CA SER A 195 4.53 14.12 51.02
C SER A 195 4.38 12.77 50.30
N ASN A 196 5.29 11.88 50.64
CA ASN A 196 5.34 10.52 50.11
C ASN A 196 4.70 9.56 51.10
N PHE A 197 3.51 9.06 50.74
CA PHE A 197 2.83 7.97 51.46
C PHE A 197 2.18 6.97 50.47
N PRO A 198 2.92 5.95 50.07
CA PRO A 198 2.50 5.13 48.91
C PRO A 198 1.22 4.33 49.08
N PHE A 199 0.88 3.92 50.30
CA PHE A 199 -0.32 3.12 50.48
C PHE A 199 -1.55 3.94 50.17
N LEU A 200 -1.50 5.24 50.43
CA LEU A 200 -2.64 6.08 50.11
C LEU A 200 -2.81 6.28 48.63
N ARG A 201 -1.83 5.86 47.82
CA ARG A 201 -2.03 5.81 46.38
C ARG A 201 -2.54 4.45 45.95
N GLY A 202 -2.97 3.61 46.90
CA GLY A 202 -3.48 2.31 46.61
C GLY A 202 -2.43 1.29 46.33
N LEU A 203 -1.22 1.48 46.81
CA LEU A 203 -0.13 0.53 46.59
C LEU A 203 -0.01 -0.40 47.79
N CYS A 204 0.25 -1.68 47.52
CA CYS A 204 0.49 -2.71 48.53
C CYS A 204 -0.73 -3.02 49.41
N LEU A 205 -1.93 -2.93 48.84
CA LEU A 205 -3.17 -3.19 49.53
C LEU A 205 -3.84 -4.49 49.03
N THR A 206 -3.09 -5.32 48.32
CA THR A 206 -3.60 -6.57 47.81
C THR A 206 -4.27 -7.39 48.90
N ASN A 207 -3.68 -7.48 50.09
CA ASN A 207 -4.32 -8.33 51.07
C ASN A 207 -5.68 -7.79 51.50
N TYR A 208 -5.86 -6.47 51.52
CA TYR A 208 -7.20 -5.91 51.76
C TYR A 208 -8.12 -6.07 50.54
N VAL A 209 -7.63 -5.68 49.38
CA VAL A 209 -8.39 -5.78 48.14
C VAL A 209 -8.91 -7.20 47.87
N THR A 210 -8.14 -8.21 48.25
CA THR A 210 -8.59 -9.57 48.06
C THR A 210 -9.38 -10.12 49.23
N ASP A 211 -9.53 -9.38 50.29
CA ASP A 211 -10.17 -9.99 51.44
C ASP A 211 -11.70 -9.92 51.36
N PRO A 212 -12.41 -10.97 51.66
CA PRO A 212 -13.87 -10.88 51.56
C PRO A 212 -14.50 -9.86 52.50
N VAL A 213 -14.04 -9.73 53.75
CA VAL A 213 -14.64 -8.76 54.67
C VAL A 213 -14.42 -7.34 54.17
N PHE A 214 -13.17 -6.97 53.88
CA PHE A 214 -12.87 -5.66 53.30
C PHE A 214 -13.70 -5.35 52.05
N GLN A 215 -13.84 -6.31 51.12
CA GLN A 215 -14.62 -6.14 49.89
C GLN A 215 -16.05 -5.82 50.20
N LYS A 216 -16.66 -6.63 51.08
CA LYS A 216 -18.05 -6.42 51.48
C LYS A 216 -18.23 -5.07 52.17
N LYS A 217 -17.37 -4.73 53.14
CA LYS A 217 -17.53 -3.48 53.86
C LYS A 217 -17.22 -2.26 53.02
N PHE A 218 -16.29 -2.38 52.07
CA PHE A 218 -15.99 -1.22 51.22
C PHE A 218 -17.13 -0.97 50.22
N LYS A 219 -17.73 -2.05 49.69
CA LYS A 219 -18.90 -1.92 48.81
C LYS A 219 -20.06 -1.30 49.57
N ALA A 220 -20.35 -1.81 50.76
CA ALA A 220 -21.33 -1.15 51.64
C ALA A 220 -21.07 0.35 51.76
N HIS A 221 -19.82 0.74 51.77
CA HIS A 221 -19.46 2.12 52.04
C HIS A 221 -19.41 2.97 50.79
N SER A 222 -19.06 2.36 49.67
CA SER A 222 -18.79 3.09 48.46
C SER A 222 -19.69 2.72 47.29
N GLY A 223 -20.34 1.58 47.33
CA GLY A 223 -20.99 1.05 46.15
C GLY A 223 -20.12 0.30 45.17
N VAL A 224 -18.84 0.21 45.41
CA VAL A 224 -17.90 -0.35 44.43
C VAL A 224 -17.81 -1.85 44.67
N GLU A 225 -17.95 -2.64 43.58
CA GLU A 225 -17.89 -4.09 43.72
C GLU A 225 -16.44 -4.59 43.62
N ALA A 226 -16.28 -5.90 43.79
CA ALA A 226 -14.95 -6.46 44.00
C ALA A 226 -14.08 -6.29 42.77
N GLU A 227 -14.66 -6.29 41.57
CA GLU A 227 -13.85 -6.16 40.37
C GLU A 227 -13.31 -4.74 40.25
N GLY A 228 -14.20 -3.72 40.39
CA GLY A 228 -13.77 -2.34 40.24
C GLY A 228 -12.68 -2.00 41.22
N LEU A 229 -12.78 -2.53 42.44
CA LEU A 229 -11.77 -2.28 43.45
C LEU A 229 -10.45 -2.90 43.04
N ARG A 230 -10.48 -4.12 42.53
CA ARG A 230 -9.23 -4.81 42.22
C ARG A 230 -8.54 -4.13 41.05
N ASP A 231 -9.32 -3.55 40.15
CA ASP A 231 -8.77 -2.78 39.04
C ASP A 231 -8.32 -1.40 39.44
N ASN A 232 -8.83 -0.83 40.51
CA ASN A 232 -8.31 0.43 41.02
C ASN A 232 -8.28 0.39 42.52
N PRO A 233 -7.24 -0.19 43.12
CA PRO A 233 -7.19 -0.24 44.59
C PRO A 233 -7.25 1.12 45.22
N ARG A 234 -6.77 2.15 44.52
CA ARG A 234 -6.73 3.45 45.14
C ARG A 234 -8.13 3.94 45.51
N LEU A 235 -9.19 3.40 44.88
CA LEU A 235 -10.54 3.78 45.28
C LEU A 235 -10.77 3.53 46.76
N ALA A 236 -10.10 2.52 47.31
CA ALA A 236 -10.31 2.16 48.69
C ALA A 236 -9.15 2.57 49.57
N ALA A 237 -8.20 3.35 49.05
CA ALA A 237 -7.09 3.86 49.90
C ALA A 237 -7.60 4.67 51.08
N ASP A 238 -8.61 5.53 50.89
CA ASP A 238 -9.08 6.29 52.03
C ASP A 238 -9.78 5.37 53.03
N PHE A 239 -10.53 4.39 52.54
CA PHE A 239 -11.20 3.41 53.39
C PHE A 239 -10.18 2.57 54.14
N TRP A 240 -9.10 2.18 53.46
CA TRP A 240 -8.02 1.45 54.10
C TRP A 240 -7.47 2.25 55.28
N HIS A 241 -7.18 3.52 55.02
CA HIS A 241 -6.57 4.39 55.99
C HIS A 241 -7.42 4.56 57.23
N GLY A 242 -8.71 4.67 57.07
CA GLY A 242 -9.58 4.73 58.22
C GLY A 242 -9.56 3.47 59.08
N LEU A 243 -9.34 2.28 58.50
CA LEU A 243 -9.38 1.06 59.29
C LEU A 243 -8.03 0.44 59.53
N PHE A 244 -6.97 1.04 59.03
CA PHE A 244 -5.71 0.34 58.96
C PHE A 244 -5.16 0.02 60.34
N GLY A 245 -5.19 1.01 61.23
CA GLY A 245 -4.40 1.01 62.43
C GLY A 245 -5.22 0.97 63.71
N HIS A 246 -5.54 -0.22 64.18
CA HIS A 246 -6.07 -0.41 65.51
C HIS A 246 -4.97 -0.48 66.54
N SER A 247 -5.10 0.32 67.62
CA SER A 247 -4.18 0.27 68.76
C SER A 247 -4.46 -0.99 69.59
N VAL A 248 -3.54 -1.94 69.56
CA VAL A 248 -3.80 -3.28 70.14
C VAL A 248 -3.73 -3.24 71.66
N THR A 249 -4.63 -3.98 72.30
CA THR A 249 -4.74 -4.13 73.74
C THR A 249 -4.38 -5.55 74.19
N TRP A 250 -4.10 -5.67 75.49
CA TRP A 250 -3.87 -6.97 76.10
C TRP A 250 -5.05 -7.89 75.85
N GLU A 251 -6.28 -7.36 76.02
CA GLU A 251 -7.46 -8.16 75.75
C GLU A 251 -7.51 -8.57 74.29
N ASP A 252 -7.08 -7.70 73.37
CA ASP A 252 -7.04 -8.12 71.96
C ASP A 252 -6.15 -9.35 71.80
N ILE A 253 -5.00 -9.37 72.47
CA ILE A 253 -4.10 -10.49 72.24
C ILE A 253 -4.74 -11.76 72.73
N ASP A 254 -5.49 -11.68 73.85
CA ASP A 254 -6.16 -12.89 74.33
C ASP A 254 -7.22 -13.35 73.33
N TRP A 255 -7.96 -12.40 72.76
CA TRP A 255 -8.88 -12.75 71.69
C TRP A 255 -8.17 -13.40 70.50
N VAL A 256 -7.12 -12.79 69.99
CA VAL A 256 -6.51 -13.39 68.82
C VAL A 256 -6.12 -14.82 69.11
N ARG A 257 -5.51 -15.05 70.27
CA ARG A 257 -4.98 -16.38 70.58
C ARG A 257 -6.09 -17.41 70.57
N SER A 258 -7.26 -17.04 71.09
CA SER A 258 -8.38 -17.97 71.16
C SER A 258 -9.01 -18.26 69.80
N ILE A 259 -8.70 -17.53 68.72
CA ILE A 259 -9.32 -17.85 67.45
C ILE A 259 -8.35 -18.47 66.43
N THR A 260 -7.14 -18.86 66.85
CA THR A 260 -6.27 -19.48 65.88
C THR A 260 -5.35 -20.39 66.64
N LYS A 261 -4.87 -21.40 65.95
CA LYS A 261 -3.92 -22.34 66.46
C LYS A 261 -2.53 -21.93 66.13
N MET A 262 -2.34 -20.89 65.33
CA MET A 262 -0.97 -20.46 65.03
C MET A 262 -0.39 -19.90 66.31
N PRO A 263 0.91 -20.11 66.54
CA PRO A 263 1.56 -19.37 67.62
C PRO A 263 1.50 -17.86 67.42
N VAL A 264 1.34 -17.13 68.52
CA VAL A 264 1.29 -15.68 68.47
C VAL A 264 2.59 -15.09 69.03
N ILE A 265 3.14 -14.14 68.29
CA ILE A 265 4.44 -13.55 68.48
C ILE A 265 4.24 -12.03 68.45
N LEU A 266 4.66 -11.34 69.47
CA LEU A 266 4.43 -9.91 69.55
C LEU A 266 5.69 -9.10 69.23
N LYS A 267 5.59 -8.22 68.22
CA LYS A 267 6.73 -7.46 67.70
C LYS A 267 6.60 -6.01 68.10
N GLY A 268 7.72 -5.43 68.61
CA GLY A 268 7.74 -4.11 69.22
C GLY A 268 8.02 -4.09 70.71
N ILE A 269 8.11 -5.26 71.37
CA ILE A 269 8.32 -5.30 72.80
C ILE A 269 9.75 -4.85 73.14
N GLN A 270 9.85 -3.93 74.08
CA GLN A 270 11.16 -3.43 74.45
C GLN A 270 11.31 -3.53 75.95
N HIS A 271 10.23 -3.47 76.64
CA HIS A 271 10.22 -3.35 78.09
C HIS A 271 10.06 -4.72 78.72
N PRO A 272 10.90 -5.13 79.69
CA PRO A 272 10.81 -6.51 80.19
C PRO A 272 9.51 -6.83 80.90
N ASP A 273 8.86 -5.89 81.56
CA ASP A 273 7.56 -6.19 82.15
CA ASP A 273 7.57 -6.20 82.18
C ASP A 273 6.48 -6.37 81.10
N ASP A 274 6.56 -5.66 79.98
CA ASP A 274 5.67 -6.00 78.90
C ASP A 274 5.96 -7.42 78.44
N ALA A 275 7.22 -7.80 78.33
CA ALA A 275 7.53 -9.18 77.95
C ALA A 275 7.06 -10.14 79.02
N ARG A 276 7.20 -9.75 80.29
CA ARG A 276 6.74 -10.61 81.38
C ARG A 276 5.24 -10.85 81.27
N ARG A 277 4.45 -9.80 81.14
CA ARG A 277 3.02 -10.01 81.12
C ARG A 277 2.59 -10.85 79.89
N ALA A 278 3.20 -10.63 78.75
CA ALA A 278 2.86 -11.38 77.54
C ALA A 278 3.06 -12.85 77.77
N VAL A 279 4.25 -13.21 78.21
CA VAL A 279 4.63 -14.58 78.38
C VAL A 279 3.77 -15.20 79.47
N ASP A 280 3.49 -14.47 80.52
CA ASP A 280 2.67 -15.04 81.57
C ASP A 280 1.25 -15.18 81.10
N SER A 281 0.89 -14.56 79.99
CA SER A 281 -0.45 -14.69 79.47
C SER A 281 -0.52 -15.77 78.41
N GLY A 282 0.58 -16.46 78.11
CA GLY A 282 0.56 -17.56 77.18
C GLY A 282 0.97 -17.20 75.76
N VAL A 283 1.33 -15.96 75.50
CA VAL A 283 1.87 -15.63 74.18
C VAL A 283 3.06 -16.51 73.89
N ASP A 284 3.22 -16.86 72.62
CA ASP A 284 4.15 -17.88 72.20
C ASP A 284 5.52 -17.37 71.84
N GLY A 285 5.62 -16.11 71.41
CA GLY A 285 6.91 -15.54 71.03
C GLY A 285 6.96 -14.06 71.30
N ILE A 286 8.17 -13.60 71.64
CA ILE A 286 8.46 -12.21 71.92
C ILE A 286 9.43 -11.75 70.85
N TYR A 287 9.11 -10.68 70.18
CA TYR A 287 9.90 -10.21 69.05
C TYR A 287 10.29 -8.79 69.48
N CYS A 288 11.51 -8.72 70.02
CA CYS A 288 12.13 -7.48 70.45
C CYS A 288 12.49 -6.66 69.21
N SER A 289 11.86 -5.51 69.07
CA SER A 289 12.05 -4.65 67.93
C SER A 289 11.65 -3.25 68.32
N ASN A 290 12.25 -2.26 67.65
CA ASN A 290 11.69 -0.92 67.72
C ASN A 290 11.40 -0.44 66.32
N HIS A 291 11.18 -1.39 65.41
CA HIS A 291 10.73 -1.03 64.05
C HIS A 291 11.74 -0.21 63.27
N GLY A 292 13.02 -0.52 63.51
CA GLY A 292 14.12 0.18 62.80
C GLY A 292 14.28 1.65 63.19
N GLY A 293 13.64 2.08 64.27
CA GLY A 293 13.52 3.49 64.53
C GLY A 293 12.72 4.25 63.50
N ARG A 294 11.92 3.53 62.71
CA ARG A 294 11.20 4.20 61.63
C ARG A 294 9.95 4.86 62.16
N GLN A 295 9.55 4.51 63.38
CA GLN A 295 8.22 4.89 63.81
C GLN A 295 8.17 5.81 65.01
N ALA A 296 9.18 5.85 65.85
CA ALA A 296 9.26 6.75 66.98
C ALA A 296 10.72 7.03 67.20
N ASN A 297 11.06 8.29 67.44
CA ASN A 297 12.49 8.56 67.64
C ASN A 297 12.87 8.77 69.10
N GLY A 298 12.44 7.86 69.98
CA GLY A 298 12.68 8.04 71.42
C GLY A 298 14.12 7.85 71.86
N GLY A 299 14.95 7.21 71.06
CA GLY A 299 16.38 7.14 71.37
C GLY A 299 16.94 5.84 71.93
N LEU A 300 16.11 4.82 72.17
CA LEU A 300 16.58 3.66 72.91
C LEU A 300 16.94 2.60 71.90
N PRO A 301 18.19 2.21 71.78
CA PRO A 301 18.50 1.20 70.76
C PRO A 301 17.78 -0.07 71.15
N ALA A 302 17.25 -0.74 70.15
CA ALA A 302 16.65 -2.02 70.38
C ALA A 302 17.58 -2.93 71.12
N LEU A 303 18.86 -2.96 70.73
CA LEU A 303 19.75 -3.98 71.29
C LEU A 303 19.98 -3.76 72.78
N ASP A 304 19.88 -2.51 73.25
CA ASP A 304 19.97 -2.21 74.67
C ASP A 304 18.88 -2.89 75.50
N CYS A 305 17.74 -3.20 74.87
CA CYS A 305 16.62 -3.76 75.58
C CYS A 305 16.58 -5.29 75.54
N LEU A 306 17.36 -5.94 74.66
CA LEU A 306 17.23 -7.36 74.39
C LEU A 306 17.65 -8.24 75.58
N PRO A 307 18.75 -7.97 76.24
CA PRO A 307 19.08 -8.75 77.44
C PRO A 307 18.00 -8.82 78.50
N GLU A 308 17.42 -7.69 78.92
CA GLU A 308 16.36 -7.77 79.96
C GLU A 308 15.10 -8.37 79.36
N VAL A 309 14.85 -8.21 78.05
CA VAL A 309 13.71 -8.89 77.47
C VAL A 309 13.93 -10.39 77.48
N VAL A 310 15.16 -10.86 77.21
CA VAL A 310 15.45 -12.30 77.25
C VAL A 310 15.20 -12.87 78.65
N LYS A 311 15.71 -12.22 79.69
CA LYS A 311 15.56 -12.71 81.05
C LYS A 311 14.10 -12.83 81.44
N ALA A 312 13.29 -11.82 81.09
CA ALA A 312 11.90 -11.79 81.49
C ALA A 312 11.11 -12.78 80.67
N SER A 313 11.67 -13.17 79.54
CA SER A 313 10.94 -14.01 78.62
C SER A 313 11.11 -15.47 78.99
N GLY A 314 12.21 -15.80 79.65
CA GLY A 314 12.41 -17.16 80.13
C GLY A 314 12.64 -18.09 78.99
N ASP A 315 11.98 -19.23 79.01
CA ASP A 315 12.18 -20.14 77.88
C ASP A 315 11.26 -19.81 76.70
N THR A 316 10.42 -18.80 76.79
CA THR A 316 9.69 -18.33 75.63
C THR A 316 10.67 -17.75 74.60
N PRO A 317 10.64 -18.21 73.34
CA PRO A 317 11.54 -17.65 72.32
C PRO A 317 11.38 -16.15 72.09
N VAL A 318 12.54 -15.51 71.94
CA VAL A 318 12.66 -14.08 71.63
C VAL A 318 13.30 -13.90 70.24
N LEU A 319 12.59 -13.18 69.35
CA LEU A 319 13.07 -12.73 68.09
C LEU A 319 13.62 -11.35 68.27
N PHE A 320 14.64 -10.99 67.46
CA PHE A 320 15.25 -9.67 67.51
C PHE A 320 15.46 -9.09 66.13
N ASP A 321 15.17 -7.80 66.00
CA ASP A 321 15.51 -7.04 64.81
C ASP A 321 15.68 -5.61 65.27
N SER A 322 16.20 -4.80 64.33
CA SER A 322 16.38 -3.36 64.41
C SER A 322 17.85 -3.12 64.60
N GLY A 323 18.56 -2.93 63.46
CA GLY A 323 19.94 -2.55 63.45
C GLY A 323 20.92 -3.57 62.94
N ILE A 324 20.46 -4.78 62.60
CA ILE A 324 21.34 -5.81 62.04
C ILE A 324 21.84 -5.37 60.66
N ARG A 325 23.15 -5.25 60.50
CA ARG A 325 23.71 -4.95 59.19
C ARG A 325 24.68 -6.00 58.67
N THR A 326 25.22 -6.85 59.50
CA THR A 326 26.24 -7.77 59.07
C THR A 326 26.06 -9.08 59.85
N GLY A 327 26.80 -10.11 59.43
CA GLY A 327 26.83 -11.38 60.18
C GLY A 327 27.36 -11.23 61.60
N ALA A 328 28.37 -10.40 61.81
CA ALA A 328 28.79 -10.03 63.17
C ALA A 328 27.60 -9.60 64.03
N ASP A 329 26.74 -8.75 63.49
CA ASP A 329 25.62 -8.28 64.31
C ASP A 329 24.77 -9.46 64.70
N VAL A 330 24.58 -10.38 63.76
CA VAL A 330 23.67 -11.51 63.93
C VAL A 330 24.13 -12.38 65.08
N VAL A 331 25.46 -12.68 65.13
CA VAL A 331 26.08 -13.50 66.18
C VAL A 331 25.92 -12.85 67.55
N LYS A 332 26.05 -11.51 67.61
CA LYS A 332 26.01 -10.80 68.87
C LYS A 332 24.61 -10.81 69.45
N ALA A 333 23.58 -10.63 68.62
CA ALA A 333 22.20 -10.70 69.08
C ALA A 333 21.81 -12.11 69.50
N LEU A 334 22.27 -13.12 68.75
CA LEU A 334 22.08 -14.51 69.15
C LEU A 334 22.73 -14.79 70.49
N ALA A 335 23.92 -14.22 70.71
CA ALA A 335 24.68 -14.46 71.95
C ALA A 335 23.96 -13.82 73.11
N MET A 336 23.35 -12.65 72.88
CA MET A 336 22.56 -12.04 73.92
C MET A 336 21.29 -12.80 74.24
N GLY A 337 20.92 -13.80 73.46
CA GLY A 337 19.77 -14.60 73.83
C GLY A 337 18.63 -14.58 72.87
N ALA A 338 18.67 -13.81 71.78
CA ALA A 338 17.67 -13.99 70.75
C ALA A 338 17.78 -15.37 70.13
N SER A 339 16.61 -15.97 69.86
CA SER A 339 16.58 -17.26 69.21
C SER A 339 16.78 -17.14 67.70
N ALA A 340 16.29 -16.05 67.10
CA ALA A 340 16.46 -15.81 65.68
C ALA A 340 16.46 -14.31 65.50
N VAL A 341 17.02 -13.90 64.40
CA VAL A 341 17.43 -12.53 64.19
C VAL A 341 16.82 -12.10 62.88
N GLY A 342 16.13 -10.95 62.91
CA GLY A 342 15.43 -10.46 61.74
C GLY A 342 16.32 -9.49 60.99
N ILE A 343 16.17 -9.53 59.67
CA ILE A 343 16.93 -8.72 58.73
C ILE A 343 15.94 -7.81 57.99
N GLY A 344 16.18 -6.54 58.01
CA GLY A 344 15.31 -5.57 57.37
C GLY A 344 15.96 -4.91 56.17
N ARG A 345 16.38 -3.66 56.45
CA ARG A 345 17.01 -2.81 55.45
C ARG A 345 17.99 -3.51 54.55
N PRO A 346 18.86 -4.38 55.00
CA PRO A 346 19.81 -4.99 54.05
C PRO A 346 19.16 -5.74 52.90
N TYR A 347 18.09 -6.48 53.15
CA TYR A 347 17.50 -7.25 52.03
C TYR A 347 16.63 -6.39 51.13
N ALA A 348 16.14 -5.24 51.62
CA ALA A 348 15.54 -4.28 50.70
C ALA A 348 16.55 -3.75 49.67
N TRP A 349 17.79 -3.48 50.10
CA TRP A 349 18.82 -3.17 49.14
C TRP A 349 19.11 -4.35 48.21
N GLY A 350 19.18 -5.55 48.78
CA GLY A 350 19.32 -6.73 47.94
C GLY A 350 18.33 -6.71 46.80
N ALA A 351 17.04 -6.44 47.11
CA ALA A 351 15.97 -6.42 46.12
C ALA A 351 16.21 -5.35 45.07
N ALA A 352 16.75 -4.20 45.47
CA ALA A 352 16.88 -3.07 44.53
C ALA A 352 17.94 -3.34 43.47
N LEU A 353 18.94 -4.18 43.78
CA LEU A 353 20.06 -4.43 42.89
C LEU A 353 19.96 -5.75 42.18
N GLY A 354 19.18 -6.66 42.67
CA GLY A 354 19.17 -7.97 42.07
C GLY A 354 17.92 -8.79 42.25
N GLY A 355 16.83 -8.21 42.77
CA GLY A 355 15.60 -8.97 42.83
C GLY A 355 15.77 -10.15 43.79
N SER A 356 15.16 -11.26 43.42
CA SER A 356 15.21 -12.44 44.25
C SER A 356 16.62 -12.93 44.48
N LYS A 357 17.46 -12.89 43.44
CA LYS A 357 18.84 -13.27 43.64
C LYS A 357 19.61 -12.29 44.50
N GLY A 358 19.36 -10.99 44.35
CA GLY A 358 20.02 -10.06 45.25
C GLY A 358 19.63 -10.31 46.70
N ILE A 359 18.35 -10.54 46.97
CA ILE A 359 17.88 -10.86 48.32
C ILE A 359 18.56 -12.13 48.84
N GLU A 360 18.72 -13.09 47.97
CA GLU A 360 19.33 -14.34 48.37
C GLU A 360 20.78 -14.09 48.70
N HIS A 361 21.42 -13.18 47.95
CA HIS A 361 22.83 -12.91 48.19
C HIS A 361 23.04 -12.22 49.54
N VAL A 362 22.15 -11.30 49.89
CA VAL A 362 22.27 -10.68 51.21
C VAL A 362 22.12 -11.74 52.30
N ALA A 363 21.11 -12.59 52.19
CA ALA A 363 20.87 -13.55 53.24
C ALA A 363 22.07 -14.48 53.39
N ARG A 364 22.61 -14.92 52.26
CA ARG A 364 23.69 -15.89 52.33
C ARG A 364 24.97 -15.24 52.77
N SER A 365 25.18 -13.97 52.41
CA SER A 365 26.35 -13.25 52.88
C SER A 365 26.30 -13.09 54.40
N LEU A 366 25.16 -12.64 54.91
CA LEU A 366 25.01 -12.47 56.37
C LEU A 366 25.28 -13.77 57.11
N LEU A 367 24.68 -14.87 56.64
CA LEU A 367 24.89 -16.18 57.31
C LEU A 367 26.29 -16.73 57.11
N ALA A 368 26.90 -16.53 55.93
CA ALA A 368 28.27 -16.99 55.79
C ALA A 368 29.19 -16.32 56.81
N GLU A 369 29.04 -15.01 56.96
CA GLU A 369 29.89 -14.28 57.89
C GLU A 369 29.67 -14.75 59.34
N ALA A 370 28.41 -14.84 59.76
CA ALA A 370 28.09 -15.33 61.09
C ALA A 370 28.71 -16.71 61.33
N ASP A 371 28.58 -17.60 60.36
CA ASP A 371 29.06 -18.96 60.53
C ASP A 371 30.58 -18.99 60.55
N LEU A 372 31.25 -18.19 59.71
CA LEU A 372 32.70 -18.11 59.72
C LEU A 372 33.19 -17.44 61.03
N ILE A 373 32.43 -16.48 61.58
CA ILE A 373 32.84 -15.89 62.86
C ILE A 373 32.78 -16.94 63.97
N MET A 374 31.67 -17.70 64.01
CA MET A 374 31.56 -18.79 64.97
C MET A 374 32.68 -19.82 64.80
N ALA A 375 33.10 -20.10 63.56
CA ALA A 375 34.15 -21.11 63.38
C ALA A 375 35.50 -20.61 63.90
N VAL A 376 35.95 -19.45 63.39
CA VAL A 376 37.24 -18.87 63.77
C VAL A 376 37.30 -18.64 65.28
N ASP A 377 36.24 -18.12 65.84
CA ASP A 377 36.22 -17.74 67.26
C ASP A 377 35.74 -18.86 68.17
N GLY A 378 35.44 -20.05 67.64
CA GLY A 378 35.31 -21.23 68.43
C GLY A 378 33.99 -21.50 69.07
N TYR A 379 32.88 -21.07 68.46
CA TYR A 379 31.51 -21.41 68.88
C TYR A 379 30.87 -22.35 67.83
N ARG A 380 30.62 -23.58 68.23
CA ARG A 380 30.23 -24.65 67.33
C ARG A 380 28.74 -24.69 67.10
N ASN A 381 27.94 -24.06 67.96
CA ASN A 381 26.49 -24.09 67.76
C ASN A 381 25.89 -23.01 68.62
N LEU A 382 24.59 -22.79 68.42
CA LEU A 382 23.97 -21.62 69.04
C LEU A 382 23.81 -21.81 70.54
N LYS A 383 23.67 -23.06 71.02
CA LYS A 383 23.58 -23.34 72.46
C LYS A 383 24.85 -22.91 73.17
N GLU A 384 26.02 -23.05 72.51
CA GLU A 384 27.31 -22.60 73.05
C GLU A 384 27.55 -21.09 72.99
N LEU A 385 26.79 -20.37 72.15
CA LEU A 385 26.83 -18.91 72.07
C LEU A 385 25.97 -18.30 73.19
N THR A 386 26.59 -18.03 74.34
CA THR A 386 25.90 -17.48 75.48
C THR A 386 26.37 -16.07 75.74
N ILE A 387 25.58 -15.36 76.57
CA ILE A 387 25.75 -13.95 76.73
C ILE A 387 27.07 -13.66 77.39
N ASP A 388 27.60 -14.62 78.17
CA ASP A 388 28.90 -14.43 78.75
C ASP A 388 30.02 -14.54 77.73
N ALA A 389 29.73 -14.96 76.49
CA ALA A 389 30.71 -14.90 75.42
C ALA A 389 30.99 -13.49 74.96
N LEU A 390 30.11 -12.54 75.31
CA LEU A 390 30.29 -11.16 74.83
C LEU A 390 30.92 -10.28 75.89
N ARG A 391 31.51 -9.17 75.43
CA ARG A 391 32.24 -8.29 76.31
C ARG A 391 31.82 -6.92 75.85
N PRO A 392 31.55 -6.03 76.77
CA PRO A 392 31.28 -4.65 76.37
C PRO A 392 32.59 -3.95 75.94
N THR A 393 32.43 -3.08 74.97
CA THR A 393 33.58 -2.47 74.34
C THR A 393 33.29 -0.97 74.20
N ARG A 394 34.31 -0.19 74.40
CA ARG A 394 34.28 1.25 74.27
C ARG A 394 33.90 1.65 72.89
N MET B 1 -17.77 -16.79 26.21
CA MET B 1 -18.92 -15.85 26.47
C MET B 1 -19.04 -15.69 27.98
N SER B 2 -19.07 -14.45 28.49
CA SER B 2 -19.30 -14.32 29.92
C SER B 2 -20.79 -14.53 30.25
N ASN B 3 -21.70 -14.06 29.39
CA ASN B 3 -23.11 -14.44 29.49
C ASN B 3 -23.75 -14.52 28.09
N TRP B 4 -24.74 -15.41 27.96
CA TRP B 4 -25.36 -15.69 26.68
C TRP B 4 -26.06 -14.48 26.13
N GLY B 5 -26.64 -13.67 27.00
CA GLY B 5 -27.25 -12.43 26.63
C GLY B 5 -26.37 -11.52 25.81
N ASP B 6 -25.04 -11.65 25.91
CA ASP B 6 -24.14 -10.77 25.18
C ASP B 6 -24.33 -10.88 23.66
N TYR B 7 -24.96 -11.94 23.17
CA TYR B 7 -25.10 -12.15 21.73
C TYR B 7 -25.85 -11.00 21.10
N GLU B 8 -26.80 -10.44 21.80
CA GLU B 8 -27.54 -9.36 21.15
C GLU B 8 -26.66 -8.14 20.98
N ASN B 9 -25.69 -7.87 21.89
CA ASN B 9 -24.67 -6.84 21.67
C ASN B 9 -24.08 -6.98 20.27
N GLU B 10 -23.83 -8.22 19.88
CA GLU B 10 -22.99 -8.47 18.73
C GLU B 10 -23.70 -8.17 17.44
N ILE B 11 -25.06 -8.08 17.44
CA ILE B 11 -25.82 -7.51 16.32
C ILE B 11 -26.19 -6.01 16.45
N TYR B 12 -26.02 -5.39 17.61
CA TYR B 12 -26.22 -3.96 17.64
C TYR B 12 -24.92 -3.18 17.35
N GLY B 13 -23.81 -3.64 17.88
CA GLY B 13 -22.56 -3.00 17.66
C GLY B 13 -21.90 -3.70 16.48
N GLN B 14 -22.06 -3.05 15.34
CA GLN B 14 -22.12 -3.64 14.01
C GLN B 14 -23.25 -2.84 13.34
N GLY B 15 -24.45 -2.92 13.95
CA GLY B 15 -25.60 -2.12 13.57
C GLY B 15 -25.48 -0.63 13.85
N LEU B 16 -24.63 -0.24 14.83
CA LEU B 16 -24.14 1.13 14.93
C LEU B 16 -23.15 1.49 13.81
N VAL B 17 -22.62 0.49 13.11
CA VAL B 17 -21.64 0.76 12.06
C VAL B 17 -22.11 0.30 10.69
N GLY B 18 -23.21 -0.40 10.60
CA GLY B 18 -23.79 -0.73 9.32
C GLY B 18 -25.26 -1.03 9.53
N VAL B 19 -25.81 -1.85 8.62
CA VAL B 19 -27.27 -1.97 8.56
C VAL B 19 -27.66 -3.45 8.42
N ALA B 20 -27.91 -3.97 7.21
CA ALA B 20 -28.61 -5.27 7.11
C ALA B 20 -28.21 -6.29 8.19
N PRO B 21 -29.01 -6.44 9.29
CA PRO B 21 -28.63 -7.41 10.32
C PRO B 21 -28.68 -8.84 9.85
N THR B 22 -28.25 -9.72 10.75
CA THR B 22 -27.84 -11.09 10.43
C THR B 22 -29.08 -11.96 10.47
N LEU B 23 -29.75 -12.03 9.36
CA LEU B 23 -30.76 -13.06 9.24
C LEU B 23 -31.86 -12.70 10.23
N PRO B 24 -32.98 -13.35 10.09
CA PRO B 24 -34.11 -13.03 10.94
C PRO B 24 -33.77 -13.20 12.41
N MET B 25 -34.46 -12.41 13.21
CA MET B 25 -34.23 -12.45 14.63
C MET B 25 -35.22 -13.33 15.40
N SER B 26 -36.39 -13.64 14.86
CA SER B 26 -37.42 -14.39 15.57
C SER B 26 -37.73 -15.72 14.89
N TYR B 27 -38.40 -16.63 15.66
CA TYR B 27 -38.92 -17.87 15.09
C TYR B 27 -39.85 -17.63 13.92
N ALA B 28 -40.83 -16.72 14.05
CA ALA B 28 -41.68 -16.41 12.90
C ALA B 28 -40.83 -16.06 11.69
N ASP B 29 -39.72 -15.38 11.91
CA ASP B 29 -38.94 -14.99 10.77
C ASP B 29 -38.05 -16.14 10.26
N TRP B 30 -37.50 -16.98 11.17
CA TRP B 30 -36.66 -18.08 10.70
C TRP B 30 -37.49 -19.05 9.88
N GLU B 31 -38.76 -19.19 10.27
CA GLU B 31 -39.75 -19.99 9.60
C GLU B 31 -40.14 -19.38 8.26
N ALA B 32 -40.81 -18.24 8.31
CA ALA B 32 -41.25 -17.51 7.12
C ALA B 32 -40.25 -17.70 6.01
N HIS B 33 -39.04 -17.44 6.34
CA HIS B 33 -37.99 -17.37 5.34
C HIS B 33 -37.39 -18.73 5.04
N ALA B 34 -37.51 -19.70 5.98
CA ALA B 34 -37.25 -21.08 5.61
C ALA B 34 -38.42 -21.65 4.80
N GLN B 35 -39.65 -21.25 5.14
CA GLN B 35 -40.79 -21.70 4.36
C GLN B 35 -40.77 -21.14 2.94
N GLN B 36 -39.75 -20.37 2.56
CA GLN B 36 -39.62 -19.93 1.19
C GLN B 36 -38.20 -20.14 0.64
N ALA B 37 -37.35 -20.86 1.36
CA ALA B 37 -36.06 -21.32 0.85
C ALA B 37 -36.06 -22.83 0.59
N LEU B 38 -36.95 -23.56 1.23
CA LEU B 38 -37.03 -25.02 1.07
C LEU B 38 -38.04 -25.43 -0.01
N PRO B 39 -37.74 -26.48 -0.74
CA PRO B 39 -38.70 -26.99 -1.67
C PRO B 39 -39.97 -27.41 -0.95
N PRO B 40 -41.10 -27.44 -1.68
CA PRO B 40 -42.36 -27.80 -1.07
C PRO B 40 -42.33 -29.10 -0.29
N GLY B 41 -41.67 -30.12 -0.80
CA GLY B 41 -41.73 -31.45 -0.18
C GLY B 41 -40.97 -31.50 1.11
N VAL B 42 -39.83 -30.83 1.19
CA VAL B 42 -39.10 -30.81 2.44
C VAL B 42 -39.80 -29.88 3.42
N LEU B 43 -40.31 -28.75 2.93
CA LEU B 43 -41.04 -27.83 3.82
C LEU B 43 -42.20 -28.54 4.48
N SER B 44 -43.06 -29.19 3.67
CA SER B 44 -44.20 -29.89 4.23
C SER B 44 -43.76 -30.97 5.23
N TYR B 45 -42.67 -31.67 4.95
CA TYR B 45 -42.22 -32.73 5.84
C TYR B 45 -41.76 -32.15 7.17
N VAL B 46 -41.03 -31.04 7.15
CA VAL B 46 -40.48 -30.50 8.38
C VAL B 46 -41.55 -29.75 9.18
N ALA B 47 -42.43 -29.05 8.47
CA ALA B 47 -43.47 -28.25 9.12
C ALA B 47 -44.63 -29.13 9.62
N GLY B 48 -44.94 -30.17 8.90
CA GLY B 48 -46.14 -30.91 9.18
C GLY B 48 -46.14 -31.66 10.49
N GLY B 49 -47.38 -31.89 10.95
CA GLY B 49 -47.62 -32.62 12.16
C GLY B 49 -48.66 -33.67 11.84
N SER B 50 -48.95 -34.53 12.84
CA SER B 50 -49.92 -35.61 12.65
C SER B 50 -51.35 -35.07 12.62
N GLY B 51 -52.19 -35.65 11.75
CA GLY B 51 -53.60 -35.33 11.73
C GLY B 51 -53.84 -33.87 11.38
N ASP B 52 -54.75 -33.23 12.13
CA ASP B 52 -55.03 -31.80 11.90
C ASP B 52 -54.05 -30.90 12.63
N GLU B 53 -53.00 -31.47 13.21
CA GLU B 53 -51.88 -30.74 13.82
C GLU B 53 -52.26 -30.03 15.10
N HIS B 54 -53.47 -30.28 15.64
CA HIS B 54 -53.84 -29.72 16.93
C HIS B 54 -52.80 -29.99 18.00
N THR B 55 -52.28 -31.22 18.07
CA THR B 55 -51.32 -31.54 19.13
C THR B 55 -50.08 -30.69 18.97
N GLN B 56 -49.59 -30.59 17.74
CA GLN B 56 -48.41 -29.80 17.43
C GLN B 56 -48.61 -28.36 17.79
N ARG B 57 -49.77 -27.80 17.45
CA ARG B 57 -50.09 -26.42 17.86
C ARG B 57 -50.25 -26.32 19.38
N ALA B 58 -50.79 -27.35 20.00
CA ALA B 58 -51.05 -27.31 21.42
C ALA B 58 -49.76 -27.39 22.21
N ASN B 59 -48.76 -28.12 21.72
CA ASN B 59 -47.46 -28.08 22.35
C ASN B 59 -46.98 -26.66 22.50
N VAL B 60 -47.12 -25.87 21.43
CA VAL B 60 -46.65 -24.49 21.42
C VAL B 60 -47.53 -23.61 22.31
N GLU B 61 -48.84 -23.74 22.18
CA GLU B 61 -49.74 -22.85 22.91
C GLU B 61 -49.53 -22.97 24.41
N ALA B 62 -49.06 -24.14 24.89
CA ALA B 62 -48.96 -24.39 26.32
C ALA B 62 -48.06 -23.34 26.97
N PHE B 63 -47.01 -22.93 26.28
CA PHE B 63 -46.05 -21.96 26.82
C PHE B 63 -46.64 -20.59 27.09
N LYS B 64 -47.79 -20.24 26.50
CA LYS B 64 -48.40 -18.95 26.70
C LYS B 64 -49.23 -18.87 27.96
N HIS B 65 -49.32 -19.93 28.75
CA HIS B 65 -50.18 -19.97 29.93
C HIS B 65 -49.38 -20.31 31.18
N TRP B 66 -48.08 -20.07 31.09
CA TRP B 66 -47.21 -19.97 32.24
C TRP B 66 -46.53 -18.62 32.17
N GLY B 67 -46.44 -17.98 33.32
CA GLY B 67 -45.68 -16.75 33.45
C GLY B 67 -44.63 -16.89 34.51
N LEU B 68 -43.47 -16.30 34.25
CA LEU B 68 -42.37 -16.26 35.22
C LEU B 68 -42.53 -15.04 36.12
N MET B 69 -42.40 -15.23 37.45
CA MET B 69 -42.61 -14.13 38.40
C MET B 69 -41.32 -13.36 38.54
N PRO B 70 -41.30 -12.07 38.22
CA PRO B 70 -40.04 -11.32 38.24
C PRO B 70 -39.64 -10.95 39.66
N ARG B 71 -38.34 -11.16 39.97
CA ARG B 71 -37.79 -10.77 41.25
C ARG B 71 -36.84 -9.61 41.07
N MET B 72 -37.12 -8.51 41.77
CA MET B 72 -36.27 -7.35 41.66
C MET B 72 -35.22 -7.36 42.76
N LEU B 73 -34.24 -6.47 42.60
CA LEU B 73 -33.13 -6.26 43.50
C LEU B 73 -32.29 -7.52 43.71
N MET B 74 -32.25 -8.40 42.73
CA MET B 74 -31.45 -9.58 42.90
C MET B 74 -30.04 -9.46 42.34
N ALA B 75 -29.75 -8.48 41.44
CA ALA B 75 -28.43 -8.28 40.82
C ALA B 75 -27.81 -9.58 40.32
N ALA B 76 -28.57 -10.33 39.55
CA ALA B 76 -28.05 -11.51 38.88
C ALA B 76 -27.24 -11.03 37.67
N THR B 77 -26.15 -10.34 37.96
CA THR B 77 -25.38 -9.77 36.87
C THR B 77 -24.46 -10.80 36.20
N GLU B 78 -24.21 -11.91 36.86
CA GLU B 78 -23.48 -13.01 36.27
C GLU B 78 -24.34 -14.25 36.45
N ARG B 79 -24.72 -14.84 35.35
CA ARG B 79 -25.58 -15.98 35.33
C ARG B 79 -24.79 -17.23 35.05
N ASP B 80 -25.30 -18.36 35.56
CA ASP B 80 -24.63 -19.62 35.31
C ASP B 80 -25.75 -20.54 34.86
N LEU B 81 -25.77 -20.79 33.56
CA LEU B 81 -26.81 -21.58 32.94
C LEU B 81 -26.30 -22.95 32.56
N SER B 82 -25.12 -23.36 33.04
CA SER B 82 -24.58 -24.68 32.77
C SER B 82 -25.31 -25.72 33.60
N VAL B 83 -25.16 -26.99 33.21
CA VAL B 83 -25.88 -28.11 33.85
C VAL B 83 -25.02 -29.34 33.67
N GLU B 84 -24.97 -30.20 34.70
CA GLU B 84 -24.13 -31.39 34.65
C GLU B 84 -25.05 -32.58 34.38
N LEU B 85 -24.79 -33.31 33.31
CA LEU B 85 -25.61 -34.43 32.90
C LEU B 85 -24.70 -35.62 32.71
N TRP B 86 -24.95 -36.66 33.50
CA TRP B 86 -24.27 -37.95 33.34
C TRP B 86 -22.78 -37.72 33.25
N GLY B 87 -22.26 -36.94 34.17
CA GLY B 87 -20.85 -36.75 34.27
C GLY B 87 -20.28 -35.68 33.37
N LYS B 88 -21.10 -35.03 32.54
CA LYS B 88 -20.61 -34.04 31.60
C LYS B 88 -21.23 -32.68 31.90
N THR B 89 -20.40 -31.67 31.94
CA THR B 89 -20.88 -30.31 32.06
C THR B 89 -21.34 -29.82 30.69
N TRP B 90 -22.61 -29.47 30.57
CA TRP B 90 -23.10 -28.76 29.40
C TRP B 90 -22.98 -27.26 29.63
N ALA B 91 -22.38 -26.57 28.68
CA ALA B 91 -22.25 -25.14 28.80
C ALA B 91 -23.60 -24.49 28.72
N ALA B 92 -24.61 -25.18 28.16
CA ALA B 92 -25.95 -24.60 28.09
C ALA B 92 -26.98 -25.66 28.41
N PRO B 93 -28.13 -25.27 28.95
CA PRO B 93 -29.20 -26.24 29.27
C PRO B 93 -30.11 -26.49 28.07
N MET B 94 -29.51 -26.78 26.93
CA MET B 94 -30.21 -26.76 25.66
C MET B 94 -29.47 -27.69 24.73
N PHE B 95 -30.24 -28.40 23.91
CA PHE B 95 -29.62 -29.29 22.94
C PHE B 95 -30.42 -29.23 21.67
N PHE B 96 -29.76 -29.66 20.58
CA PHE B 96 -30.42 -29.90 19.31
C PHE B 96 -31.12 -31.26 19.37
N ALA B 97 -32.44 -31.25 19.34
CA ALA B 97 -33.17 -32.50 19.26
C ALA B 97 -32.83 -33.22 17.96
N PRO B 98 -32.88 -34.55 17.96
CA PRO B 98 -32.52 -35.30 16.75
C PRO B 98 -33.50 -35.01 15.64
N ILE B 99 -32.97 -34.88 14.44
CA ILE B 99 -33.75 -34.57 13.24
C ILE B 99 -33.22 -35.46 12.12
N GLY B 100 -34.04 -36.39 11.65
CA GLY B 100 -33.56 -37.37 10.68
C GLY B 100 -33.16 -36.77 9.35
N VAL B 101 -33.84 -35.72 8.91
CA VAL B 101 -33.60 -35.21 7.57
C VAL B 101 -32.90 -33.87 7.59
N ILE B 102 -32.32 -33.46 8.73
CA ILE B 102 -31.75 -32.11 8.86
C ILE B 102 -30.72 -31.89 7.77
N ALA B 103 -30.02 -32.95 7.38
CA ALA B 103 -29.07 -32.90 6.28
C ALA B 103 -29.66 -32.17 5.09
N LEU B 104 -30.89 -32.49 4.75
CA LEU B 104 -31.47 -31.92 3.56
C LEU B 104 -32.01 -30.53 3.82
N CYS B 105 -32.02 -30.09 5.09
CA CYS B 105 -32.49 -28.74 5.36
C CYS B 105 -31.50 -27.66 5.00
N ALA B 106 -30.25 -28.01 4.71
CA ALA B 106 -29.21 -27.07 4.34
C ALA B 106 -28.85 -27.20 2.86
N GLN B 107 -28.29 -26.11 2.32
CA GLN B 107 -28.13 -26.02 0.88
C GLN B 107 -27.11 -27.02 0.37
N ASP B 108 -26.05 -27.26 1.13
CA ASP B 108 -25.00 -28.18 0.72
C ASP B 108 -25.38 -29.64 0.90
N GLY B 109 -26.56 -29.94 1.44
CA GLY B 109 -26.91 -31.32 1.73
C GLY B 109 -26.21 -31.91 2.93
N HIS B 110 -25.44 -31.13 3.67
CA HIS B 110 -24.75 -31.56 4.88
C HIS B 110 -25.26 -30.78 6.09
N GLY B 111 -26.56 -30.52 6.12
CA GLY B 111 -27.15 -29.98 7.33
C GLY B 111 -26.80 -30.75 8.59
N ASP B 112 -26.51 -32.06 8.48
CA ASP B 112 -26.24 -32.78 9.72
C ASP B 112 -24.86 -32.44 10.25
N ALA B 113 -23.83 -32.45 9.39
CA ALA B 113 -22.52 -31.96 9.80
C ALA B 113 -22.55 -30.48 10.18
N ALA B 114 -23.40 -29.67 9.53
CA ALA B 114 -23.49 -28.26 9.88
C ALA B 114 -24.01 -28.08 11.31
N SER B 115 -24.95 -28.91 11.72
CA SER B 115 -25.48 -28.81 13.08
C SER B 115 -24.39 -29.16 14.10
N ALA B 116 -23.61 -30.21 13.80
CA ALA B 116 -22.57 -30.69 14.72
C ALA B 116 -21.45 -29.66 14.86
N GLN B 117 -21.11 -28.98 13.76
CA GLN B 117 -20.20 -27.85 13.83
C GLN B 117 -20.76 -26.75 14.71
N ALA B 118 -21.99 -26.35 14.42
CA ALA B 118 -22.65 -25.35 15.24
C ALA B 118 -22.56 -25.72 16.72
N SER B 119 -22.67 -27.02 17.02
CA SER B 119 -22.58 -27.52 18.38
C SER B 119 -21.16 -27.36 18.93
N ALA B 120 -20.16 -27.66 18.09
CA ALA B 120 -18.77 -27.44 18.49
C ALA B 120 -18.55 -25.99 18.91
N ARG B 121 -19.03 -25.02 18.10
CA ARG B 121 -18.69 -23.62 18.34
C ARG B 121 -19.45 -23.05 19.54
N THR B 122 -20.69 -23.50 19.77
CA THR B 122 -21.56 -22.97 20.81
C THR B 122 -21.55 -23.74 22.13
N GLY B 123 -21.30 -25.03 22.09
CA GLY B 123 -21.53 -25.88 23.25
C GLY B 123 -22.93 -26.41 23.48
N VAL B 124 -23.87 -26.12 22.60
CA VAL B 124 -25.18 -26.77 22.62
C VAL B 124 -25.01 -28.20 22.10
N PRO B 125 -25.20 -29.22 22.92
CA PRO B 125 -24.98 -30.57 22.45
C PRO B 125 -25.91 -30.90 21.30
N TYR B 126 -25.39 -31.72 20.38
CA TYR B 126 -26.15 -32.26 19.26
C TYR B 126 -26.57 -33.66 19.58
N ILE B 127 -27.82 -33.99 19.28
CA ILE B 127 -28.28 -35.37 19.29
C ILE B 127 -28.48 -35.80 17.85
N THR B 128 -27.62 -36.68 17.33
CA THR B 128 -27.77 -37.08 15.95
C THR B 128 -28.77 -38.20 15.83
N SER B 129 -29.60 -38.12 14.78
CA SER B 129 -30.44 -39.25 14.45
C SER B 129 -29.56 -40.36 13.87
N THR B 130 -30.14 -41.56 13.78
CA THR B 130 -29.54 -42.64 13.02
C THR B 130 -29.71 -42.41 11.52
N LEU B 131 -30.81 -41.73 11.13
CA LEU B 131 -30.94 -41.16 9.79
C LEU B 131 -30.01 -39.96 9.72
N ALA B 132 -29.15 -39.97 8.69
CA ALA B 132 -28.25 -38.84 8.41
C ALA B 132 -27.47 -39.11 7.13
N VAL B 133 -26.82 -38.08 6.62
CA VAL B 133 -25.99 -38.19 5.44
C VAL B 133 -24.55 -38.35 5.89
N SER B 134 -24.20 -37.70 6.98
CA SER B 134 -22.88 -37.87 7.57
C SER B 134 -22.91 -39.00 8.59
N SER B 135 -21.93 -39.89 8.49
CA SER B 135 -21.92 -41.03 9.39
C SER B 135 -21.79 -40.60 10.86
N LEU B 136 -22.10 -41.53 11.76
CA LEU B 136 -22.05 -41.19 13.18
C LEU B 136 -20.60 -41.00 13.66
N GLU B 137 -19.63 -41.63 13.02
CA GLU B 137 -18.24 -41.33 13.40
C GLU B 137 -17.91 -39.86 13.12
N ASP B 138 -18.32 -39.35 11.96
CA ASP B 138 -17.89 -38.02 11.52
C ASP B 138 -18.65 -36.93 12.24
N ILE B 139 -19.94 -37.16 12.48
CA ILE B 139 -20.72 -36.22 13.27
C ILE B 139 -20.02 -35.96 14.59
N ARG B 140 -19.49 -37.00 15.23
N ARG B 140 -19.52 -37.02 15.23
CA ARG B 140 -18.87 -36.82 16.53
CA ARG B 140 -18.84 -36.89 16.51
C ARG B 140 -17.58 -36.02 16.42
C ARG B 140 -17.61 -36.00 16.39
N LYS B 141 -16.81 -36.24 15.35
CA LYS B 141 -15.65 -35.42 15.10
C LYS B 141 -16.06 -33.98 14.90
N HIS B 142 -17.07 -33.76 14.07
CA HIS B 142 -17.55 -32.41 13.84
C HIS B 142 -18.02 -31.71 15.12
N ALA B 143 -18.38 -32.46 16.17
CA ALA B 143 -18.92 -31.84 17.38
C ALA B 143 -17.84 -31.36 18.34
N GLY B 144 -16.58 -31.68 18.07
CA GLY B 144 -15.49 -31.08 18.83
C GLY B 144 -15.51 -31.53 20.27
N ASP B 145 -15.38 -30.57 21.19
CA ASP B 145 -15.41 -30.83 22.60
C ASP B 145 -16.82 -30.87 23.16
N THR B 146 -17.82 -30.51 22.39
CA THR B 146 -19.18 -30.48 22.97
C THR B 146 -19.69 -31.88 23.18
N PRO B 147 -20.26 -32.22 24.32
CA PRO B 147 -20.94 -33.50 24.46
C PRO B 147 -21.89 -33.74 23.30
N ALA B 148 -22.08 -35.02 22.97
CA ALA B 148 -22.85 -35.44 21.80
C ALA B 148 -23.53 -36.75 22.08
N TYR B 149 -24.74 -36.90 21.56
CA TYR B 149 -25.61 -38.03 21.90
C TYR B 149 -26.07 -38.69 20.63
N PHE B 150 -26.19 -40.02 20.72
CA PHE B 150 -26.68 -40.81 19.61
C PHE B 150 -28.11 -41.27 19.86
N GLN B 151 -29.01 -40.89 18.98
CA GLN B 151 -30.39 -41.39 19.06
C GLN B 151 -30.50 -42.60 18.13
N LEU B 152 -30.82 -43.76 18.70
CA LEU B 152 -30.95 -45.02 17.98
C LEU B 152 -32.39 -45.28 17.55
N TYR B 153 -32.60 -45.50 16.25
CA TYR B 153 -33.82 -46.13 15.73
C TYR B 153 -33.58 -47.60 15.94
N TYR B 154 -34.18 -48.13 16.97
CA TYR B 154 -34.01 -49.54 17.36
C TYR B 154 -34.52 -50.43 16.24
N PRO B 155 -33.64 -51.15 15.53
CA PRO B 155 -34.10 -52.16 14.56
C PRO B 155 -34.33 -53.53 15.20
N GLU B 156 -35.05 -54.40 14.46
CA GLU B 156 -35.33 -55.74 14.99
C GLU B 156 -34.05 -56.56 15.12
N ASP B 157 -33.08 -56.32 14.27
CA ASP B 157 -31.87 -57.14 14.28
C ASP B 157 -31.00 -56.65 15.43
N ARG B 158 -30.96 -57.46 16.48
CA ARG B 158 -30.20 -57.12 17.66
C ARG B 158 -28.74 -57.00 17.33
N ASP B 159 -28.25 -57.82 16.39
CA ASP B 159 -26.89 -57.67 15.91
C ASP B 159 -26.69 -56.29 15.28
N LEU B 160 -27.71 -55.77 14.59
CA LEU B 160 -27.63 -54.42 14.04
C LEU B 160 -27.65 -53.39 15.15
N ALA B 161 -28.63 -53.50 16.05
CA ALA B 161 -28.71 -52.66 17.24
C ALA B 161 -27.36 -52.60 17.95
N GLU B 162 -26.78 -53.77 18.23
CA GLU B 162 -25.49 -53.80 18.93
C GLU B 162 -24.42 -52.99 18.16
N SER B 163 -24.26 -53.26 16.87
CA SER B 163 -23.27 -52.57 16.05
C SER B 163 -23.37 -51.05 16.17
N PHE B 164 -24.55 -50.48 15.94
CA PHE B 164 -24.72 -49.03 16.15
C PHE B 164 -24.26 -48.63 17.54
N ILE B 165 -24.68 -49.39 18.55
CA ILE B 165 -24.35 -49.00 19.91
C ILE B 165 -22.86 -49.09 20.12
N ARG B 166 -22.25 -50.19 19.66
CA ARG B 166 -20.79 -50.28 19.67
C ARG B 166 -20.19 -49.07 19.00
N ARG B 167 -20.60 -48.79 17.77
CA ARG B 167 -19.96 -47.71 17.03
C ARG B 167 -20.09 -46.38 17.76
N ALA B 168 -21.28 -46.07 18.25
CA ALA B 168 -21.46 -44.83 19.00
C ALA B 168 -20.51 -44.76 20.21
N GLU B 169 -20.36 -45.85 20.94
CA GLU B 169 -19.49 -45.82 22.11
C GLU B 169 -18.04 -45.56 21.71
N GLU B 170 -17.55 -46.26 20.69
CA GLU B 170 -16.15 -46.10 20.32
C GLU B 170 -15.88 -44.76 19.66
N ALA B 171 -16.87 -44.12 19.07
CA ALA B 171 -16.74 -42.77 18.58
C ALA B 171 -16.80 -41.72 19.67
N GLY B 172 -17.01 -42.12 20.93
CA GLY B 172 -17.02 -41.16 22.01
C GLY B 172 -18.32 -40.38 22.16
N TYR B 173 -19.45 -40.96 21.80
CA TYR B 173 -20.70 -40.33 22.20
C TYR B 173 -20.88 -40.43 23.72
N ASP B 174 -21.68 -39.53 24.25
CA ASP B 174 -21.77 -39.42 25.70
C ASP B 174 -23.07 -39.99 26.25
N GLY B 175 -23.94 -40.48 25.37
CA GLY B 175 -25.16 -41.11 25.77
C GLY B 175 -25.94 -41.62 24.56
N LEU B 176 -26.88 -42.51 24.86
CA LEU B 176 -27.68 -43.21 23.87
C LEU B 176 -29.13 -42.82 24.12
N VAL B 177 -29.76 -42.19 23.14
CA VAL B 177 -31.17 -41.85 23.21
C VAL B 177 -31.95 -42.88 22.38
N ILE B 178 -32.95 -43.49 23.00
CA ILE B 178 -33.79 -44.47 22.31
C ILE B 178 -35.17 -43.88 22.17
N THR B 179 -35.65 -43.74 20.93
CA THR B 179 -36.92 -43.05 20.72
C THR B 179 -38.02 -44.09 20.75
N LEU B 180 -39.02 -43.85 21.59
CA LEU B 180 -40.04 -44.86 21.87
C LEU B 180 -41.33 -44.66 21.10
N ASP B 181 -41.47 -43.58 20.36
CA ASP B 181 -42.73 -43.31 19.68
C ASP B 181 -42.63 -43.32 18.14
N THR B 182 -41.60 -44.00 17.54
CA THR B 182 -41.46 -43.98 16.08
C THR B 182 -41.35 -45.36 15.46
N TRP B 183 -41.80 -46.40 16.14
CA TRP B 183 -41.74 -47.72 15.58
C TRP B 183 -42.73 -47.92 14.44
N ILE B 184 -43.66 -46.99 14.26
CA ILE B 184 -44.68 -47.04 13.22
C ILE B 184 -45.00 -45.61 12.85
N PHE B 185 -45.17 -45.37 11.58
CA PHE B 185 -45.43 -44.05 11.08
C PHE B 185 -46.86 -43.63 11.44
N GLY B 186 -47.02 -42.57 12.22
CA GLY B 186 -48.36 -42.16 12.52
C GLY B 186 -49.10 -41.72 11.26
N TRP B 187 -50.23 -41.02 11.46
CA TRP B 187 -51.10 -40.61 10.36
C TRP B 187 -50.77 -39.18 9.94
N ARG B 188 -50.15 -39.00 8.81
CA ARG B 188 -49.60 -37.68 8.50
C ARG B 188 -50.19 -37.12 7.22
N PRO B 189 -51.25 -36.17 7.30
CA PRO B 189 -52.05 -35.81 6.12
C PRO B 189 -51.31 -35.13 4.99
N ARG B 190 -50.79 -33.92 5.28
CA ARG B 190 -50.09 -33.18 4.24
C ARG B 190 -49.15 -34.08 3.47
N ASP B 191 -48.42 -34.95 4.19
CA ASP B 191 -47.49 -35.85 3.54
C ASP B 191 -48.17 -37.10 3.01
N LEU B 192 -49.43 -37.34 3.41
CA LEU B 192 -50.25 -38.28 2.67
C LEU B 192 -50.87 -37.58 1.45
N THR B 193 -51.33 -36.35 1.68
CA THR B 193 -51.90 -35.52 0.62
C THR B 193 -50.91 -35.21 -0.50
N ILE B 194 -49.68 -34.80 -0.17
CA ILE B 194 -48.69 -34.81 -1.24
C ILE B 194 -48.24 -36.25 -1.41
N SER B 195 -48.42 -37.04 -0.35
CA SER B 195 -47.99 -38.43 -0.27
C SER B 195 -46.48 -38.54 -0.30
N ASN B 196 -45.82 -37.62 0.32
CA ASN B 196 -44.37 -37.64 0.30
C ASN B 196 -43.80 -38.20 1.62
N PHE B 197 -42.62 -38.87 1.48
CA PHE B 197 -41.90 -39.62 2.50
C PHE B 197 -40.53 -40.04 1.97
N PRO B 198 -39.47 -39.28 2.27
CA PRO B 198 -38.23 -39.38 1.48
C PRO B 198 -37.44 -40.64 1.75
N PHE B 199 -37.39 -41.14 2.99
CA PHE B 199 -36.69 -42.39 3.22
C PHE B 199 -37.32 -43.56 2.44
N LEU B 200 -38.33 -43.26 1.65
CA LEU B 200 -38.80 -44.21 0.64
C LEU B 200 -38.10 -43.97 -0.70
N ARG B 201 -37.25 -42.94 -0.78
CA ARG B 201 -36.12 -42.93 -1.73
C ARG B 201 -34.85 -43.42 -1.03
N GLY B 202 -34.41 -42.72 0.03
CA GLY B 202 -33.43 -43.20 0.98
C GLY B 202 -32.11 -42.45 1.01
N LEU B 203 -32.14 -41.16 1.31
CA LEU B 203 -30.94 -40.34 1.12
C LEU B 203 -30.10 -40.12 2.38
N CYS B 204 -30.63 -40.46 3.58
CA CYS B 204 -29.94 -40.26 4.84
C CYS B 204 -29.64 -41.54 5.60
N LEU B 205 -29.07 -42.53 4.92
CA LEU B 205 -28.96 -43.90 5.41
C LEU B 205 -27.49 -44.27 5.60
N THR B 206 -26.63 -43.28 5.60
CA THR B 206 -25.19 -43.50 5.70
C THR B 206 -24.82 -44.44 6.85
N ASN B 207 -25.48 -44.26 7.96
CA ASN B 207 -25.21 -45.08 9.13
C ASN B 207 -25.52 -46.55 8.86
N TYR B 208 -26.63 -46.84 8.20
CA TYR B 208 -26.88 -48.18 7.69
C TYR B 208 -25.74 -48.64 6.76
N VAL B 209 -25.60 -48.03 5.57
CA VAL B 209 -24.82 -48.67 4.53
C VAL B 209 -23.35 -48.78 4.94
N THR B 210 -22.92 -48.03 5.95
CA THR B 210 -21.52 -48.12 6.38
C THR B 210 -21.33 -49.08 7.51
N ASP B 211 -22.35 -49.63 8.01
CA ASP B 211 -22.23 -50.49 9.18
C ASP B 211 -21.90 -51.92 8.76
N PRO B 212 -20.93 -52.56 9.39
CA PRO B 212 -20.49 -53.87 8.88
C PRO B 212 -21.52 -54.95 9.04
N VAL B 213 -22.37 -54.85 10.07
CA VAL B 213 -23.43 -55.85 10.23
C VAL B 213 -24.49 -55.69 9.12
N PHE B 214 -24.85 -54.45 8.78
CA PHE B 214 -25.79 -54.21 7.69
C PHE B 214 -25.19 -54.60 6.34
N GLN B 215 -23.88 -54.36 6.19
CA GLN B 215 -23.18 -54.75 4.97
C GLN B 215 -23.13 -56.27 4.78
N LYS B 216 -23.29 -57.04 5.84
CA LYS B 216 -23.34 -58.49 5.65
C LYS B 216 -24.75 -58.97 5.39
N LYS B 217 -25.73 -58.51 6.14
CA LYS B 217 -27.06 -59.05 6.01
C LYS B 217 -27.87 -58.39 4.90
N PHE B 218 -27.35 -57.37 4.20
CA PHE B 218 -28.10 -56.92 3.02
C PHE B 218 -27.92 -57.87 1.84
N LYS B 219 -27.03 -58.85 1.97
CA LYS B 219 -26.91 -59.95 1.01
C LYS B 219 -27.63 -61.17 1.58
N ALA B 220 -28.95 -61.06 1.58
CA ALA B 220 -29.85 -62.13 2.00
C ALA B 220 -31.13 -61.90 1.19
N HIS B 221 -32.17 -61.29 1.79
CA HIS B 221 -33.27 -60.78 0.98
C HIS B 221 -32.68 -59.68 0.10
N SER B 222 -32.31 -60.05 -1.15
CA SER B 222 -31.57 -59.22 -2.10
C SER B 222 -30.06 -59.42 -1.90
N GLY B 223 -29.32 -59.51 -3.00
CA GLY B 223 -27.86 -59.59 -2.98
C GLY B 223 -27.19 -58.53 -3.82
N VAL B 224 -27.59 -57.27 -3.64
CA VAL B 224 -27.00 -56.17 -4.39
C VAL B 224 -25.80 -55.56 -3.66
N GLU B 225 -25.75 -55.67 -2.33
CA GLU B 225 -24.54 -55.51 -1.52
C GLU B 225 -24.33 -54.11 -0.92
N ALA B 226 -23.07 -53.80 -0.61
CA ALA B 226 -22.70 -52.57 0.09
C ALA B 226 -21.87 -51.67 -0.82
N GLU B 227 -22.37 -51.42 -2.02
CA GLU B 227 -21.57 -50.87 -3.11
C GLU B 227 -22.53 -50.59 -4.28
N GLY B 228 -23.46 -51.53 -4.51
CA GLY B 228 -24.69 -51.20 -5.18
C GLY B 228 -25.66 -50.44 -4.29
N LEU B 229 -25.54 -50.61 -2.97
CA LEU B 229 -26.36 -49.85 -2.03
C LEU B 229 -25.73 -48.52 -1.64
N ARG B 230 -24.39 -48.46 -1.59
CA ARG B 230 -23.70 -47.18 -1.38
C ARG B 230 -24.17 -46.15 -2.41
N ASP B 231 -24.11 -46.53 -3.70
CA ASP B 231 -24.48 -45.68 -4.82
C ASP B 231 -25.93 -45.24 -4.74
N ASN B 232 -26.83 -46.18 -4.98
CA ASN B 232 -28.27 -45.92 -4.94
C ASN B 232 -28.92 -46.55 -3.71
N PRO B 233 -29.26 -45.74 -2.69
CA PRO B 233 -29.88 -46.31 -1.48
C PRO B 233 -31.36 -46.72 -1.61
N ARG B 234 -32.07 -46.35 -2.69
CA ARG B 234 -33.45 -46.81 -2.87
C ARG B 234 -33.49 -48.28 -3.29
N LEU B 235 -32.53 -48.69 -4.13
CA LEU B 235 -32.43 -50.03 -4.69
C LEU B 235 -33.63 -50.91 -4.38
N ALA B 236 -33.87 -51.15 -3.08
CA ALA B 236 -34.89 -52.08 -2.62
C ALA B 236 -35.77 -51.38 -1.59
N ALA B 237 -36.62 -50.44 -2.05
CA ALA B 237 -37.45 -49.69 -1.11
C ALA B 237 -38.18 -50.65 -0.17
N ASP B 238 -38.72 -51.74 -0.72
CA ASP B 238 -39.25 -52.82 0.10
C ASP B 238 -38.28 -53.18 1.21
N PHE B 239 -37.02 -53.46 0.84
CA PHE B 239 -36.14 -54.22 1.72
C PHE B 239 -36.38 -53.85 3.16
N TRP B 240 -36.60 -54.86 4.00
CA TRP B 240 -37.06 -54.62 5.36
C TRP B 240 -36.42 -53.35 5.89
N HIS B 241 -37.06 -52.26 5.51
CA HIS B 241 -37.30 -51.14 6.41
C HIS B 241 -38.33 -51.50 7.47
N GLY B 242 -39.15 -52.53 7.24
CA GLY B 242 -39.67 -53.28 8.36
C GLY B 242 -38.63 -53.18 9.45
N LEU B 243 -37.39 -53.62 9.21
CA LEU B 243 -36.36 -53.35 10.21
C LEU B 243 -35.97 -51.87 10.32
N PHE B 244 -37.01 -51.06 10.50
CA PHE B 244 -37.01 -49.73 11.10
C PHE B 244 -38.24 -49.65 12.02
N GLY B 245 -39.06 -50.69 12.06
CA GLY B 245 -40.27 -50.64 12.83
C GLY B 245 -40.23 -51.64 13.95
N HIS B 246 -39.23 -51.57 14.82
CA HIS B 246 -39.20 -52.45 15.99
C HIS B 246 -39.80 -51.71 17.19
N SER B 247 -40.87 -52.28 17.76
CA SER B 247 -41.55 -51.71 18.92
C SER B 247 -40.74 -52.11 20.14
N VAL B 248 -40.00 -51.17 20.69
CA VAL B 248 -39.15 -51.42 21.82
C VAL B 248 -39.96 -51.81 23.06
N THR B 249 -39.45 -52.82 23.73
CA THR B 249 -40.00 -53.31 25.00
C THR B 249 -39.09 -52.97 26.17
N TRP B 250 -39.62 -53.19 27.38
CA TRP B 250 -38.83 -52.98 28.59
C TRP B 250 -37.65 -53.92 28.61
N GLU B 251 -37.87 -55.14 28.13
CA GLU B 251 -36.81 -56.12 28.04
C GLU B 251 -35.74 -55.65 27.08
N ASP B 252 -36.13 -55.07 25.92
CA ASP B 252 -35.13 -54.46 25.05
C ASP B 252 -34.28 -53.45 25.81
N ILE B 253 -34.91 -52.63 26.65
CA ILE B 253 -34.14 -51.64 27.38
C ILE B 253 -33.15 -52.29 28.35
N ASP B 254 -33.57 -53.35 29.07
CA ASP B 254 -32.56 -54.01 29.90
C ASP B 254 -31.41 -54.54 29.06
N TRP B 255 -31.72 -55.16 27.91
CA TRP B 255 -30.63 -55.73 27.13
C TRP B 255 -29.66 -54.62 26.71
N VAL B 256 -30.20 -53.43 26.41
CA VAL B 256 -29.40 -52.31 25.95
C VAL B 256 -28.51 -51.78 27.07
N ARG B 257 -29.07 -51.64 28.28
CA ARG B 257 -28.24 -51.13 29.36
C ARG B 257 -27.11 -52.11 29.65
N SER B 258 -27.34 -53.38 29.36
CA SER B 258 -26.37 -54.43 29.64
C SER B 258 -25.25 -54.50 28.62
N ILE B 259 -25.41 -53.94 27.44
CA ILE B 259 -24.33 -54.07 26.47
C ILE B 259 -23.59 -52.75 26.24
N THR B 260 -23.85 -51.71 27.04
CA THR B 260 -23.19 -50.42 26.89
C THR B 260 -22.95 -49.79 28.26
N LYS B 261 -21.86 -49.03 28.32
CA LYS B 261 -21.54 -48.12 29.42
C LYS B 261 -22.20 -46.76 29.26
N MET B 262 -22.63 -46.42 28.05
CA MET B 262 -23.22 -45.12 27.83
C MET B 262 -24.50 -45.01 28.64
N PRO B 263 -24.76 -43.88 29.28
CA PRO B 263 -26.08 -43.71 29.91
C PRO B 263 -27.17 -43.83 28.84
N VAL B 264 -28.32 -44.30 29.28
CA VAL B 264 -29.44 -44.57 28.39
C VAL B 264 -30.56 -43.62 28.71
N ILE B 265 -31.10 -43.00 27.66
CA ILE B 265 -32.06 -41.93 27.78
C ILE B 265 -33.28 -42.29 26.93
N LEU B 266 -34.46 -42.32 27.57
CA LEU B 266 -35.67 -42.77 26.91
C LEU B 266 -36.51 -41.57 26.46
N LYS B 267 -36.81 -41.52 25.17
CA LYS B 267 -37.42 -40.31 24.57
C LYS B 267 -38.86 -40.61 24.14
N GLY B 268 -39.79 -39.76 24.59
CA GLY B 268 -41.20 -39.92 24.31
C GLY B 268 -42.06 -40.24 25.52
N ILE B 269 -41.47 -40.29 26.71
CA ILE B 269 -42.21 -40.56 27.93
C ILE B 269 -43.13 -39.38 28.27
N GLN B 270 -44.41 -39.66 28.50
CA GLN B 270 -45.36 -38.62 28.89
C GLN B 270 -46.07 -38.88 30.19
N HIS B 271 -46.19 -40.12 30.58
CA HIS B 271 -46.94 -40.60 31.71
C HIS B 271 -46.00 -40.83 32.86
N PRO B 272 -46.31 -40.34 34.08
CA PRO B 272 -45.32 -40.46 35.16
C PRO B 272 -45.05 -41.90 35.60
N ASP B 273 -45.96 -42.84 35.39
CA ASP B 273 -45.62 -44.21 35.78
CA ASP B 273 -45.63 -44.21 35.79
C ASP B 273 -44.67 -44.85 34.81
N ASP B 274 -44.73 -44.49 33.53
CA ASP B 274 -43.70 -44.98 32.58
C ASP B 274 -42.35 -44.41 33.02
N ALA B 275 -42.36 -43.17 33.47
CA ALA B 275 -41.15 -42.58 34.00
C ALA B 275 -40.71 -43.30 35.26
N ARG B 276 -41.66 -43.66 36.13
CA ARG B 276 -41.32 -44.34 37.36
C ARG B 276 -40.64 -45.65 37.08
N ARG B 277 -41.23 -46.41 36.17
CA ARG B 277 -40.79 -47.77 35.89
C ARG B 277 -39.42 -47.71 35.24
N ALA B 278 -39.20 -46.73 34.35
CA ALA B 278 -37.92 -46.61 33.71
C ALA B 278 -36.88 -46.28 34.77
N VAL B 279 -37.18 -45.29 35.59
CA VAL B 279 -36.20 -44.86 36.59
C VAL B 279 -35.93 -46.01 37.54
N ASP B 280 -36.98 -46.73 37.92
CA ASP B 280 -36.81 -47.79 38.91
C ASP B 280 -35.97 -48.92 38.32
N SER B 281 -36.00 -49.11 37.00
CA SER B 281 -35.17 -50.06 36.26
C SER B 281 -33.70 -49.68 36.09
N GLY B 282 -33.31 -48.42 36.36
CA GLY B 282 -31.95 -47.99 36.13
C GLY B 282 -31.73 -47.25 34.84
N VAL B 283 -32.79 -46.78 34.20
CA VAL B 283 -32.61 -45.83 33.11
C VAL B 283 -32.03 -44.53 33.64
N ASP B 284 -31.06 -44.00 32.91
CA ASP B 284 -30.25 -42.87 33.33
C ASP B 284 -30.88 -41.54 33.06
N GLY B 285 -31.88 -41.49 32.18
CA GLY B 285 -32.38 -40.24 31.67
C GLY B 285 -33.74 -40.47 31.07
N ILE B 286 -34.59 -39.47 31.26
CA ILE B 286 -35.98 -39.42 30.82
C ILE B 286 -36.14 -38.19 29.92
N TYR B 287 -36.60 -38.37 28.70
CA TYR B 287 -36.65 -37.24 27.76
C TYR B 287 -38.14 -37.10 27.45
N CYS B 288 -38.80 -36.26 28.19
CA CYS B 288 -40.21 -36.00 28.00
C CYS B 288 -40.39 -35.31 26.65
N SER B 289 -41.17 -35.93 25.77
CA SER B 289 -41.38 -35.53 24.41
C SER B 289 -42.66 -36.21 23.90
N ASN B 290 -43.33 -35.56 22.99
CA ASN B 290 -44.36 -36.19 22.16
C ASN B 290 -44.00 -36.05 20.69
N HIS B 291 -42.71 -35.90 20.40
CA HIS B 291 -42.22 -35.93 19.03
C HIS B 291 -42.79 -34.77 18.22
N GLY B 292 -42.99 -33.64 18.90
CA GLY B 292 -43.59 -32.44 18.29
C GLY B 292 -45.01 -32.60 17.80
N GLY B 293 -45.72 -33.64 18.24
CA GLY B 293 -47.01 -33.98 17.66
C GLY B 293 -46.94 -34.38 16.21
N ARG B 294 -45.82 -34.92 15.77
CA ARG B 294 -45.72 -35.33 14.36
C ARG B 294 -46.18 -36.75 14.14
N GLN B 295 -46.22 -37.54 15.21
CA GLN B 295 -46.47 -38.97 15.06
C GLN B 295 -47.88 -39.37 15.49
N ALA B 296 -48.47 -38.70 16.46
CA ALA B 296 -49.80 -39.03 16.92
C ALA B 296 -50.47 -37.75 17.38
N ASN B 297 -51.74 -37.59 17.01
CA ASN B 297 -52.45 -36.34 17.32
C ASN B 297 -53.42 -36.51 18.49
N GLY B 298 -52.96 -37.13 19.60
CA GLY B 298 -53.89 -37.45 20.68
C GLY B 298 -54.33 -36.23 21.46
N GLY B 299 -53.67 -35.10 21.30
CA GLY B 299 -54.13 -33.85 21.88
C GLY B 299 -53.52 -33.42 23.21
N LEU B 300 -52.59 -34.17 23.79
CA LEU B 300 -52.07 -33.79 25.12
C LEU B 300 -50.79 -33.00 24.92
N PRO B 301 -50.75 -31.74 25.32
CA PRO B 301 -49.50 -30.97 25.17
C PRO B 301 -48.38 -31.56 26.01
N ALA B 302 -47.21 -31.68 25.37
CA ALA B 302 -46.02 -32.22 26.01
C ALA B 302 -45.76 -31.53 27.35
N LEU B 303 -45.83 -30.20 27.34
CA LEU B 303 -45.52 -29.42 28.53
C LEU B 303 -46.45 -29.77 29.68
N ASP B 304 -47.72 -30.06 29.38
CA ASP B 304 -48.64 -30.49 30.40
C ASP B 304 -48.14 -31.71 31.16
N CYS B 305 -47.26 -32.50 30.56
CA CYS B 305 -46.83 -33.75 31.16
C CYS B 305 -45.58 -33.59 31.98
N LEU B 306 -44.83 -32.54 31.67
CA LEU B 306 -43.50 -32.37 32.24
C LEU B 306 -43.52 -32.36 33.76
N PRO B 307 -44.33 -31.55 34.42
CA PRO B 307 -44.30 -31.51 35.90
C PRO B 307 -44.48 -32.85 36.58
N GLU B 308 -45.40 -33.70 36.11
CA GLU B 308 -45.58 -35.00 36.78
C GLU B 308 -44.52 -36.00 36.37
N VAL B 309 -43.94 -35.88 35.17
CA VAL B 309 -42.77 -36.66 34.85
C VAL B 309 -41.58 -36.24 35.71
N VAL B 310 -41.35 -34.95 35.86
CA VAL B 310 -40.26 -34.52 36.75
C VAL B 310 -40.45 -35.08 38.18
N LYS B 311 -41.67 -35.05 38.73
CA LYS B 311 -41.92 -35.59 40.08
C LYS B 311 -41.57 -37.06 40.17
N ALA B 312 -42.08 -37.85 39.23
CA ALA B 312 -41.90 -39.29 39.27
C ALA B 312 -40.46 -39.67 38.98
N SER B 313 -39.76 -38.85 38.19
CA SER B 313 -38.37 -39.13 37.86
C SER B 313 -37.41 -38.93 39.01
N GLY B 314 -37.85 -38.32 40.11
CA GLY B 314 -36.95 -37.93 41.20
C GLY B 314 -35.71 -37.17 40.79
N ASP B 315 -34.57 -37.64 41.25
CA ASP B 315 -33.33 -37.03 40.84
C ASP B 315 -32.79 -37.61 39.52
N THR B 316 -33.56 -38.36 38.77
CA THR B 316 -33.12 -38.71 37.45
C THR B 316 -33.31 -37.52 36.51
N PRO B 317 -32.31 -37.12 35.74
CA PRO B 317 -32.50 -35.99 34.84
C PRO B 317 -33.61 -36.25 33.82
N VAL B 318 -34.34 -35.20 33.55
CA VAL B 318 -35.43 -35.20 32.57
C VAL B 318 -35.06 -34.17 31.49
N LEU B 319 -34.99 -34.63 30.26
CA LEU B 319 -34.93 -33.74 29.13
C LEU B 319 -36.33 -33.41 28.64
N PHE B 320 -36.47 -32.24 28.01
CA PHE B 320 -37.77 -31.86 27.49
C PHE B 320 -37.65 -31.30 26.11
N ASP B 321 -38.51 -31.78 25.20
CA ASP B 321 -38.71 -31.05 23.92
C ASP B 321 -40.20 -31.07 23.60
N SER B 322 -40.53 -30.32 22.55
CA SER B 322 -41.82 -30.35 21.86
C SER B 322 -42.57 -29.06 22.16
N GLY B 323 -42.39 -28.05 21.31
CA GLY B 323 -43.13 -26.81 21.43
C GLY B 323 -42.26 -25.61 21.75
N ILE B 324 -40.98 -25.80 22.02
CA ILE B 324 -40.09 -24.68 22.31
CA ILE B 324 -40.06 -24.69 22.30
C ILE B 324 -39.87 -23.87 21.03
N ARG B 325 -40.16 -22.59 21.09
CA ARG B 325 -39.99 -21.74 19.92
C ARG B 325 -39.18 -20.50 20.23
N THR B 326 -39.07 -20.11 21.50
CA THR B 326 -38.35 -18.92 21.94
C THR B 326 -37.59 -19.17 23.26
N GLY B 327 -36.77 -18.17 23.64
CA GLY B 327 -36.04 -18.27 24.89
C GLY B 327 -36.93 -18.23 26.10
N ALA B 328 -38.07 -17.53 26.03
CA ALA B 328 -39.07 -17.61 27.09
C ALA B 328 -39.56 -19.05 27.31
N ASP B 329 -39.82 -19.83 26.24
CA ASP B 329 -40.20 -21.25 26.44
C ASP B 329 -39.11 -22.02 27.16
N VAL B 330 -37.83 -21.81 26.78
CA VAL B 330 -36.69 -22.49 27.38
C VAL B 330 -36.72 -22.35 28.89
N VAL B 331 -36.92 -21.10 29.33
CA VAL B 331 -36.92 -20.74 30.75
C VAL B 331 -38.05 -21.44 31.49
N LYS B 332 -39.26 -21.38 30.92
CA LYS B 332 -40.40 -21.97 31.58
C LYS B 332 -40.26 -23.49 31.72
N ALA B 333 -39.77 -24.16 30.68
CA ALA B 333 -39.56 -25.60 30.76
C ALA B 333 -38.48 -25.96 31.76
N LEU B 334 -37.35 -25.23 31.74
CA LEU B 334 -36.38 -25.31 32.83
C LEU B 334 -37.03 -25.08 34.18
N ALA B 335 -37.81 -24.03 34.33
CA ALA B 335 -38.43 -23.76 35.61
C ALA B 335 -39.32 -24.92 36.07
N MET B 336 -39.99 -25.60 35.12
CA MET B 336 -40.81 -26.77 35.43
C MET B 336 -40.04 -28.01 35.85
N GLY B 337 -38.73 -28.02 35.69
CA GLY B 337 -37.89 -29.10 36.17
C GLY B 337 -37.17 -29.86 35.09
N ALA B 338 -37.36 -29.52 33.81
CA ALA B 338 -36.42 -29.99 32.80
C ALA B 338 -35.00 -29.59 33.19
N SER B 339 -34.06 -30.54 33.04
CA SER B 339 -32.65 -30.21 33.27
C SER B 339 -32.04 -29.52 32.06
N ALA B 340 -32.58 -29.81 30.87
CA ALA B 340 -32.12 -29.32 29.57
C ALA B 340 -33.33 -29.45 28.64
N VAL B 341 -33.39 -28.54 27.67
CA VAL B 341 -34.54 -28.51 26.77
CA VAL B 341 -34.53 -28.45 26.76
C VAL B 341 -34.03 -28.63 25.35
N GLY B 342 -34.75 -29.38 24.53
CA GLY B 342 -34.34 -29.68 23.19
C GLY B 342 -35.07 -28.82 22.18
N ILE B 343 -34.35 -28.44 21.15
CA ILE B 343 -34.80 -27.57 20.09
C ILE B 343 -34.98 -28.44 18.86
N GLY B 344 -36.14 -28.33 18.22
CA GLY B 344 -36.40 -29.01 16.97
C GLY B 344 -36.57 -28.03 15.83
N ARG B 345 -37.82 -27.69 15.53
CA ARG B 345 -38.14 -26.93 14.32
C ARG B 345 -37.34 -25.65 14.14
N PRO B 346 -37.10 -24.85 15.17
CA PRO B 346 -36.31 -23.63 14.99
C PRO B 346 -35.00 -23.88 14.31
N TYR B 347 -34.25 -24.95 14.66
CA TYR B 347 -32.95 -25.18 14.06
C TYR B 347 -33.03 -25.83 12.68
N ALA B 348 -34.13 -26.48 12.30
CA ALA B 348 -34.21 -26.83 10.88
C ALA B 348 -34.43 -25.58 10.04
N TRP B 349 -35.27 -24.66 10.51
CA TRP B 349 -35.40 -23.41 9.76
C TRP B 349 -34.06 -22.68 9.64
N GLY B 350 -33.20 -22.81 10.66
CA GLY B 350 -31.91 -22.13 10.63
C GLY B 350 -30.92 -22.77 9.69
N ALA B 351 -30.92 -24.12 9.63
CA ALA B 351 -30.15 -24.79 8.58
C ALA B 351 -30.59 -24.26 7.23
N ALA B 352 -31.92 -24.16 7.03
CA ALA B 352 -32.50 -23.73 5.76
C ALA B 352 -32.08 -22.29 5.40
N LEU B 353 -31.93 -21.40 6.39
CA LEU B 353 -31.61 -20.03 6.04
C LEU B 353 -30.11 -19.78 6.10
N GLY B 354 -29.35 -20.65 6.75
CA GLY B 354 -27.96 -20.34 6.95
C GLY B 354 -26.97 -21.47 7.09
N GLY B 355 -27.37 -22.72 6.86
CA GLY B 355 -26.36 -23.74 7.09
C GLY B 355 -25.92 -23.64 8.55
N SER B 356 -24.64 -23.91 8.79
CA SER B 356 -24.14 -24.04 10.14
C SER B 356 -24.24 -22.72 10.89
N LYS B 357 -24.00 -21.62 10.17
CA LYS B 357 -24.15 -20.31 10.79
C LYS B 357 -25.61 -20.01 11.17
N GLY B 358 -26.55 -20.43 10.35
CA GLY B 358 -27.95 -20.19 10.67
C GLY B 358 -28.40 -20.99 11.88
N ILE B 359 -27.93 -22.23 11.98
CA ILE B 359 -28.25 -23.06 13.14
C ILE B 359 -27.67 -22.44 14.40
N GLU B 360 -26.40 -22.01 14.33
CA GLU B 360 -25.78 -21.31 15.45
C GLU B 360 -26.54 -20.05 15.83
N HIS B 361 -26.98 -19.29 14.82
CA HIS B 361 -27.76 -18.11 15.14
C HIS B 361 -29.05 -18.43 15.88
N VAL B 362 -29.79 -19.48 15.45
CA VAL B 362 -30.97 -19.89 16.22
C VAL B 362 -30.55 -20.23 17.67
N ALA B 363 -29.52 -21.10 17.87
CA ALA B 363 -29.18 -21.53 19.23
C ALA B 363 -28.80 -20.34 20.11
N ARG B 364 -28.00 -19.44 19.58
CA ARG B 364 -27.50 -18.35 20.37
C ARG B 364 -28.57 -17.33 20.68
N SER B 365 -29.50 -17.11 19.75
CA SER B 365 -30.64 -16.23 19.99
C SER B 365 -31.57 -16.76 21.09
N LEU B 366 -31.85 -18.06 21.08
CA LEU B 366 -32.64 -18.68 22.15
C LEU B 366 -31.93 -18.58 23.49
N LEU B 367 -30.63 -18.86 23.53
CA LEU B 367 -29.91 -18.78 24.81
C LEU B 367 -29.81 -17.33 25.26
N ALA B 368 -29.55 -16.40 24.33
CA ALA B 368 -29.53 -14.99 24.69
C ALA B 368 -30.86 -14.57 25.29
N GLU B 369 -31.98 -14.93 24.66
CA GLU B 369 -33.22 -14.48 25.24
C GLU B 369 -33.42 -15.12 26.62
N ALA B 370 -33.13 -16.41 26.75
CA ALA B 370 -33.31 -17.08 28.04
C ALA B 370 -32.52 -16.39 29.14
N ASP B 371 -31.25 -16.01 28.83
CA ASP B 371 -30.32 -15.41 29.78
C ASP B 371 -30.70 -13.98 30.19
N LEU B 372 -31.16 -13.18 29.22
CA LEU B 372 -31.63 -11.84 29.54
C LEU B 372 -32.93 -11.87 30.33
N ILE B 373 -33.83 -12.86 30.08
CA ILE B 373 -35.08 -12.90 30.85
C ILE B 373 -34.74 -13.21 32.30
N MET B 374 -33.81 -14.14 32.52
CA MET B 374 -33.33 -14.46 33.85
C MET B 374 -32.60 -13.27 34.48
N ALA B 375 -31.73 -12.60 33.71
CA ALA B 375 -31.11 -11.39 34.22
C ALA B 375 -32.16 -10.39 34.68
N VAL B 376 -33.06 -9.99 33.77
CA VAL B 376 -34.05 -8.96 34.09
C VAL B 376 -34.95 -9.42 35.25
N ASP B 377 -35.28 -10.70 35.29
CA ASP B 377 -36.27 -11.19 36.20
C ASP B 377 -35.68 -11.81 37.46
N GLY B 378 -34.35 -11.91 37.55
CA GLY B 378 -33.67 -12.10 38.78
C GLY B 378 -33.31 -13.51 39.17
N TYR B 379 -33.18 -14.40 38.22
CA TYR B 379 -32.73 -15.76 38.45
C TYR B 379 -31.29 -15.87 37.94
N ARG B 380 -30.37 -16.15 38.84
CA ARG B 380 -28.97 -16.10 38.45
C ARG B 380 -28.46 -17.45 37.96
N ASN B 381 -29.20 -18.50 38.18
CA ASN B 381 -28.72 -19.81 37.73
C ASN B 381 -29.91 -20.74 37.69
N LEU B 382 -29.70 -21.97 37.23
CA LEU B 382 -30.86 -22.84 37.09
C LEU B 382 -31.33 -23.44 38.41
N LYS B 383 -30.52 -23.49 39.43
CA LYS B 383 -31.04 -23.99 40.71
C LYS B 383 -32.07 -23.02 41.30
N GLU B 384 -31.86 -21.71 41.13
CA GLU B 384 -32.82 -20.68 41.52
C GLU B 384 -34.09 -20.64 40.67
N LEU B 385 -34.13 -21.30 39.55
CA LEU B 385 -35.31 -21.28 38.67
C LEU B 385 -36.12 -22.51 39.01
N THR B 386 -37.02 -22.42 39.98
CA THR B 386 -37.76 -23.57 40.47
C THR B 386 -39.20 -23.45 40.04
N ILE B 387 -39.97 -24.54 40.20
CA ILE B 387 -41.28 -24.59 39.59
C ILE B 387 -42.18 -23.53 40.22
N ASP B 388 -41.91 -23.19 41.49
CA ASP B 388 -42.62 -22.15 42.23
C ASP B 388 -42.41 -20.77 41.63
N ALA B 389 -41.43 -20.57 40.76
CA ALA B 389 -41.30 -19.28 40.10
C ALA B 389 -42.30 -19.04 38.98
N LEU B 390 -43.08 -20.06 38.58
CA LEU B 390 -44.08 -19.91 37.54
C LEU B 390 -45.46 -19.62 38.15
N ARG B 391 -46.32 -18.98 37.37
CA ARG B 391 -47.74 -18.79 37.62
C ARG B 391 -48.50 -19.22 36.37
N PRO B 392 -49.65 -19.87 36.54
CA PRO B 392 -50.49 -20.17 35.37
C PRO B 392 -51.20 -18.92 34.94
N THR B 393 -51.38 -18.82 33.64
CA THR B 393 -51.95 -17.61 33.07
C THR B 393 -53.03 -17.93 32.07
N ARG B 394 -53.98 -17.03 32.02
CA ARG B 394 -55.02 -17.06 31.04
C ARG B 394 -54.35 -16.99 29.67
N MET C 1 -1.22 8.53 19.42
CA MET C 1 0.01 9.36 19.64
C MET C 1 0.05 10.60 18.71
N SER C 2 -0.51 11.74 19.14
CA SER C 2 -0.65 12.87 18.20
C SER C 2 0.69 13.53 17.96
N ASN C 3 1.42 13.84 19.03
CA ASN C 3 2.79 14.33 18.91
C ASN C 3 3.61 13.78 20.07
N TRP C 4 4.90 13.61 19.84
CA TRP C 4 5.72 13.01 20.87
C TRP C 4 5.74 13.85 22.14
N GLY C 5 5.53 15.16 22.03
CA GLY C 5 5.61 16.09 23.13
C GLY C 5 4.56 15.88 24.18
N ASP C 6 3.49 15.15 23.85
CA ASP C 6 2.37 14.90 24.75
C ASP C 6 2.78 14.07 25.94
N TYR C 7 3.89 13.34 25.82
CA TYR C 7 4.39 12.52 26.91
C TYR C 7 4.49 13.34 28.19
N GLU C 8 4.87 14.60 28.09
CA GLU C 8 5.04 15.41 29.28
C GLU C 8 3.73 15.63 30.01
N ASN C 9 2.63 15.62 29.29
CA ASN C 9 1.35 15.88 29.93
C ASN C 9 0.96 14.66 30.78
N GLU C 10 1.45 13.48 30.43
CA GLU C 10 1.27 12.34 31.29
C GLU C 10 2.03 12.55 32.59
N ILE C 11 3.24 13.07 32.52
CA ILE C 11 4.05 13.09 33.74
C ILE C 11 3.50 14.12 34.70
N TYR C 12 3.01 15.23 34.13
CA TYR C 12 2.38 16.28 34.91
C TYR C 12 0.96 15.91 35.35
N GLY C 13 0.21 15.18 34.51
CA GLY C 13 -1.11 14.76 34.96
C GLY C 13 -1.05 13.87 36.20
N GLN C 14 -0.05 13.00 36.28
CA GLN C 14 0.10 12.05 37.37
C GLN C 14 0.48 12.75 38.67
N GLY C 15 1.29 13.81 38.62
CA GLY C 15 1.67 14.50 39.85
C GLY C 15 0.52 15.23 40.50
N LEU C 16 -0.43 15.68 39.70
CA LEU C 16 -1.62 16.31 40.19
C LEU C 16 -2.46 15.40 41.07
N VAL C 17 -2.31 14.08 40.92
CA VAL C 17 -2.99 13.16 41.77
C VAL C 17 -1.97 12.44 42.62
N GLY C 18 -0.82 13.06 42.79
CA GLY C 18 0.12 12.59 43.77
C GLY C 18 0.83 11.34 43.34
N VAL C 19 0.99 11.12 42.06
CA VAL C 19 1.78 10.02 41.55
C VAL C 19 3.09 10.59 41.01
N ALA C 20 4.12 10.45 41.79
CA ALA C 20 5.40 11.01 41.39
C ALA C 20 6.10 10.12 40.37
N PRO C 21 6.93 10.70 39.53
CA PRO C 21 7.77 9.89 38.63
C PRO C 21 8.65 8.94 39.41
N THR C 22 8.99 7.84 38.78
CA THR C 22 9.90 6.89 39.37
C THR C 22 11.21 6.79 38.61
N LEU C 23 11.32 7.37 37.44
CA LEU C 23 12.56 7.31 36.69
C LEU C 23 13.08 8.71 36.47
N PRO C 24 14.35 8.87 36.22
CA PRO C 24 14.89 10.21 36.01
C PRO C 24 14.42 10.78 34.66
N MET C 25 14.59 12.10 34.54
CA MET C 25 14.10 12.84 33.38
C MET C 25 15.19 13.46 32.49
N SER C 26 16.48 13.34 32.84
CA SER C 26 17.58 13.86 32.01
C SER C 26 18.69 12.84 31.95
N TYR C 27 19.51 12.96 30.90
CA TYR C 27 20.62 12.03 30.71
C TYR C 27 21.55 12.00 31.94
N ALA C 28 21.99 13.17 32.41
CA ALA C 28 22.80 13.26 33.62
C ALA C 28 22.30 12.35 34.77
N ASP C 29 21.00 12.40 35.10
CA ASP C 29 20.48 11.60 36.21
C ASP C 29 20.31 10.13 35.84
N TRP C 30 20.06 9.83 34.55
CA TRP C 30 20.09 8.44 34.14
CA TRP C 30 20.12 8.46 34.09
C TRP C 30 21.50 7.87 34.30
N GLU C 31 22.51 8.62 33.86
CA GLU C 31 23.86 8.10 33.88
C GLU C 31 24.28 7.89 35.31
N ALA C 32 24.01 8.88 36.16
CA ALA C 32 24.40 8.85 37.57
C ALA C 32 23.78 7.68 38.29
N HIS C 33 22.48 7.55 38.22
CA HIS C 33 21.83 6.46 38.93
C HIS C 33 22.20 5.13 38.30
N ALA C 34 22.11 5.05 36.95
CA ALA C 34 22.27 3.79 36.27
C ALA C 34 23.63 3.21 36.55
N GLN C 35 24.66 4.05 36.51
CA GLN C 35 26.01 3.58 36.77
C GLN C 35 26.17 3.00 38.16
N GLN C 36 25.36 3.41 39.13
CA GLN C 36 25.41 2.84 40.47
C GLN C 36 24.55 1.62 40.61
N ALA C 37 23.51 1.49 39.76
CA ALA C 37 22.65 0.30 39.72
C ALA C 37 23.28 -0.89 38.98
N LEU C 38 24.47 -0.75 38.41
CA LEU C 38 24.99 -1.83 37.58
C LEU C 38 26.12 -2.56 38.30
N PRO C 39 26.22 -3.89 38.10
CA PRO C 39 27.45 -4.61 38.46
C PRO C 39 28.67 -3.89 37.90
N PRO C 40 29.78 -3.91 38.63
CA PRO C 40 30.96 -3.17 38.17
C PRO C 40 31.50 -3.62 36.82
N GLY C 41 31.31 -4.89 36.46
CA GLY C 41 31.78 -5.33 35.17
C GLY C 41 30.95 -4.74 34.04
N VAL C 42 29.63 -4.65 34.22
CA VAL C 42 28.80 -4.06 33.19
C VAL C 42 29.05 -2.57 33.16
N LEU C 43 29.23 -1.95 34.34
CA LEU C 43 29.49 -0.52 34.34
C LEU C 43 30.73 -0.21 33.50
N SER C 44 31.84 -0.86 33.81
CA SER C 44 33.11 -0.61 33.16
C SER C 44 32.98 -0.72 31.66
N TYR C 45 32.26 -1.73 31.21
CA TYR C 45 32.16 -2.06 29.80
C TYR C 45 31.23 -1.10 29.06
N VAL C 46 30.15 -0.67 29.71
CA VAL C 46 29.19 0.18 29.04
C VAL C 46 29.67 1.60 29.03
N ALA C 47 30.14 2.09 30.18
CA ALA C 47 30.54 3.48 30.27
C ALA C 47 31.89 3.69 29.62
N GLY C 48 32.78 2.71 29.74
CA GLY C 48 34.15 2.92 29.32
C GLY C 48 34.18 3.08 27.81
N GLY C 49 35.10 3.96 27.35
CA GLY C 49 35.46 4.06 25.95
C GLY C 49 36.94 3.78 25.68
N SER C 50 37.38 4.14 24.48
CA SER C 50 38.74 3.87 24.06
C SER C 50 39.71 4.93 24.58
N GLY C 51 40.89 4.48 24.99
CA GLY C 51 41.94 5.38 25.43
C GLY C 51 41.54 6.16 26.66
N ASP C 52 41.95 7.42 26.70
CA ASP C 52 41.48 8.30 27.77
C ASP C 52 40.11 8.90 27.48
N GLU C 53 39.40 8.38 26.45
CA GLU C 53 37.95 8.63 26.21
C GLU C 53 37.73 10.05 25.70
N HIS C 54 38.77 10.76 25.28
CA HIS C 54 38.59 12.09 24.68
C HIS C 54 37.54 12.04 23.56
N THR C 55 37.62 11.04 22.67
CA THR C 55 36.72 10.96 21.51
C THR C 55 35.29 10.71 21.98
N GLN C 56 35.14 9.76 22.89
CA GLN C 56 33.85 9.53 23.47
C GLN C 56 33.26 10.84 24.01
N ARG C 57 34.10 11.70 24.58
CA ARG C 57 33.55 12.88 25.24
C ARG C 57 33.32 13.97 24.25
N ALA C 58 34.24 14.06 23.27
CA ALA C 58 34.22 15.07 22.25
C ALA C 58 33.05 14.88 21.31
N ASN C 59 32.64 13.60 21.09
CA ASN C 59 31.43 13.29 20.35
C ASN C 59 30.25 14.03 20.96
N VAL C 60 30.18 14.03 22.31
CA VAL C 60 29.06 14.65 23.03
C VAL C 60 29.19 16.18 23.01
N GLU C 61 30.36 16.68 23.41
CA GLU C 61 30.66 18.11 23.37
C GLU C 61 30.28 18.77 22.05
N ALA C 62 30.42 18.07 20.92
CA ALA C 62 30.24 18.75 19.63
C ALA C 62 28.84 19.34 19.53
N PHE C 63 27.85 18.75 20.21
CA PHE C 63 26.49 19.25 20.14
C PHE C 63 26.28 20.59 20.84
N LYS C 64 27.16 20.93 21.77
CA LYS C 64 27.15 22.25 22.36
C LYS C 64 27.61 23.36 21.44
N HIS C 65 28.10 23.06 20.24
CA HIS C 65 28.65 24.11 19.38
C HIS C 65 27.82 24.34 18.14
N TRP C 66 26.56 23.86 18.15
CA TRP C 66 25.51 24.21 17.18
C TRP C 66 24.28 24.68 17.92
N GLY C 67 23.70 25.77 17.44
CA GLY C 67 22.40 26.19 17.95
C GLY C 67 21.32 26.30 16.88
N LEU C 68 20.14 25.77 17.18
CA LEU C 68 18.98 25.92 16.32
C LEU C 68 18.39 27.33 16.35
N MET C 69 18.12 27.87 15.17
CA MET C 69 17.51 29.21 15.09
C MET C 69 16.01 29.10 15.31
N PRO C 70 15.44 29.71 16.34
CA PRO C 70 13.98 29.67 16.53
C PRO C 70 13.25 30.56 15.54
N ARG C 71 12.14 30.07 15.02
CA ARG C 71 11.33 30.84 14.07
C ARG C 71 9.96 31.05 14.67
N MET C 72 9.57 32.30 14.82
CA MET C 72 8.33 32.62 15.50
C MET C 72 7.26 32.72 14.44
N LEU C 73 5.99 32.62 14.90
CA LEU C 73 4.79 32.76 14.08
C LEU C 73 4.72 31.77 12.90
N MET C 74 5.27 30.56 13.08
CA MET C 74 5.14 29.45 12.16
C MET C 74 4.01 28.48 12.50
N ALA C 75 3.48 28.49 13.72
CA ALA C 75 2.32 27.65 14.08
C ALA C 75 2.54 26.17 13.74
N ALA C 76 3.67 25.62 14.18
CA ALA C 76 3.99 24.21 14.04
C ALA C 76 3.19 23.40 15.08
N THR C 77 1.86 23.56 15.05
CA THR C 77 1.02 22.93 16.09
C THR C 77 0.77 21.46 15.84
N GLU C 78 1.07 21.00 14.63
CA GLU C 78 1.07 19.61 14.24
C GLU C 78 2.43 19.32 13.60
N ARG C 79 3.11 18.30 14.08
CA ARG C 79 4.46 18.00 13.62
C ARG C 79 4.50 16.61 13.02
N ASP C 80 5.26 16.48 11.96
CA ASP C 80 5.45 15.20 11.29
C ASP C 80 6.92 14.85 11.38
N LEU C 81 7.24 13.99 12.34
CA LEU C 81 8.58 13.47 12.53
C LEU C 81 8.79 12.11 11.90
N SER C 82 7.81 11.61 11.15
CA SER C 82 7.93 10.33 10.46
C SER C 82 9.03 10.40 9.42
N VAL C 83 9.60 9.25 9.11
CA VAL C 83 10.62 9.15 8.07
C VAL C 83 10.39 7.83 7.34
N GLU C 84 10.58 7.85 6.05
N GLU C 84 10.59 7.85 6.04
CA GLU C 84 10.43 6.66 5.23
CA GLU C 84 10.44 6.69 5.19
C GLU C 84 11.83 6.15 4.92
C GLU C 84 11.84 6.15 4.91
N LEU C 85 12.10 4.91 5.33
CA LEU C 85 13.42 4.31 5.19
C LEU C 85 13.28 2.98 4.48
N TRP C 86 13.90 2.87 3.30
CA TRP C 86 13.93 1.62 2.55
C TRP C 86 12.54 1.01 2.49
N GLY C 87 11.60 1.83 2.07
CA GLY C 87 10.24 1.38 1.89
C GLY C 87 9.46 1.06 3.14
N LYS C 88 9.95 1.42 4.31
CA LYS C 88 9.13 1.34 5.51
C LYS C 88 9.04 2.72 6.17
N THR C 89 7.90 2.93 6.80
CA THR C 89 7.56 4.17 7.46
C THR C 89 7.91 4.09 8.92
N TRP C 90 8.88 4.88 9.35
CA TRP C 90 9.29 4.95 10.74
C TRP C 90 8.41 5.96 11.46
N ALA C 91 7.85 5.57 12.60
CA ALA C 91 7.08 6.56 13.33
C ALA C 91 7.95 7.67 13.93
N ALA C 92 9.25 7.50 13.97
CA ALA C 92 10.10 8.39 14.76
C ALA C 92 11.41 8.38 14.00
N PRO C 93 12.15 9.56 13.89
CA PRO C 93 13.44 9.61 13.19
C PRO C 93 14.56 9.19 14.14
N MET C 94 14.37 8.06 14.80
CA MET C 94 15.21 7.64 15.91
C MET C 94 15.11 6.12 16.01
N PHE C 95 16.19 5.49 16.50
CA PHE C 95 16.27 4.05 16.57
C PHE C 95 17.20 3.70 17.72
N PHE C 96 17.06 2.50 18.24
CA PHE C 96 18.01 1.99 19.22
C PHE C 96 19.23 1.46 18.51
N ALA C 97 20.40 2.06 18.81
CA ALA C 97 21.63 1.61 18.19
C ALA C 97 22.04 0.21 18.72
N PRO C 98 22.79 -0.56 17.95
CA PRO C 98 23.16 -1.90 18.38
C PRO C 98 24.06 -1.83 19.61
N ILE C 99 23.74 -2.67 20.61
CA ILE C 99 24.50 -2.77 21.86
C ILE C 99 24.57 -4.26 22.20
N GLY C 100 25.78 -4.83 22.09
CA GLY C 100 25.90 -6.27 22.25
C GLY C 100 25.74 -6.79 23.66
N VAL C 101 25.93 -5.97 24.68
CA VAL C 101 25.75 -6.43 26.06
C VAL C 101 24.49 -5.84 26.67
N ILE C 102 23.57 -5.30 25.85
CA ILE C 102 22.38 -4.68 26.43
C ILE C 102 21.62 -5.69 27.27
N ALA C 103 21.69 -6.96 26.91
CA ALA C 103 21.03 -7.94 27.74
C ALA C 103 21.48 -7.82 29.19
N LEU C 104 22.76 -7.53 29.41
CA LEU C 104 23.33 -7.53 30.75
C LEU C 104 23.18 -6.20 31.45
N CYS C 105 22.67 -5.20 30.75
CA CYS C 105 22.42 -3.93 31.40
C CYS C 105 21.15 -3.97 32.23
N ALA C 106 20.36 -5.02 32.08
CA ALA C 106 19.10 -5.17 32.78
C ALA C 106 19.22 -6.28 33.82
N GLN C 107 18.67 -6.04 35.02
CA GLN C 107 18.89 -6.98 36.11
C GLN C 107 18.48 -8.40 35.74
N ASP C 108 17.43 -8.58 34.90
CA ASP C 108 17.00 -9.95 34.59
C ASP C 108 17.84 -10.60 33.51
N GLY C 109 18.84 -9.89 32.94
CA GLY C 109 19.72 -10.47 31.98
C GLY C 109 19.11 -10.69 30.62
N HIS C 110 17.96 -10.08 30.34
CA HIS C 110 17.36 -10.06 29.04
C HIS C 110 17.03 -8.65 28.59
N GLY C 111 17.97 -7.74 28.76
CA GLY C 111 17.75 -6.39 28.31
C GLY C 111 17.60 -6.26 26.79
N ASP C 112 18.11 -7.24 26.03
CA ASP C 112 17.94 -7.21 24.59
C ASP C 112 16.48 -7.46 24.20
N ALA C 113 15.83 -8.45 24.81
CA ALA C 113 14.40 -8.65 24.59
C ALA C 113 13.59 -7.46 25.07
N ALA C 114 13.99 -6.82 26.17
CA ALA C 114 13.24 -5.69 26.70
C ALA C 114 13.33 -4.49 25.78
N SER C 115 14.45 -4.35 25.10
CA SER C 115 14.65 -3.30 24.11
C SER C 115 13.75 -3.53 22.92
N ALA C 116 13.70 -4.77 22.43
CA ALA C 116 12.81 -5.07 21.34
C ALA C 116 11.36 -4.82 21.74
N GLN C 117 10.98 -5.18 22.98
CA GLN C 117 9.62 -4.96 23.46
C GLN C 117 9.32 -3.47 23.56
N ALA C 118 10.29 -2.66 23.98
CA ALA C 118 10.07 -1.22 24.01
C ALA C 118 9.94 -0.65 22.60
N SER C 119 10.69 -1.19 21.64
CA SER C 119 10.51 -0.78 20.26
C SER C 119 9.15 -1.16 19.71
N ALA C 120 8.65 -2.35 20.06
CA ALA C 120 7.32 -2.77 19.64
C ALA C 120 6.22 -1.84 20.18
N ARG C 121 6.42 -1.27 21.37
CA ARG C 121 5.47 -0.34 21.95
C ARG C 121 5.69 1.10 21.52
N THR C 122 6.93 1.51 21.20
CA THR C 122 7.13 2.92 20.91
C THR C 122 7.03 3.25 19.42
N GLY C 123 7.33 2.29 18.55
CA GLY C 123 7.62 2.56 17.17
C GLY C 123 9.05 2.93 16.88
N VAL C 124 9.89 3.04 17.91
CA VAL C 124 11.31 3.32 17.74
C VAL C 124 11.96 2.01 17.31
N PRO C 125 12.52 1.90 16.10
CA PRO C 125 13.10 0.63 15.67
C PRO C 125 14.33 0.17 16.45
N TYR C 126 14.44 -1.15 16.61
CA TYR C 126 15.54 -1.79 17.31
C TYR C 126 16.54 -2.32 16.30
N ILE C 127 17.83 -2.12 16.58
CA ILE C 127 18.90 -2.72 15.79
C ILE C 127 19.59 -3.71 16.71
N THR C 128 19.39 -5.00 16.46
CA THR C 128 20.03 -6.00 17.31
C THR C 128 21.49 -6.22 16.90
N SER C 129 22.35 -6.29 17.91
CA SER C 129 23.70 -6.69 17.66
C SER C 129 23.71 -8.15 17.25
N THR C 130 24.79 -8.54 16.56
CA THR C 130 25.14 -9.96 16.43
C THR C 130 25.39 -10.58 17.81
N LEU C 131 25.96 -9.79 18.76
CA LEU C 131 26.16 -10.26 20.13
C LEU C 131 24.85 -10.07 20.87
N ALA C 132 24.34 -11.14 21.47
CA ALA C 132 23.07 -11.04 22.19
C ALA C 132 22.86 -12.28 23.03
N VAL C 133 21.88 -12.20 23.94
CA VAL C 133 21.41 -13.32 24.72
C VAL C 133 20.21 -14.00 24.09
N SER C 134 19.31 -13.21 23.50
CA SER C 134 18.18 -13.79 22.79
C SER C 134 18.58 -13.99 21.33
N SER C 135 18.18 -15.10 20.73
CA SER C 135 18.42 -15.29 19.31
C SER C 135 17.88 -14.14 18.46
N LEU C 136 18.44 -13.92 17.29
CA LEU C 136 17.92 -12.90 16.40
C LEU C 136 16.50 -13.24 15.95
N GLU C 137 16.17 -14.52 15.87
CA GLU C 137 14.79 -14.88 15.56
C GLU C 137 13.81 -14.42 16.65
N ASP C 138 14.18 -14.56 17.92
CA ASP C 138 13.24 -14.14 18.98
C ASP C 138 13.19 -12.62 19.16
N ILE C 139 14.30 -11.93 18.90
CA ILE C 139 14.30 -10.47 18.93
C ILE C 139 13.31 -9.93 17.92
N ARG C 140 13.32 -10.47 16.72
CA ARG C 140 12.37 -9.98 15.72
C ARG C 140 10.95 -10.20 16.19
N LYS C 141 10.64 -11.40 16.69
CA LYS C 141 9.32 -11.65 17.28
C LYS C 141 8.97 -10.61 18.35
N HIS C 142 9.87 -10.36 19.27
CA HIS C 142 9.58 -9.40 20.33
C HIS C 142 9.38 -7.98 19.80
N ALA C 143 9.76 -7.71 18.57
CA ALA C 143 9.70 -6.33 18.11
C ALA C 143 8.36 -6.03 17.46
N GLY C 144 7.44 -7.00 17.41
CA GLY C 144 6.10 -6.69 16.96
C GLY C 144 6.12 -6.11 15.56
N ASP C 145 5.25 -5.12 15.32
CA ASP C 145 5.12 -4.39 14.07
C ASP C 145 6.25 -3.42 13.77
N THR C 146 7.13 -3.16 14.71
CA THR C 146 8.09 -2.09 14.51
C THR C 146 9.22 -2.56 13.60
N PRO C 147 9.57 -1.82 12.59
CA PRO C 147 10.71 -2.24 11.76
C PRO C 147 11.89 -2.56 12.65
N ALA C 148 12.62 -3.60 12.29
CA ALA C 148 13.76 -4.10 13.07
C ALA C 148 14.95 -4.37 12.15
N TYR C 149 16.17 -4.14 12.65
CA TYR C 149 17.36 -4.22 11.80
C TYR C 149 18.32 -5.16 12.47
N PHE C 150 19.10 -5.86 11.65
CA PHE C 150 20.11 -6.77 12.17
C PHE C 150 21.51 -6.23 11.89
N GLN C 151 22.30 -6.09 12.94
CA GLN C 151 23.65 -5.55 12.85
C GLN C 151 24.59 -6.75 12.83
N LEU C 152 25.32 -6.86 11.73
CA LEU C 152 26.25 -7.94 11.49
C LEU C 152 27.65 -7.55 11.94
N TYR C 153 28.25 -8.42 12.74
CA TYR C 153 29.67 -8.44 12.96
C TYR C 153 30.20 -9.51 12.02
N TYR C 154 30.63 -9.11 10.84
CA TYR C 154 31.05 -10.03 9.82
C TYR C 154 32.14 -10.95 10.37
N PRO C 155 31.93 -12.27 10.41
CA PRO C 155 32.93 -13.20 10.93
C PRO C 155 33.95 -13.66 9.90
N GLU C 156 35.06 -14.20 10.40
CA GLU C 156 36.09 -14.78 9.58
C GLU C 156 35.67 -16.14 9.02
N ASP C 157 34.49 -16.20 8.42
CA ASP C 157 33.95 -17.46 7.90
C ASP C 157 32.71 -17.17 7.05
N ARG C 158 32.92 -17.07 5.76
CA ARG C 158 31.84 -16.71 4.85
C ARG C 158 30.59 -17.58 5.05
N ASP C 159 30.75 -18.87 5.30
CA ASP C 159 29.58 -19.69 5.56
C ASP C 159 28.76 -19.14 6.74
N LEU C 160 29.44 -18.88 7.85
CA LEU C 160 28.79 -18.34 9.04
C LEU C 160 28.21 -16.97 8.76
N ALA C 161 28.96 -16.12 8.06
CA ALA C 161 28.41 -14.83 7.65
C ALA C 161 27.12 -15.02 6.87
N GLU C 162 27.13 -15.90 5.88
CA GLU C 162 25.97 -16.05 5.02
C GLU C 162 24.78 -16.61 5.80
N SER C 163 25.03 -17.53 6.73
CA SER C 163 23.93 -18.08 7.52
C SER C 163 23.35 -17.02 8.44
N PHE C 164 24.18 -16.14 9.01
CA PHE C 164 23.65 -15.01 9.76
C PHE C 164 22.73 -14.14 8.91
N ILE C 165 23.19 -13.77 7.71
CA ILE C 165 22.41 -12.90 6.82
C ILE C 165 21.12 -13.58 6.39
N ARG C 166 21.20 -14.85 5.94
CA ARG C 166 20.00 -15.58 5.55
C ARG C 166 19.01 -15.74 6.72
N ARG C 167 19.53 -15.94 7.93
CA ARG C 167 18.68 -16.03 9.12
C ARG C 167 17.93 -14.73 9.35
N ALA C 168 18.65 -13.60 9.27
CA ALA C 168 18.04 -12.32 9.54
C ALA C 168 16.96 -12.02 8.51
N GLU C 169 17.30 -12.23 7.26
CA GLU C 169 16.27 -12.07 6.22
C GLU C 169 15.07 -12.94 6.57
N GLU C 170 15.30 -14.24 6.80
CA GLU C 170 14.18 -15.16 7.02
C GLU C 170 13.37 -14.80 8.26
N ALA C 171 14.04 -14.29 9.31
CA ALA C 171 13.36 -13.81 10.49
C ALA C 171 12.61 -12.52 10.22
N GLY C 172 12.75 -11.97 9.01
CA GLY C 172 12.01 -10.81 8.60
C GLY C 172 12.54 -9.49 9.12
N TYR C 173 13.85 -9.38 9.33
CA TYR C 173 14.44 -8.08 9.59
C TYR C 173 14.40 -7.23 8.32
N ASP C 174 14.41 -5.91 8.52
CA ASP C 174 14.13 -5.00 7.40
C ASP C 174 15.40 -4.37 6.87
N GLY C 175 16.56 -4.67 7.48
CA GLY C 175 17.82 -4.20 6.99
C GLY C 175 18.97 -4.92 7.62
N LEU C 176 20.08 -4.95 6.88
CA LEU C 176 21.35 -5.50 7.33
C LEU C 176 22.36 -4.38 7.53
N VAL C 177 22.65 -4.07 8.77
CA VAL C 177 23.66 -3.08 9.13
C VAL C 177 25.00 -3.81 9.33
N ILE C 178 26.02 -3.41 8.60
CA ILE C 178 27.34 -4.00 8.69
C ILE C 178 28.28 -3.03 9.41
N THR C 179 28.73 -3.42 10.59
CA THR C 179 29.64 -2.60 11.38
C THR C 179 31.06 -2.76 10.88
N LEU C 180 31.69 -1.66 10.55
CA LEU C 180 32.99 -1.70 9.88
C LEU C 180 34.12 -1.32 10.81
N ASP C 181 33.85 -0.90 12.02
CA ASP C 181 34.92 -0.37 12.85
C ASP C 181 35.19 -1.21 14.10
N THR C 182 34.95 -2.53 14.01
CA THR C 182 35.20 -3.45 15.11
C THR C 182 35.44 -4.86 14.57
N TRP C 183 36.45 -5.02 13.74
CA TRP C 183 36.97 -6.33 13.48
C TRP C 183 38.11 -6.71 14.44
N ILE C 184 38.51 -5.76 15.26
CA ILE C 184 39.53 -5.93 16.28
C ILE C 184 39.18 -4.93 17.35
N PHE C 185 39.41 -5.28 18.60
CA PHE C 185 39.03 -4.44 19.71
C PHE C 185 40.11 -3.42 20.03
N GLY C 186 39.67 -2.17 20.27
CA GLY C 186 40.58 -1.11 20.65
C GLY C 186 41.01 -1.18 22.09
N TRP C 187 42.07 -0.39 22.39
CA TRP C 187 42.59 -0.19 23.75
C TRP C 187 41.54 0.50 24.63
N ARG C 188 41.00 -0.25 25.59
CA ARG C 188 39.95 0.19 26.51
C ARG C 188 40.41 0.10 27.96
N PRO C 189 41.03 1.14 28.48
CA PRO C 189 41.62 1.05 29.83
C PRO C 189 40.70 0.59 30.94
N ARG C 190 39.42 1.02 30.95
CA ARG C 190 38.53 0.57 32.02
C ARG C 190 38.38 -0.95 32.04
N ASP C 191 38.20 -1.58 30.87
CA ASP C 191 38.08 -3.03 30.85
C ASP C 191 39.41 -3.69 31.15
N LEU C 192 40.52 -3.11 30.65
CA LEU C 192 41.83 -3.76 30.80
C LEU C 192 42.30 -3.74 32.26
N THR C 193 42.11 -2.62 32.93
CA THR C 193 42.48 -2.54 34.36
C THR C 193 41.95 -3.72 35.18
N ILE C 194 40.79 -4.24 34.87
CA ILE C 194 40.24 -5.37 35.61
C ILE C 194 40.10 -6.62 34.74
N SER C 195 40.73 -6.64 33.58
CA SER C 195 40.66 -7.70 32.59
C SER C 195 39.21 -8.17 32.41
N ASN C 196 38.39 -7.23 31.98
CA ASN C 196 36.95 -7.43 31.87
C ASN C 196 36.67 -7.67 30.41
N PHE C 197 36.03 -8.79 30.10
CA PHE C 197 35.67 -9.00 28.73
C PHE C 197 34.64 -10.10 28.63
N PRO C 198 33.34 -9.75 28.60
CA PRO C 198 32.30 -10.76 28.85
C PRO C 198 32.18 -11.81 27.80
N PHE C 199 32.57 -11.53 26.55
CA PHE C 199 32.36 -12.54 25.50
C PHE C 199 33.23 -13.75 25.73
N LEU C 200 34.45 -13.54 26.19
CA LEU C 200 35.34 -14.70 26.37
C LEU C 200 34.85 -15.60 27.49
N ARG C 201 33.89 -15.14 28.30
CA ARG C 201 33.22 -15.99 29.25
C ARG C 201 32.01 -16.68 28.64
N GLY C 202 31.87 -16.66 27.32
CA GLY C 202 30.70 -17.22 26.67
C GLY C 202 29.44 -16.42 26.97
N LEU C 203 29.53 -15.15 27.22
CA LEU C 203 28.31 -14.38 27.42
C LEU C 203 27.93 -13.66 26.12
N CYS C 204 26.63 -13.64 25.86
CA CYS C 204 26.04 -12.97 24.70
C CYS C 204 26.41 -13.63 23.36
N LEU C 205 26.63 -14.95 23.33
CA LEU C 205 27.01 -15.63 22.09
C LEU C 205 25.86 -16.45 21.46
N THR C 206 24.61 -16.28 21.94
CA THR C 206 23.47 -17.08 21.51
C THR C 206 23.35 -17.19 19.99
N ASN C 207 23.62 -16.08 19.27
CA ASN C 207 23.43 -16.13 17.82
C ASN C 207 24.45 -17.03 17.17
N TYR C 208 25.60 -17.25 17.82
CA TYR C 208 26.58 -18.24 17.35
C TYR C 208 26.19 -19.65 17.76
N VAL C 209 25.80 -19.84 19.03
CA VAL C 209 25.50 -21.20 19.47
C VAL C 209 24.18 -21.70 18.93
N THR C 210 23.28 -20.81 18.50
CA THR C 210 22.10 -21.29 17.79
C THR C 210 22.36 -21.52 16.33
N ASP C 211 23.55 -21.27 15.87
CA ASP C 211 23.72 -21.29 14.42
C ASP C 211 24.22 -22.62 13.92
N PRO C 212 23.57 -23.21 12.91
CA PRO C 212 24.01 -24.53 12.41
C PRO C 212 25.42 -24.54 11.86
N VAL C 213 25.90 -23.43 11.26
CA VAL C 213 27.26 -23.43 10.74
C VAL C 213 28.24 -23.40 11.91
N PHE C 214 28.00 -22.49 12.86
CA PHE C 214 28.87 -22.43 14.02
C PHE C 214 28.94 -23.75 14.75
N GLN C 215 27.78 -24.35 15.00
CA GLN C 215 27.73 -25.68 15.59
C GLN C 215 28.64 -26.66 14.87
N LYS C 216 28.42 -26.81 13.56
CA LYS C 216 29.18 -27.80 12.79
C LYS C 216 30.67 -27.54 12.92
N LYS C 217 31.10 -26.32 12.64
CA LYS C 217 32.51 -26.00 12.67
C LYS C 217 33.05 -26.15 14.08
N PHE C 218 32.26 -25.76 15.07
CA PHE C 218 32.79 -25.87 16.41
C PHE C 218 32.85 -27.33 16.83
N LYS C 219 31.89 -28.17 16.40
CA LYS C 219 31.94 -29.59 16.70
C LYS C 219 33.17 -30.27 16.09
N ALA C 220 33.50 -29.95 14.83
CA ALA C 220 34.71 -30.50 14.20
C ALA C 220 35.97 -30.12 14.97
N HIS C 221 35.92 -29.00 15.66
CA HIS C 221 37.06 -28.39 16.31
C HIS C 221 37.20 -28.76 17.77
N SER C 222 36.32 -29.60 18.29
CA SER C 222 36.27 -29.79 19.73
C SER C 222 35.48 -31.00 20.20
N GLY C 223 34.68 -31.59 19.32
CA GLY C 223 33.92 -32.75 19.70
C GLY C 223 32.64 -32.47 20.49
N VAL C 224 32.31 -31.23 20.76
CA VAL C 224 31.14 -30.96 21.60
C VAL C 224 29.93 -30.71 20.70
N GLU C 225 28.84 -31.44 20.97
CA GLU C 225 27.63 -31.29 20.17
C GLU C 225 26.80 -30.11 20.65
N ALA C 226 25.70 -29.85 19.90
CA ALA C 226 24.99 -28.57 19.99
C ALA C 226 24.35 -28.35 21.36
N GLU C 227 23.81 -29.42 21.97
CA GLU C 227 23.12 -29.29 23.25
C GLU C 227 24.09 -28.85 24.34
N GLY C 228 25.25 -29.54 24.44
CA GLY C 228 26.28 -29.14 25.38
C GLY C 228 26.81 -27.74 25.15
N LEU C 229 26.91 -27.33 23.89
CA LEU C 229 27.22 -25.96 23.56
C LEU C 229 26.10 -25.03 24.01
N ARG C 230 24.82 -25.44 23.82
CA ARG C 230 23.71 -24.60 24.26
C ARG C 230 23.79 -24.40 25.77
N ASP C 231 24.19 -25.42 26.49
CA ASP C 231 24.25 -25.35 27.94
C ASP C 231 25.57 -24.82 28.51
N ASN C 232 26.66 -24.81 27.76
CA ASN C 232 27.87 -24.14 28.21
C ASN C 232 28.51 -23.38 27.04
N PRO C 233 27.86 -22.33 26.59
CA PRO C 233 28.42 -21.51 25.52
C PRO C 233 29.87 -21.13 25.71
N ARG C 234 30.36 -21.14 26.94
CA ARG C 234 31.77 -20.80 27.16
C ARG C 234 32.69 -21.84 26.55
N LEU C 235 32.21 -23.08 26.37
CA LEU C 235 33.03 -24.05 25.65
C LEU C 235 33.47 -23.48 24.31
N ALA C 236 32.67 -22.61 23.72
CA ALA C 236 32.90 -22.09 22.38
C ALA C 236 33.54 -20.71 22.36
N ALA C 237 33.84 -20.13 23.52
CA ALA C 237 34.25 -18.73 23.56
C ALA C 237 35.59 -18.51 22.86
N ASP C 238 36.57 -19.39 23.06
CA ASP C 238 37.83 -19.17 22.39
C ASP C 238 37.68 -19.40 20.89
N PHE C 239 36.84 -20.36 20.51
CA PHE C 239 36.55 -20.57 19.08
C PHE C 239 35.82 -19.36 18.47
N TRP C 240 34.86 -18.78 19.21
CA TRP C 240 34.22 -17.51 18.83
C TRP C 240 35.25 -16.41 18.65
N HIS C 241 36.20 -16.30 19.58
CA HIS C 241 37.16 -15.22 19.46
C HIS C 241 38.03 -15.39 18.22
N GLY C 242 38.30 -16.63 17.82
CA GLY C 242 39.09 -16.90 16.64
C GLY C 242 38.46 -16.50 15.31
N LEU C 243 37.14 -16.47 15.21
CA LEU C 243 36.51 -16.10 13.95
C LEU C 243 35.64 -14.84 14.03
N PHE C 244 35.61 -14.15 15.18
CA PHE C 244 34.71 -13.02 15.35
C PHE C 244 34.97 -11.88 14.38
N GLY C 245 36.25 -11.51 14.22
CA GLY C 245 36.57 -10.23 13.64
C GLY C 245 37.17 -10.37 12.26
N HIS C 246 36.35 -10.13 11.24
CA HIS C 246 36.80 -10.15 9.86
C HIS C 246 36.83 -8.70 9.41
N SER C 247 37.95 -8.29 8.83
CA SER C 247 38.06 -6.92 8.36
C SER C 247 37.36 -6.84 7.02
N VAL C 248 36.22 -6.20 7.02
CA VAL C 248 35.36 -6.24 5.85
C VAL C 248 36.04 -5.46 4.73
N THR C 249 35.97 -5.99 3.53
CA THR C 249 36.48 -5.37 2.32
C THR C 249 35.34 -4.95 1.38
N TRP C 250 35.71 -4.10 0.41
CA TRP C 250 34.74 -3.69 -0.62
C TRP C 250 34.11 -4.89 -1.30
N GLU C 251 34.89 -5.90 -1.60
CA GLU C 251 34.35 -7.03 -2.35
C GLU C 251 33.35 -7.82 -1.51
N ASP C 252 33.58 -7.86 -0.19
CA ASP C 252 32.65 -8.47 0.76
C ASP C 252 31.28 -7.79 0.75
N ILE C 253 31.27 -6.47 0.70
CA ILE C 253 30.02 -5.74 0.58
C ILE C 253 29.30 -6.18 -0.69
N ASP C 254 30.02 -6.15 -1.81
CA ASP C 254 29.49 -6.70 -3.05
C ASP C 254 28.90 -8.09 -2.85
N TRP C 255 29.66 -8.97 -2.21
CA TRP C 255 29.18 -10.32 -2.03
C TRP C 255 27.96 -10.38 -1.13
N VAL C 256 27.85 -9.46 -0.16
CA VAL C 256 26.69 -9.49 0.74
C VAL C 256 25.43 -8.99 0.02
N ARG C 257 25.53 -7.85 -0.70
CA ARG C 257 24.41 -7.34 -1.51
C ARG C 257 23.80 -8.42 -2.40
N SER C 258 24.63 -9.31 -2.90
CA SER C 258 24.13 -10.28 -3.85
C SER C 258 23.43 -11.49 -3.21
N ILE C 259 23.65 -11.78 -1.92
CA ILE C 259 22.99 -12.94 -1.32
C ILE C 259 21.84 -12.56 -0.40
N THR C 260 21.45 -11.28 -0.31
CA THR C 260 20.25 -10.87 0.40
C THR C 260 19.48 -9.80 -0.37
N LYS C 261 18.15 -9.78 -0.17
CA LYS C 261 17.28 -8.70 -0.64
C LYS C 261 17.18 -7.55 0.35
N MET C 262 17.73 -7.74 1.55
CA MET C 262 17.65 -6.73 2.56
C MET C 262 18.47 -5.53 2.12
N PRO C 263 18.02 -4.31 2.40
CA PRO C 263 18.93 -3.17 2.27
C PRO C 263 20.18 -3.34 3.13
N VAL C 264 21.33 -3.04 2.53
CA VAL C 264 22.62 -3.05 3.24
C VAL C 264 23.00 -1.64 3.66
N ILE C 265 23.35 -1.52 4.94
CA ILE C 265 23.69 -0.27 5.60
C ILE C 265 25.06 -0.39 6.28
N LEU C 266 26.01 0.48 5.91
CA LEU C 266 27.36 0.36 6.42
C LEU C 266 27.57 1.31 7.61
N LYS C 267 27.96 0.75 8.75
CA LYS C 267 28.11 1.52 9.97
C LYS C 267 29.58 1.73 10.31
N GLY C 268 29.91 2.97 10.64
CA GLY C 268 31.27 3.39 10.94
C GLY C 268 31.81 4.39 9.96
N ILE C 269 31.10 4.67 8.86
CA ILE C 269 31.59 5.61 7.85
C ILE C 269 31.82 6.99 8.47
N GLN C 270 32.98 7.58 8.19
CA GLN C 270 33.17 8.93 8.66
C GLN C 270 33.69 9.83 7.57
N HIS C 271 34.38 9.21 6.63
CA HIS C 271 35.04 10.03 5.61
C HIS C 271 34.14 10.10 4.37
N PRO C 272 34.00 11.31 3.74
CA PRO C 272 33.09 11.43 2.58
C PRO C 272 33.42 10.53 1.40
N ASP C 273 34.71 10.31 1.11
CA ASP C 273 35.06 9.42 0.00
C ASP C 273 34.59 7.98 0.30
N ASP C 274 34.60 7.58 1.58
CA ASP C 274 34.17 6.22 1.89
C ASP C 274 32.67 6.11 1.64
N ALA C 275 31.95 7.18 1.90
CA ALA C 275 30.51 7.18 1.71
C ALA C 275 30.16 7.23 0.22
N ARG C 276 30.72 8.24 -0.48
CA ARG C 276 30.54 8.35 -1.92
C ARG C 276 30.83 7.04 -2.61
N ARG C 277 31.90 6.36 -2.21
CA ARG C 277 32.22 5.10 -2.85
C ARG C 277 31.20 4.02 -2.48
N ALA C 278 30.72 4.02 -1.24
CA ALA C 278 29.65 3.10 -0.85
C ALA C 278 28.43 3.31 -1.71
N VAL C 279 27.96 4.55 -1.77
CA VAL C 279 26.75 4.87 -2.52
C VAL C 279 26.90 4.48 -4.00
N ASP C 280 28.09 4.61 -4.58
CA ASP C 280 28.24 4.19 -5.96
C ASP C 280 28.30 2.67 -6.09
N SER C 281 28.74 1.96 -5.04
CA SER C 281 28.60 0.52 -5.00
C SER C 281 27.15 0.07 -5.09
N GLY C 282 26.19 0.93 -4.78
CA GLY C 282 24.81 0.51 -4.63
C GLY C 282 24.43 0.16 -3.21
N VAL C 283 25.26 0.50 -2.25
CA VAL C 283 24.91 0.38 -0.84
C VAL C 283 23.67 1.21 -0.56
N ASP C 284 22.78 0.67 0.24
CA ASP C 284 21.46 1.25 0.48
C ASP C 284 21.44 2.29 1.58
N GLY C 285 22.34 2.21 2.56
CA GLY C 285 22.35 3.18 3.63
C GLY C 285 23.74 3.46 4.17
N ILE C 286 23.93 4.71 4.63
CA ILE C 286 25.19 5.13 5.23
C ILE C 286 24.94 5.42 6.68
N TYR C 287 25.74 4.84 7.54
CA TYR C 287 25.49 4.90 8.98
C TYR C 287 26.75 5.54 9.51
N CYS C 288 26.68 6.89 9.63
CA CYS C 288 27.78 7.69 10.12
C CYS C 288 27.89 7.52 11.61
N SER C 289 29.09 7.12 12.05
CA SER C 289 29.29 6.64 13.41
C SER C 289 30.77 6.49 13.67
N ASN C 290 31.18 6.74 14.92
CA ASN C 290 32.51 6.32 15.34
C ASN C 290 32.41 5.40 16.56
N HIS C 291 31.27 4.70 16.67
CA HIS C 291 31.05 3.70 17.69
C HIS C 291 31.17 4.30 19.09
N GLY C 292 30.75 5.57 19.26
CA GLY C 292 30.78 6.25 20.55
C GLY C 292 32.18 6.41 21.12
N GLY C 293 33.20 6.38 20.30
CA GLY C 293 34.52 6.56 20.80
C GLY C 293 35.03 5.36 21.51
N ARG C 294 34.42 4.20 21.29
CA ARG C 294 34.68 3.04 22.11
C ARG C 294 35.75 2.14 21.55
N GLN C 295 36.03 2.25 20.25
CA GLN C 295 36.97 1.39 19.58
C GLN C 295 38.30 2.05 19.25
N ALA C 296 38.36 3.36 19.14
CA ALA C 296 39.53 4.06 18.63
C ALA C 296 39.50 5.49 19.20
N ASN C 297 40.59 5.94 19.78
CA ASN C 297 40.55 7.26 20.39
C ASN C 297 41.23 8.28 19.48
N GLY C 298 40.84 8.27 18.21
CA GLY C 298 41.52 9.12 17.25
C GLY C 298 41.20 10.59 17.42
N GLY C 299 40.07 10.92 18.07
CA GLY C 299 39.77 12.28 18.44
C GLY C 299 38.80 13.04 17.55
N LEU C 300 38.31 12.47 16.47
CA LEU C 300 37.42 13.23 15.58
C LEU C 300 35.96 13.05 16.00
N PRO C 301 35.28 14.09 16.44
CA PRO C 301 33.89 13.93 16.84
C PRO C 301 33.06 13.46 15.67
N ALA C 302 32.22 12.47 15.90
CA ALA C 302 31.43 11.95 14.79
C ALA C 302 30.57 13.03 14.12
N LEU C 303 30.02 13.95 14.93
CA LEU C 303 29.20 15.04 14.39
C LEU C 303 29.97 15.97 13.42
N ASP C 304 31.26 16.20 13.65
CA ASP C 304 32.05 16.96 12.69
C ASP C 304 32.02 16.31 11.29
N CYS C 305 31.84 15.00 11.20
CA CYS C 305 31.84 14.27 9.94
C CYS C 305 30.49 14.19 9.24
N LEU C 306 29.35 14.41 9.96
CA LEU C 306 28.02 14.16 9.39
C LEU C 306 27.72 15.06 8.19
N PRO C 307 27.79 16.37 8.31
CA PRO C 307 27.46 17.23 7.14
C PRO C 307 28.13 16.79 5.85
N GLU C 308 29.42 16.51 5.86
CA GLU C 308 30.06 16.11 4.62
CA GLU C 308 30.06 16.11 4.62
C GLU C 308 29.71 14.66 4.25
N VAL C 309 29.34 13.83 5.21
CA VAL C 309 28.88 12.51 4.80
C VAL C 309 27.49 12.57 4.19
N VAL C 310 26.63 13.45 4.70
CA VAL C 310 25.32 13.64 4.08
C VAL C 310 25.46 14.11 2.65
N LYS C 311 26.39 15.04 2.39
CA LYS C 311 26.53 15.62 1.05
C LYS C 311 27.10 14.61 0.07
N ALA C 312 28.04 13.77 0.52
CA ALA C 312 28.63 12.78 -0.36
C ALA C 312 27.70 11.64 -0.68
N SER C 313 26.67 11.45 0.13
CA SER C 313 25.78 10.33 -0.07
C SER C 313 24.58 10.66 -0.92
N GLY C 314 24.41 11.93 -1.32
CA GLY C 314 23.32 12.31 -2.23
C GLY C 314 21.97 11.83 -1.76
N ASP C 315 21.33 10.96 -2.52
CA ASP C 315 19.98 10.52 -2.23
C ASP C 315 19.90 9.38 -1.22
N THR C 316 21.02 8.71 -0.96
CA THR C 316 21.00 7.59 -0.05
C THR C 316 20.85 8.04 1.39
N PRO C 317 19.99 7.40 2.18
CA PRO C 317 19.78 7.85 3.56
C PRO C 317 21.04 7.70 4.41
N VAL C 318 21.21 8.61 5.35
CA VAL C 318 22.34 8.55 6.26
C VAL C 318 21.75 8.42 7.66
N LEU C 319 22.14 7.35 8.37
CA LEU C 319 21.89 7.31 9.79
C LEU C 319 23.11 7.83 10.52
N PHE C 320 22.87 8.35 11.75
CA PHE C 320 23.88 8.97 12.58
C PHE C 320 23.79 8.47 14.02
N ASP C 321 24.92 8.10 14.60
CA ASP C 321 25.02 7.96 16.05
C ASP C 321 26.40 8.45 16.47
N SER C 322 26.54 8.53 17.82
CA SER C 322 27.75 8.78 18.60
C SER C 322 27.70 10.17 19.24
N GLY C 323 27.21 10.25 20.48
CA GLY C 323 27.17 11.49 21.21
C GLY C 323 25.78 11.99 21.52
N ILE C 324 24.74 11.34 21.03
CA ILE C 324 23.38 11.77 21.29
C ILE C 324 23.07 11.50 22.75
N ARG C 325 22.73 12.54 23.50
CA ARG C 325 22.35 12.40 24.89
C ARG C 325 20.98 12.97 25.17
N THR C 326 20.52 13.94 24.37
CA THR C 326 19.20 14.49 24.57
C THR C 326 18.51 14.68 23.22
N GLY C 327 17.23 15.07 23.31
CA GLY C 327 16.41 15.40 22.17
C GLY C 327 16.85 16.63 21.45
N ALA C 328 17.60 17.49 22.13
CA ALA C 328 18.25 18.60 21.44
C ALA C 328 19.31 18.10 20.48
N ASP C 329 20.09 17.06 20.91
CA ASP C 329 21.09 16.48 20.03
C ASP C 329 20.45 15.84 18.81
N VAL C 330 19.36 15.13 19.03
CA VAL C 330 18.56 14.52 17.97
C VAL C 330 18.19 15.58 16.95
N VAL C 331 17.59 16.69 17.38
CA VAL C 331 17.15 17.73 16.44
C VAL C 331 18.33 18.21 15.59
N LYS C 332 19.47 18.48 16.24
CA LYS C 332 20.64 19.03 15.58
C LYS C 332 21.19 18.10 14.52
N ALA C 333 21.25 16.81 14.82
CA ALA C 333 21.81 15.89 13.84
C ALA C 333 20.86 15.68 12.68
N LEU C 334 19.55 15.61 12.96
CA LEU C 334 18.58 15.63 11.87
C LEU C 334 18.78 16.88 11.04
N ALA C 335 19.01 18.04 11.69
CA ALA C 335 19.09 19.29 10.96
C ALA C 335 20.27 19.27 10.01
N MET C 336 21.37 18.63 10.43
CA MET C 336 22.54 18.49 9.55
C MET C 336 22.33 17.50 8.43
N GLY C 337 21.20 16.77 8.38
CA GLY C 337 20.89 15.92 7.25
C GLY C 337 20.87 14.45 7.58
N ALA C 338 21.04 14.07 8.84
CA ALA C 338 20.70 12.72 9.22
C ALA C 338 19.21 12.48 8.98
N SER C 339 18.89 11.39 8.28
CA SER C 339 17.52 10.96 8.12
C SER C 339 16.98 10.27 9.36
N ALA C 340 17.85 9.61 10.14
CA ALA C 340 17.47 9.01 11.41
C ALA C 340 18.67 8.95 12.34
N VAL C 341 18.42 8.99 13.64
CA VAL C 341 19.44 9.20 14.67
C VAL C 341 19.40 8.03 15.64
N GLY C 342 20.56 7.48 15.97
CA GLY C 342 20.68 6.33 16.87
C GLY C 342 21.04 6.71 18.29
N ILE C 343 20.46 5.99 19.25
CA ILE C 343 20.71 6.18 20.66
C ILE C 343 21.47 4.96 21.17
N GLY C 344 22.56 5.18 21.88
CA GLY C 344 23.26 4.07 22.54
C GLY C 344 23.24 4.20 24.06
N ARG C 345 24.30 4.75 24.62
CA ARG C 345 24.45 4.84 26.07
C ARG C 345 23.18 5.24 26.83
N PRO C 346 22.33 6.19 26.33
CA PRO C 346 21.13 6.53 27.10
C PRO C 346 20.18 5.37 27.37
N TYR C 347 19.92 4.51 26.40
CA TYR C 347 19.00 3.39 26.64
C TYR C 347 19.61 2.25 27.42
N ALA C 348 20.93 2.11 27.44
CA ALA C 348 21.55 1.17 28.36
C ALA C 348 21.29 1.55 29.80
N TRP C 349 21.38 2.83 30.09
CA TRP C 349 21.02 3.31 31.42
C TRP C 349 19.54 3.08 31.66
N GLY C 350 18.73 3.24 30.60
CA GLY C 350 17.32 2.92 30.75
C GLY C 350 17.11 1.50 31.23
N ALA C 351 17.83 0.53 30.59
CA ALA C 351 17.68 -0.87 30.95
C ALA C 351 18.05 -1.13 32.40
N ALA C 352 19.12 -0.45 32.86
CA ALA C 352 19.71 -0.69 34.19
C ALA C 352 18.80 -0.21 35.29
N LEU C 353 17.84 0.65 34.97
CA LEU C 353 16.95 1.26 35.92
C LEU C 353 15.49 0.85 35.77
N GLY C 354 14.99 0.50 34.58
CA GLY C 354 13.59 0.14 34.40
C GLY C 354 13.32 -1.05 33.48
N GLY C 355 14.36 -1.69 32.97
CA GLY C 355 14.18 -2.70 31.97
C GLY C 355 13.41 -2.15 30.80
N SER C 356 12.39 -2.86 30.36
CA SER C 356 11.73 -2.46 29.15
C SER C 356 11.12 -1.09 29.30
N LYS C 357 10.54 -0.84 30.47
CA LYS C 357 9.86 0.43 30.71
C LYS C 357 10.86 1.56 30.89
N GLY C 358 12.05 1.25 31.42
CA GLY C 358 13.10 2.23 31.52
C GLY C 358 13.62 2.60 30.15
N ILE C 359 13.76 1.60 29.28
CA ILE C 359 14.15 1.88 27.91
C ILE C 359 13.10 2.71 27.21
N GLU C 360 11.84 2.32 27.35
CA GLU C 360 10.78 3.06 26.69
C GLU C 360 10.79 4.52 27.16
N HIS C 361 11.01 4.75 28.45
CA HIS C 361 10.99 6.10 28.99
C HIS C 361 12.09 6.97 28.40
N VAL C 362 13.30 6.42 28.26
CA VAL C 362 14.38 7.19 27.64
C VAL C 362 14.00 7.57 26.23
N ALA C 363 13.50 6.61 25.47
CA ALA C 363 13.16 6.86 24.08
C ALA C 363 12.04 7.93 23.96
N ARG C 364 10.98 7.83 24.78
CA ARG C 364 9.86 8.78 24.71
C ARG C 364 10.23 10.14 25.26
N SER C 365 11.16 10.19 26.22
CA SER C 365 11.69 11.46 26.69
C SER C 365 12.50 12.17 25.61
N LEU C 366 13.44 11.43 24.96
CA LEU C 366 14.24 12.00 23.89
C LEU C 366 13.33 12.56 22.82
N LEU C 367 12.34 11.77 22.39
CA LEU C 367 11.43 12.21 21.31
C LEU C 367 10.49 13.29 21.78
N ALA C 368 10.08 13.28 23.07
CA ALA C 368 9.29 14.39 23.57
C ALA C 368 10.10 15.66 23.50
N GLU C 369 11.37 15.62 23.93
CA GLU C 369 12.12 16.86 23.88
C GLU C 369 12.27 17.32 22.44
N ALA C 370 12.67 16.41 21.56
CA ALA C 370 12.94 16.81 20.18
C ALA C 370 11.73 17.47 19.58
N ASP C 371 10.56 16.84 19.77
CA ASP C 371 9.34 17.36 19.19
C ASP C 371 9.00 18.74 19.74
N LEU C 372 9.19 18.93 21.06
CA LEU C 372 8.79 20.17 21.71
C LEU C 372 9.66 21.33 21.27
N ILE C 373 10.94 21.05 21.04
CA ILE C 373 11.84 22.04 20.45
C ILE C 373 11.37 22.45 19.06
N MET C 374 11.14 21.48 18.18
CA MET C 374 10.56 21.79 16.90
C MET C 374 9.28 22.60 17.05
N ALA C 375 8.40 22.20 17.95
CA ALA C 375 7.15 22.95 18.15
C ALA C 375 7.46 24.38 18.56
N VAL C 376 8.24 24.55 19.63
CA VAL C 376 8.52 25.90 20.12
C VAL C 376 9.30 26.74 19.09
N ASP C 377 10.26 26.12 18.39
CA ASP C 377 11.20 26.89 17.57
C ASP C 377 10.79 26.91 16.09
N GLY C 378 9.64 26.35 15.76
CA GLY C 378 9.00 26.64 14.46
C GLY C 378 9.31 25.72 13.29
N TYR C 379 9.57 24.45 13.55
CA TYR C 379 9.90 23.48 12.52
C TYR C 379 8.83 22.40 12.57
N ARG C 380 7.94 22.43 11.61
CA ARG C 380 6.79 21.57 11.59
C ARG C 380 7.10 20.13 11.19
N ASN C 381 8.20 19.88 10.50
CA ASN C 381 8.52 18.54 10.03
C ASN C 381 10.02 18.48 9.73
N LEU C 382 10.49 17.30 9.32
CA LEU C 382 11.92 17.13 9.13
C LEU C 382 12.45 17.79 7.86
N LYS C 383 11.59 18.01 6.86
CA LYS C 383 12.04 18.68 5.65
C LYS C 383 12.39 20.14 5.93
N GLU C 384 11.77 20.77 6.92
CA GLU C 384 12.05 22.16 7.26
C GLU C 384 13.23 22.35 8.19
N LEU C 385 13.60 21.30 8.89
CA LEU C 385 14.75 21.33 9.75
C LEU C 385 15.92 20.95 8.87
N THR C 386 16.66 21.94 8.39
CA THR C 386 17.82 21.74 7.53
C THR C 386 19.05 22.41 8.13
N ILE C 387 20.18 22.29 7.46
CA ILE C 387 21.44 22.71 8.08
C ILE C 387 21.45 24.21 8.16
N ASP C 388 20.58 24.88 7.40
CA ASP C 388 20.47 26.33 7.39
C ASP C 388 19.74 26.89 8.60
N ALA C 389 19.04 26.04 9.34
CA ALA C 389 18.49 26.41 10.64
C ALA C 389 19.48 26.39 11.79
N LEU C 390 20.71 25.89 11.57
CA LEU C 390 21.73 25.82 12.62
C LEU C 390 22.70 26.98 12.50
N ARG C 391 23.33 27.30 13.62
CA ARG C 391 24.36 28.32 13.66
C ARG C 391 25.45 27.69 14.52
N PRO C 392 26.71 27.83 14.10
CA PRO C 392 27.82 27.46 14.98
C PRO C 392 27.83 28.40 16.16
N THR C 393 28.18 27.86 17.33
CA THR C 393 28.13 28.64 18.56
C THR C 393 29.42 28.43 19.35
N ARG C 394 29.83 29.45 20.09
CA ARG C 394 30.96 29.33 20.94
C ARG C 394 30.60 28.26 21.94
N MET D 1 -17.64 -22.24 -18.30
CA MET D 1 -19.04 -21.68 -18.52
C MET D 1 -19.40 -21.63 -20.01
N SER D 2 -18.60 -20.97 -20.84
CA SER D 2 -18.82 -20.90 -22.28
C SER D 2 -20.18 -20.33 -22.71
N ASN D 3 -21.29 -20.85 -22.20
CA ASN D 3 -22.62 -20.37 -22.58
C ASN D 3 -23.13 -19.45 -21.47
N TRP D 4 -23.30 -18.17 -21.78
CA TRP D 4 -23.69 -17.31 -20.68
C TRP D 4 -25.13 -17.43 -20.35
N GLY D 5 -25.74 -18.54 -20.77
CA GLY D 5 -26.99 -19.02 -20.21
C GLY D 5 -26.58 -19.87 -19.04
N ASP D 6 -25.88 -19.20 -18.09
CA ASP D 6 -25.16 -19.79 -16.98
C ASP D 6 -26.06 -19.91 -15.75
N TYR D 7 -25.46 -20.29 -14.61
CA TYR D 7 -26.12 -20.24 -13.29
C TYR D 7 -27.54 -20.79 -13.29
N GLU D 8 -27.84 -21.76 -14.14
CA GLU D 8 -29.16 -22.40 -14.06
C GLU D 8 -28.95 -23.86 -13.66
N ASN D 9 -28.36 -24.68 -14.54
CA ASN D 9 -27.97 -26.03 -14.18
C ASN D 9 -26.87 -26.03 -13.12
N GLU D 10 -26.10 -24.95 -13.01
CA GLU D 10 -25.08 -24.82 -11.96
C GLU D 10 -25.67 -24.39 -10.62
N ILE D 11 -26.98 -24.09 -10.55
CA ILE D 11 -27.71 -23.89 -9.29
C ILE D 11 -29.18 -24.30 -9.41
N TYR D 12 -29.43 -25.42 -10.10
CA TYR D 12 -30.59 -26.26 -9.84
C TYR D 12 -30.34 -27.63 -10.44
N GLY D 13 -29.07 -27.97 -10.71
CA GLY D 13 -28.65 -29.19 -11.35
C GLY D 13 -27.82 -30.10 -10.48
N GLN D 14 -27.46 -29.63 -9.28
CA GLN D 14 -27.12 -30.54 -8.19
C GLN D 14 -28.37 -30.92 -7.38
N GLY D 15 -29.56 -30.68 -7.96
CA GLY D 15 -30.86 -30.95 -7.36
C GLY D 15 -31.40 -32.33 -7.69
N LEU D 16 -30.52 -33.31 -7.55
CA LEU D 16 -30.81 -34.73 -7.54
C LEU D 16 -30.09 -35.43 -6.40
N VAL D 17 -29.05 -34.80 -5.85
CA VAL D 17 -28.23 -35.26 -4.73
C VAL D 17 -28.73 -34.56 -3.47
N GLY D 18 -29.32 -33.38 -3.62
CA GLY D 18 -29.93 -32.69 -2.51
C GLY D 18 -31.03 -31.77 -2.98
N VAL D 19 -32.05 -31.60 -2.12
CA VAL D 19 -33.20 -30.73 -2.40
C VAL D 19 -33.30 -29.66 -1.30
N ALA D 20 -32.49 -28.55 -1.43
CA ALA D 20 -32.64 -27.30 -0.67
C ALA D 20 -32.41 -26.11 -1.61
N PRO D 21 -33.03 -26.15 -2.83
CA PRO D 21 -32.97 -25.02 -3.78
C PRO D 21 -32.06 -23.85 -3.48
N THR D 22 -30.85 -23.98 -4.03
CA THR D 22 -29.66 -23.21 -3.70
C THR D 22 -29.68 -21.78 -4.25
N LEU D 23 -30.59 -20.95 -3.66
CA LEU D 23 -30.65 -19.48 -3.72
C LEU D 23 -32.07 -19.02 -4.02
N PRO D 24 -32.41 -17.76 -3.73
CA PRO D 24 -33.63 -17.18 -4.29
C PRO D 24 -33.40 -16.82 -5.76
N MET D 25 -34.38 -17.14 -6.59
CA MET D 25 -34.10 -17.10 -8.01
CA MET D 25 -34.27 -17.19 -8.04
C MET D 25 -34.62 -15.87 -8.71
N SER D 26 -35.76 -15.29 -8.33
CA SER D 26 -36.39 -14.20 -9.06
C SER D 26 -36.22 -12.86 -8.36
N TYR D 27 -36.47 -11.79 -9.14
CA TYR D 27 -36.41 -10.45 -8.58
C TYR D 27 -37.49 -10.24 -7.54
N ALA D 28 -38.68 -10.79 -7.77
CA ALA D 28 -39.69 -10.86 -6.72
C ALA D 28 -39.06 -11.40 -5.43
N ASP D 29 -38.28 -12.48 -5.55
CA ASP D 29 -37.63 -13.10 -4.41
C ASP D 29 -36.52 -12.19 -3.86
N TRP D 30 -35.63 -11.69 -4.72
CA TRP D 30 -34.53 -10.86 -4.22
C TRP D 30 -35.07 -9.72 -3.38
N GLU D 31 -36.01 -8.97 -3.93
CA GLU D 31 -36.65 -7.89 -3.19
C GLU D 31 -37.30 -8.43 -1.92
N ALA D 32 -38.00 -9.55 -2.03
CA ALA D 32 -38.61 -10.12 -0.83
C ALA D 32 -37.55 -10.32 0.25
N HIS D 33 -36.49 -11.07 -0.07
CA HIS D 33 -35.34 -11.18 0.82
C HIS D 33 -34.85 -9.80 1.27
N ALA D 34 -34.97 -8.78 0.42
CA ALA D 34 -34.36 -7.50 0.76
C ALA D 34 -35.19 -6.75 1.78
N GLN D 35 -36.52 -6.82 1.71
CA GLN D 35 -37.37 -6.12 2.65
C GLN D 35 -37.37 -6.77 4.04
N GLN D 36 -37.01 -8.04 4.15
CA GLN D 36 -37.01 -8.77 5.41
C GLN D 36 -35.63 -8.84 6.07
N ALA D 37 -34.65 -8.17 5.49
CA ALA D 37 -33.33 -7.98 6.09
C ALA D 37 -33.02 -6.52 6.32
N LEU D 38 -33.21 -5.69 5.28
CA LEU D 38 -32.96 -4.25 5.35
C LEU D 38 -33.81 -3.63 6.45
N PRO D 39 -33.27 -2.64 7.15
CA PRO D 39 -34.06 -1.82 8.06
C PRO D 39 -35.05 -0.93 7.29
N PRO D 40 -36.09 -0.43 7.99
CA PRO D 40 -37.11 0.38 7.29
C PRO D 40 -36.54 1.62 6.59
N GLY D 41 -35.63 2.35 7.24
CA GLY D 41 -35.10 3.54 6.61
C GLY D 41 -34.37 3.21 5.32
N VAL D 42 -33.40 2.29 5.39
CA VAL D 42 -32.55 1.96 4.26
C VAL D 42 -33.35 1.24 3.17
N LEU D 43 -34.22 0.32 3.57
CA LEU D 43 -35.14 -0.26 2.59
C LEU D 43 -35.88 0.85 1.84
N SER D 44 -36.38 1.85 2.58
CA SER D 44 -37.13 2.92 1.95
C SER D 44 -36.23 3.73 1.01
N TYR D 45 -35.02 4.09 1.43
CA TYR D 45 -34.18 4.86 0.51
C TYR D 45 -33.97 4.10 -0.79
N VAL D 46 -33.71 2.79 -0.71
CA VAL D 46 -33.35 2.04 -1.91
C VAL D 46 -34.58 1.70 -2.75
N ALA D 47 -35.69 1.35 -2.11
CA ALA D 47 -36.85 0.96 -2.88
C ALA D 47 -37.57 2.17 -3.41
N GLY D 48 -37.30 3.33 -2.81
CA GLY D 48 -38.12 4.51 -3.06
C GLY D 48 -38.06 5.04 -4.48
N GLY D 49 -39.22 5.55 -4.93
CA GLY D 49 -39.30 6.39 -6.10
C GLY D 49 -39.90 7.74 -5.76
N SER D 50 -39.84 8.65 -6.71
CA SER D 50 -40.17 10.06 -6.50
C SER D 50 -41.68 10.29 -6.48
N GLY D 51 -42.17 10.90 -5.40
CA GLY D 51 -43.61 11.17 -5.28
C GLY D 51 -44.40 9.91 -4.95
N ASP D 52 -45.40 9.59 -5.79
CA ASP D 52 -46.20 8.38 -5.69
C ASP D 52 -45.72 7.23 -6.59
N GLU D 53 -44.56 7.38 -7.24
CA GLU D 53 -43.74 6.31 -7.85
C GLU D 53 -44.31 5.82 -9.18
N HIS D 54 -45.27 6.54 -9.76
CA HIS D 54 -45.80 6.15 -11.08
C HIS D 54 -44.70 6.06 -12.14
N THR D 55 -43.76 7.01 -12.16
CA THR D 55 -42.64 6.93 -13.09
C THR D 55 -41.65 5.83 -12.68
N GLN D 56 -41.39 5.70 -11.38
CA GLN D 56 -40.67 4.53 -10.91
C GLN D 56 -41.31 3.24 -11.46
N ARG D 57 -42.64 3.20 -11.51
CA ARG D 57 -43.33 1.95 -11.85
C ARG D 57 -43.43 1.78 -13.35
N ALA D 58 -43.68 2.86 -14.08
CA ALA D 58 -43.84 2.75 -15.51
C ALA D 58 -42.56 2.26 -16.16
N ASN D 59 -41.39 2.48 -15.53
CA ASN D 59 -40.16 1.93 -16.11
C ASN D 59 -40.27 0.41 -16.17
N VAL D 60 -41.09 -0.16 -15.29
CA VAL D 60 -41.29 -1.60 -15.26
C VAL D 60 -42.48 -2.01 -16.12
N GLU D 61 -43.58 -1.27 -16.04
CA GLU D 61 -44.74 -1.60 -16.86
C GLU D 61 -44.32 -1.70 -18.31
N ALA D 62 -43.43 -0.80 -18.73
CA ALA D 62 -43.16 -0.66 -20.15
C ALA D 62 -42.73 -2.00 -20.73
N PHE D 63 -42.03 -2.82 -19.94
CA PHE D 63 -41.42 -4.03 -20.47
C PHE D 63 -42.43 -5.10 -20.83
N LYS D 64 -43.63 -5.06 -20.25
CA LYS D 64 -44.70 -6.00 -20.50
C LYS D 64 -45.49 -5.71 -21.77
N HIS D 65 -45.13 -4.66 -22.51
CA HIS D 65 -45.83 -4.30 -23.75
C HIS D 65 -44.94 -4.46 -24.97
N TRP D 66 -43.85 -5.18 -24.82
CA TRP D 66 -43.03 -5.57 -25.96
C TRP D 66 -42.90 -7.08 -25.94
N GLY D 67 -42.63 -7.62 -27.12
CA GLY D 67 -42.54 -9.05 -27.28
C GLY D 67 -41.53 -9.41 -28.35
N LEU D 68 -40.65 -10.36 -28.02
CA LEU D 68 -39.64 -10.84 -28.94
C LEU D 68 -40.21 -11.97 -29.78
N MET D 69 -40.07 -11.82 -31.10
CA MET D 69 -40.55 -12.85 -32.04
C MET D 69 -39.62 -14.06 -32.04
N PRO D 70 -40.13 -15.26 -31.73
CA PRO D 70 -39.27 -16.46 -31.80
C PRO D 70 -39.03 -16.88 -33.23
N ARG D 71 -37.77 -17.21 -33.54
CA ARG D 71 -37.36 -17.74 -34.84
C ARG D 71 -36.89 -19.19 -34.64
N MET D 72 -37.52 -20.13 -35.35
CA MET D 72 -37.15 -21.54 -35.22
C MET D 72 -36.07 -21.87 -36.26
N LEU D 73 -35.78 -23.14 -36.46
CA LEU D 73 -34.63 -23.58 -37.21
C LEU D 73 -33.51 -22.53 -37.30
N MET D 74 -33.21 -21.86 -36.20
CA MET D 74 -32.05 -20.97 -36.16
C MET D 74 -30.84 -21.60 -35.47
N ALA D 75 -31.06 -22.67 -34.67
CA ALA D 75 -29.99 -23.58 -34.22
C ALA D 75 -28.81 -22.83 -33.60
N ALA D 76 -29.13 -21.80 -32.82
CA ALA D 76 -28.12 -20.99 -32.15
C ALA D 76 -27.65 -21.81 -30.95
N THR D 77 -26.58 -22.58 -31.15
CA THR D 77 -26.08 -23.49 -30.13
C THR D 77 -25.01 -22.84 -29.24
N GLU D 78 -24.26 -21.87 -29.79
CA GLU D 78 -23.28 -21.09 -29.06
C GLU D 78 -23.67 -19.62 -29.21
N ARG D 79 -23.67 -18.89 -28.09
CA ARG D 79 -24.19 -17.53 -28.08
C ARG D 79 -23.06 -16.52 -27.83
N ASP D 80 -23.24 -15.33 -28.42
CA ASP D 80 -22.24 -14.25 -28.44
C ASP D 80 -22.93 -12.99 -27.91
N LEU D 81 -22.92 -12.80 -26.59
CA LEU D 81 -23.55 -11.64 -25.97
C LEU D 81 -22.56 -10.54 -25.64
N SER D 82 -21.31 -10.68 -26.08
CA SER D 82 -20.30 -9.67 -25.80
C SER D 82 -20.48 -8.42 -26.66
N VAL D 83 -19.91 -7.34 -26.17
CA VAL D 83 -19.99 -6.03 -26.80
C VAL D 83 -18.67 -5.31 -26.56
N GLU D 84 -18.31 -4.45 -27.51
CA GLU D 84 -17.05 -3.71 -27.48
C GLU D 84 -17.40 -2.23 -27.36
N LEU D 85 -16.92 -1.60 -26.28
CA LEU D 85 -17.32 -0.23 -25.90
C LEU D 85 -16.10 0.61 -25.51
N TRP D 86 -15.56 1.39 -26.45
CA TRP D 86 -14.48 2.32 -26.14
C TRP D 86 -13.18 1.60 -25.79
N GLY D 87 -12.62 0.85 -26.74
CA GLY D 87 -11.33 0.20 -26.57
C GLY D 87 -11.31 -1.12 -25.79
N LYS D 88 -12.37 -1.42 -25.00
CA LYS D 88 -12.44 -2.59 -24.14
C LYS D 88 -13.65 -3.46 -24.50
N THR D 89 -13.51 -4.78 -24.29
CA THR D 89 -14.60 -5.73 -24.55
C THR D 89 -15.22 -6.16 -23.23
N TRP D 90 -16.56 -6.08 -23.15
CA TRP D 90 -17.33 -6.63 -22.04
C TRP D 90 -17.76 -8.05 -22.40
N ALA D 91 -17.48 -9.02 -21.52
CA ALA D 91 -18.05 -10.36 -21.71
C ALA D 91 -19.56 -10.27 -21.85
N ALA D 92 -20.16 -9.19 -21.28
CA ALA D 92 -21.59 -8.99 -21.16
C ALA D 92 -22.05 -7.68 -21.75
N PRO D 93 -23.36 -7.57 -22.10
CA PRO D 93 -23.96 -6.26 -22.37
C PRO D 93 -24.70 -5.75 -21.14
N MET D 94 -24.06 -5.95 -19.99
CA MET D 94 -24.66 -5.65 -18.70
C MET D 94 -23.61 -5.04 -17.79
N PHE D 95 -24.09 -4.19 -16.87
CA PHE D 95 -23.20 -3.49 -15.96
C PHE D 95 -24.00 -3.09 -14.72
N PHE D 96 -23.31 -3.04 -13.60
CA PHE D 96 -23.94 -2.57 -12.37
C PHE D 96 -23.99 -1.06 -12.40
N ALA D 97 -25.21 -0.49 -12.36
CA ALA D 97 -25.39 0.96 -12.39
C ALA D 97 -24.96 1.60 -11.08
N PRO D 98 -24.61 2.89 -11.10
CA PRO D 98 -24.11 3.54 -9.88
C PRO D 98 -25.12 3.56 -8.73
N ILE D 99 -24.62 3.22 -7.54
CA ILE D 99 -25.45 3.35 -6.34
C ILE D 99 -24.65 3.86 -5.15
N GLY D 100 -24.86 5.15 -4.82
CA GLY D 100 -24.08 5.80 -3.78
C GLY D 100 -24.02 5.06 -2.45
N VAL D 101 -25.10 4.36 -2.08
CA VAL D 101 -25.25 3.79 -0.75
C VAL D 101 -25.19 2.26 -0.74
N ILE D 102 -24.84 1.63 -1.87
CA ILE D 102 -24.66 0.18 -1.93
C ILE D 102 -23.81 -0.34 -0.76
N ALA D 103 -22.75 0.40 -0.41
CA ALA D 103 -21.98 0.05 0.76
C ALA D 103 -22.89 -0.23 1.95
N LEU D 104 -24.03 0.45 2.04
CA LEU D 104 -24.97 0.30 3.17
C LEU D 104 -25.91 -0.91 3.04
N CYS D 105 -25.91 -1.59 1.91
CA CYS D 105 -26.86 -2.64 1.62
C CYS D 105 -26.34 -4.02 2.00
N ALA D 106 -25.05 -4.15 2.33
CA ALA D 106 -24.45 -5.43 2.68
C ALA D 106 -24.16 -5.53 4.18
N GLN D 107 -24.12 -6.79 4.63
CA GLN D 107 -24.03 -7.10 6.04
C GLN D 107 -22.72 -6.62 6.65
N ASP D 108 -21.67 -6.45 5.81
CA ASP D 108 -20.34 -6.05 6.25
C ASP D 108 -20.07 -4.55 6.15
N GLY D 109 -21.05 -3.77 5.67
CA GLY D 109 -20.85 -2.36 5.35
C GLY D 109 -19.99 -2.09 4.14
N HIS D 110 -19.52 -3.12 3.46
CA HIS D 110 -18.70 -2.93 2.27
C HIS D 110 -19.36 -3.63 1.09
N GLY D 111 -20.64 -3.28 0.85
CA GLY D 111 -21.34 -3.72 -0.34
C GLY D 111 -20.74 -3.22 -1.66
N ASP D 112 -19.98 -2.10 -1.63
CA ASP D 112 -19.42 -1.50 -2.85
C ASP D 112 -18.21 -2.26 -3.42
N ALA D 113 -17.25 -2.67 -2.57
CA ALA D 113 -16.22 -3.60 -3.01
C ALA D 113 -16.75 -5.02 -3.18
N ALA D 114 -17.83 -5.37 -2.49
CA ALA D 114 -18.52 -6.62 -2.80
C ALA D 114 -19.08 -6.60 -4.22
N SER D 115 -19.46 -5.41 -4.74
CA SER D 115 -20.02 -5.28 -6.09
C SER D 115 -18.89 -5.33 -7.15
N ALA D 116 -17.72 -4.74 -6.84
CA ALA D 116 -16.59 -4.83 -7.76
C ALA D 116 -15.95 -6.23 -7.72
N GLN D 117 -15.91 -6.85 -6.54
CA GLN D 117 -15.55 -8.27 -6.46
C GLN D 117 -16.46 -9.12 -7.34
N ALA D 118 -17.80 -8.97 -7.19
CA ALA D 118 -18.69 -9.70 -8.09
C ALA D 118 -18.46 -9.30 -9.54
N SER D 119 -18.24 -8.00 -9.81
CA SER D 119 -17.80 -7.56 -11.12
C SER D 119 -16.53 -8.27 -11.56
N ALA D 120 -15.57 -8.42 -10.65
CA ALA D 120 -14.27 -8.99 -11.01
C ALA D 120 -14.37 -10.46 -11.41
N ARG D 121 -15.26 -11.23 -10.79
CA ARG D 121 -15.42 -12.65 -11.11
C ARG D 121 -16.34 -12.86 -12.30
N THR D 122 -17.19 -11.87 -12.60
CA THR D 122 -18.24 -12.03 -13.58
C THR D 122 -17.93 -11.36 -14.92
N GLY D 123 -17.02 -10.37 -14.97
CA GLY D 123 -16.90 -9.54 -16.13
C GLY D 123 -18.03 -8.54 -16.37
N VAL D 124 -19.10 -8.60 -15.58
CA VAL D 124 -20.15 -7.57 -15.62
C VAL D 124 -19.54 -6.29 -15.03
N PRO D 125 -19.25 -5.28 -15.83
CA PRO D 125 -18.57 -4.09 -15.29
C PRO D 125 -19.40 -3.40 -14.24
N TYR D 126 -18.71 -2.88 -13.21
CA TYR D 126 -19.31 -2.16 -12.10
C TYR D 126 -19.01 -0.67 -12.25
N ILE D 127 -19.93 0.16 -11.77
CA ILE D 127 -19.80 1.62 -11.92
C ILE D 127 -19.88 2.24 -10.53
N THR D 128 -18.73 2.69 -10.04
CA THR D 128 -18.56 3.35 -8.76
C THR D 128 -19.26 4.70 -8.75
N SER D 129 -20.34 4.81 -7.98
CA SER D 129 -20.87 6.16 -7.68
C SER D 129 -19.72 6.99 -7.10
N THR D 130 -19.83 8.31 -7.12
CA THR D 130 -18.84 9.07 -6.37
C THR D 130 -19.04 8.84 -4.87
N LEU D 131 -20.29 8.67 -4.44
CA LEU D 131 -20.57 8.19 -3.09
C LEU D 131 -20.09 6.75 -3.00
N ALA D 132 -19.28 6.45 -1.98
CA ALA D 132 -18.71 5.13 -1.78
C ALA D 132 -18.06 5.09 -0.39
N VAL D 133 -18.08 3.90 0.22
CA VAL D 133 -17.36 3.71 1.48
C VAL D 133 -15.88 3.33 1.23
N SER D 134 -15.59 2.60 0.16
CA SER D 134 -14.22 2.34 -0.25
C SER D 134 -13.87 3.32 -1.37
N SER D 135 -12.67 3.91 -1.28
CA SER D 135 -12.30 4.95 -2.23
C SER D 135 -12.46 4.43 -3.66
N LEU D 136 -12.29 5.30 -4.65
CA LEU D 136 -12.43 4.86 -6.04
C LEU D 136 -11.25 4.01 -6.50
N GLU D 137 -10.16 3.96 -5.73
CA GLU D 137 -8.97 3.19 -6.07
C GLU D 137 -9.16 1.71 -5.77
N ASP D 138 -9.44 1.37 -4.51
CA ASP D 138 -9.57 -0.03 -4.14
C ASP D 138 -10.70 -0.68 -4.91
N ILE D 139 -11.80 0.04 -5.13
CA ILE D 139 -12.92 -0.52 -5.89
C ILE D 139 -12.41 -1.04 -7.23
N ARG D 140 -11.81 -0.15 -8.01
CA ARG D 140 -11.15 -0.55 -9.26
C ARG D 140 -10.22 -1.74 -9.05
N LYS D 141 -9.43 -1.73 -7.98
CA LYS D 141 -8.58 -2.87 -7.65
C LYS D 141 -9.42 -4.13 -7.39
N HIS D 142 -10.35 -4.06 -6.44
CA HIS D 142 -11.30 -5.15 -6.26
C HIS D 142 -11.98 -5.57 -7.57
N ALA D 143 -12.05 -4.67 -8.56
CA ALA D 143 -12.73 -4.92 -9.82
C ALA D 143 -11.89 -5.69 -10.83
N GLY D 144 -10.62 -5.93 -10.52
CA GLY D 144 -9.82 -6.88 -11.28
C GLY D 144 -9.74 -6.55 -12.75
N ASP D 145 -10.02 -7.57 -13.56
CA ASP D 145 -9.72 -7.53 -14.99
C ASP D 145 -10.84 -6.94 -15.82
N THR D 146 -12.01 -6.82 -15.25
CA THR D 146 -13.23 -6.34 -15.88
C THR D 146 -13.20 -4.82 -16.00
N PRO D 147 -13.65 -4.28 -17.14
CA PRO D 147 -13.75 -2.81 -17.25
C PRO D 147 -14.58 -2.21 -16.13
N ALA D 148 -14.18 -1.02 -15.71
CA ALA D 148 -14.85 -0.32 -14.63
C ALA D 148 -14.95 1.16 -14.94
N TYR D 149 -15.98 1.78 -14.40
CA TYR D 149 -16.22 3.19 -14.69
C TYR D 149 -16.59 3.94 -13.41
N PHE D 150 -16.19 5.19 -13.44
CA PHE D 150 -16.30 6.10 -12.32
C PHE D 150 -17.40 7.09 -12.66
N GLN D 151 -18.52 6.99 -11.97
CA GLN D 151 -19.63 7.91 -12.12
C GLN D 151 -19.39 9.12 -11.21
N LEU D 152 -19.22 10.30 -11.82
CA LEU D 152 -18.92 11.52 -11.09
C LEU D 152 -20.19 12.34 -10.85
N TYR D 153 -20.24 12.95 -9.65
CA TYR D 153 -21.22 13.97 -9.26
C TYR D 153 -20.49 15.33 -9.35
N TYR D 154 -20.91 16.23 -10.31
CA TYR D 154 -19.96 17.34 -10.48
C TYR D 154 -20.12 18.39 -9.37
N PRO D 155 -19.07 18.57 -8.54
CA PRO D 155 -19.20 19.46 -7.38
C PRO D 155 -19.18 20.91 -7.81
N GLU D 156 -19.64 21.78 -6.93
CA GLU D 156 -19.64 23.22 -7.23
C GLU D 156 -18.24 23.82 -7.12
N ASP D 157 -17.22 23.07 -7.53
CA ASP D 157 -15.83 23.50 -7.38
C ASP D 157 -15.02 22.77 -8.43
N ARG D 158 -14.61 23.48 -9.48
CA ARG D 158 -13.77 22.88 -10.51
C ARG D 158 -12.41 22.42 -9.99
N ASP D 159 -12.07 22.73 -8.75
CA ASP D 159 -10.86 22.15 -8.17
C ASP D 159 -11.05 20.67 -7.83
N LEU D 160 -12.27 20.27 -7.45
CA LEU D 160 -12.56 18.93 -6.94
C LEU D 160 -13.02 17.97 -8.04
N ALA D 161 -13.60 18.50 -9.11
CA ALA D 161 -13.86 17.70 -10.31
C ALA D 161 -12.56 17.16 -10.88
N GLU D 162 -11.61 18.03 -11.21
CA GLU D 162 -10.38 17.57 -11.83
C GLU D 162 -9.54 16.65 -10.93
N SER D 163 -9.72 16.71 -9.59
CA SER D 163 -9.02 15.75 -8.71
C SER D 163 -9.71 14.39 -8.73
N PHE D 164 -11.05 14.39 -8.77
CA PHE D 164 -11.79 13.15 -8.95
C PHE D 164 -11.58 12.59 -10.35
N ILE D 165 -11.79 13.41 -11.38
CA ILE D 165 -11.61 12.94 -12.76
C ILE D 165 -10.22 12.34 -12.92
N ARG D 166 -9.21 12.98 -12.31
CA ARG D 166 -7.82 12.61 -12.50
C ARG D 166 -7.33 11.52 -11.56
N ARG D 167 -8.13 11.15 -10.55
CA ARG D 167 -7.83 9.98 -9.73
C ARG D 167 -8.33 8.69 -10.39
N ALA D 168 -9.52 8.73 -11.01
CA ALA D 168 -10.05 7.54 -11.69
C ALA D 168 -9.27 7.23 -12.97
N GLU D 169 -8.79 8.27 -13.67
CA GLU D 169 -7.82 8.03 -14.73
C GLU D 169 -6.53 7.44 -14.15
N GLU D 170 -5.99 8.07 -13.11
CA GLU D 170 -4.77 7.56 -12.46
C GLU D 170 -4.96 6.19 -11.84
N ALA D 171 -6.20 5.76 -11.60
CA ALA D 171 -6.50 4.49 -10.97
C ALA D 171 -6.79 3.38 -11.98
N GLY D 172 -6.62 3.66 -13.27
CA GLY D 172 -6.88 2.64 -14.26
C GLY D 172 -8.34 2.42 -14.58
N TYR D 173 -9.16 3.45 -14.49
CA TYR D 173 -10.51 3.30 -14.97
C TYR D 173 -10.57 3.49 -16.49
N ASP D 174 -11.73 3.15 -17.05
CA ASP D 174 -11.89 3.10 -18.49
C ASP D 174 -12.86 4.12 -19.03
N GLY D 175 -13.62 4.80 -18.18
CA GLY D 175 -14.51 5.83 -18.64
C GLY D 175 -15.03 6.69 -17.52
N LEU D 176 -15.39 7.92 -17.85
CA LEU D 176 -16.03 8.85 -16.93
C LEU D 176 -17.52 8.96 -17.23
N VAL D 177 -18.33 8.81 -16.18
CA VAL D 177 -19.77 8.91 -16.26
C VAL D 177 -20.20 10.15 -15.49
N ILE D 178 -20.86 11.09 -16.17
CA ILE D 178 -21.36 12.33 -15.54
C ILE D 178 -22.89 12.29 -15.47
N THR D 179 -23.43 12.30 -14.25
CA THR D 179 -24.88 12.20 -14.07
C THR D 179 -25.52 13.59 -14.07
N LEU D 180 -26.44 13.79 -15.01
CA LEU D 180 -27.07 15.08 -15.25
C LEU D 180 -28.42 15.25 -14.59
N ASP D 181 -29.13 14.16 -14.26
CA ASP D 181 -30.40 14.31 -13.58
C ASP D 181 -30.21 14.46 -12.07
N THR D 182 -28.95 14.50 -11.61
CA THR D 182 -28.59 14.71 -10.21
C THR D 182 -27.95 16.09 -10.09
N TRP D 183 -28.61 16.98 -9.36
CA TRP D 183 -27.99 18.26 -9.00
C TRP D 183 -28.88 18.93 -7.95
N ILE D 184 -30.17 18.61 -7.90
CA ILE D 184 -31.02 19.12 -6.84
C ILE D 184 -31.94 17.99 -6.37
N PHE D 185 -31.82 17.62 -5.08
CA PHE D 185 -32.67 16.61 -4.45
C PHE D 185 -34.13 16.84 -4.84
N GLY D 186 -34.70 15.95 -5.64
CA GLY D 186 -36.07 16.09 -6.09
C GLY D 186 -37.08 15.74 -5.00
N TRP D 187 -38.34 15.60 -5.43
CA TRP D 187 -39.47 15.50 -4.50
C TRP D 187 -39.61 14.06 -4.02
N ARG D 188 -38.95 13.77 -2.92
CA ARG D 188 -38.85 12.40 -2.41
C ARG D 188 -38.93 12.49 -0.90
N PRO D 189 -40.06 12.98 -0.38
CA PRO D 189 -40.13 13.27 1.07
C PRO D 189 -39.80 12.06 1.95
N ARG D 190 -40.29 10.84 1.60
CA ARG D 190 -40.00 9.65 2.38
C ARG D 190 -38.51 9.48 2.64
N ASP D 191 -37.69 9.79 1.65
CA ASP D 191 -36.25 9.56 1.75
C ASP D 191 -35.56 10.82 2.25
N CYS D 204 -20.71 8.13 4.33
CA CYS D 204 -20.35 7.53 3.04
C CYS D 204 -19.46 8.44 2.19
N LEU D 205 -18.60 9.26 2.81
CA LEU D 205 -17.82 10.19 2.01
C LEU D 205 -16.35 9.79 1.92
N THR D 206 -16.08 8.53 1.62
CA THR D 206 -14.71 8.03 1.64
C THR D 206 -13.89 8.58 0.48
N ASN D 207 -14.45 8.67 -0.73
CA ASN D 207 -13.69 9.27 -1.82
C ASN D 207 -13.42 10.75 -1.55
N TYR D 208 -14.41 11.47 -0.99
CA TYR D 208 -14.19 12.85 -0.58
C TYR D 208 -13.08 12.96 0.46
N VAL D 209 -13.26 12.29 1.60
CA VAL D 209 -12.34 12.41 2.74
C VAL D 209 -10.92 11.95 2.42
N THR D 210 -10.68 11.36 1.25
CA THR D 210 -9.36 10.92 0.85
C THR D 210 -8.75 11.78 -0.26
N ASP D 211 -9.46 12.83 -0.72
CA ASP D 211 -8.96 13.59 -1.86
C ASP D 211 -8.22 14.84 -1.39
N PRO D 212 -7.02 15.10 -1.92
CA PRO D 212 -6.24 16.25 -1.40
C PRO D 212 -6.97 17.56 -1.59
N VAL D 213 -7.70 17.70 -2.70
CA VAL D 213 -8.36 18.96 -2.99
C VAL D 213 -9.48 19.23 -1.99
N PHE D 214 -10.25 18.19 -1.62
CA PHE D 214 -11.34 18.41 -0.68
C PHE D 214 -10.84 18.80 0.71
N GLN D 215 -9.82 18.10 1.20
CA GLN D 215 -9.24 18.37 2.49
C GLN D 215 -9.15 19.86 2.83
N LYS D 216 -9.03 20.74 1.84
CA LYS D 216 -9.16 22.19 2.07
C LYS D 216 -10.63 22.56 2.18
N LYS D 217 -11.00 23.29 3.25
CA LYS D 217 -12.40 23.71 3.47
C LYS D 217 -12.48 25.16 4.01
N MET D 262 -9.82 10.40 -20.92
CA MET D 262 -10.68 9.21 -20.97
C MET D 262 -12.11 9.58 -21.41
N PRO D 263 -12.84 8.60 -21.95
CA PRO D 263 -14.08 8.92 -22.67
C PRO D 263 -15.24 9.29 -21.74
N VAL D 264 -15.96 10.34 -22.13
CA VAL D 264 -17.04 10.89 -21.32
C VAL D 264 -18.35 10.23 -21.72
N ILE D 265 -19.13 9.80 -20.72
CA ILE D 265 -20.41 9.14 -20.95
C ILE D 265 -21.51 9.83 -20.12
N LEU D 266 -22.53 10.34 -20.80
CA LEU D 266 -23.51 11.26 -20.22
C LEU D 266 -24.76 10.51 -19.79
N LYS D 267 -25.07 10.59 -18.50
CA LYS D 267 -26.04 9.72 -17.86
C LYS D 267 -27.33 10.46 -17.52
N GLY D 268 -28.46 9.92 -17.98
CA GLY D 268 -29.78 10.49 -17.75
C GLY D 268 -30.40 11.23 -18.90
N ILE D 269 -29.95 11.02 -20.15
CA ILE D 269 -30.47 11.77 -21.29
C ILE D 269 -31.67 11.04 -21.89
N GLN D 270 -32.67 11.81 -22.34
CA GLN D 270 -33.96 11.25 -22.70
C GLN D 270 -34.44 11.72 -24.06
N HIS D 271 -34.55 13.02 -24.24
CA HIS D 271 -35.06 13.60 -25.48
C HIS D 271 -34.02 13.40 -26.59
N PRO D 272 -34.43 12.98 -27.78
CA PRO D 272 -33.43 12.70 -28.82
C PRO D 272 -32.51 13.87 -29.17
N ASP D 273 -32.88 15.12 -28.84
CA ASP D 273 -32.02 16.25 -29.24
C ASP D 273 -30.91 16.52 -28.22
N ASP D 274 -31.17 16.27 -26.95
CA ASP D 274 -30.08 16.30 -25.97
C ASP D 274 -28.98 15.32 -26.39
N ALA D 275 -29.36 14.11 -26.82
CA ALA D 275 -28.41 13.17 -27.41
C ALA D 275 -27.68 13.80 -28.60
N ARG D 276 -28.42 14.06 -29.68
CA ARG D 276 -27.91 14.78 -30.84
C ARG D 276 -26.88 15.81 -30.42
N ARG D 277 -27.26 16.74 -29.54
CA ARG D 277 -26.35 17.81 -29.13
C ARG D 277 -25.13 17.26 -28.39
N ALA D 278 -25.34 16.20 -27.60
CA ALA D 278 -24.22 15.53 -26.95
C ALA D 278 -23.33 14.86 -27.98
N VAL D 279 -23.92 14.11 -28.90
CA VAL D 279 -23.13 13.38 -29.89
C VAL D 279 -22.38 14.34 -30.80
N ASP D 280 -22.85 15.58 -30.98
CA ASP D 280 -22.16 16.57 -31.81
C ASP D 280 -20.93 17.18 -31.14
N SER D 281 -20.79 17.03 -29.81
CA SER D 281 -19.71 17.63 -29.06
C SER D 281 -18.58 16.66 -28.72
N GLY D 282 -18.57 15.48 -29.30
CA GLY D 282 -17.52 14.51 -29.04
C GLY D 282 -17.79 13.61 -27.87
N VAL D 283 -19.03 13.51 -27.42
CA VAL D 283 -19.32 12.68 -26.26
C VAL D 283 -19.23 11.21 -26.64
N ASP D 284 -18.51 10.47 -25.83
CA ASP D 284 -18.20 9.07 -26.11
C ASP D 284 -19.34 8.13 -25.78
N GLY D 285 -20.40 8.60 -25.09
CA GLY D 285 -21.49 7.73 -24.74
C GLY D 285 -22.76 8.46 -24.33
N ILE D 286 -23.90 7.90 -24.74
CA ILE D 286 -25.22 8.39 -24.38
C ILE D 286 -25.85 7.32 -23.49
N TYR D 287 -26.18 7.68 -22.26
CA TYR D 287 -26.67 6.72 -21.25
C TYR D 287 -28.10 7.11 -20.91
N CYS D 288 -29.06 6.36 -21.44
CA CYS D 288 -30.48 6.64 -21.31
C CYS D 288 -31.00 6.17 -19.95
N SER D 289 -31.73 7.03 -19.26
CA SER D 289 -32.05 6.83 -17.86
C SER D 289 -32.98 7.95 -17.40
N ASN D 290 -33.96 7.65 -16.50
CA ASN D 290 -34.68 8.71 -15.80
C ASN D 290 -34.44 8.61 -14.29
N HIS D 291 -33.28 8.03 -13.93
CA HIS D 291 -32.88 7.79 -12.53
C HIS D 291 -33.85 6.85 -11.82
N GLY D 292 -34.12 5.69 -12.42
CA GLY D 292 -35.02 4.76 -11.79
C GLY D 292 -36.30 5.39 -11.25
N GLY D 293 -36.72 6.51 -11.88
CA GLY D 293 -37.91 7.21 -11.47
C GLY D 293 -37.79 7.94 -10.14
N ARG D 294 -36.56 8.18 -9.70
CA ARG D 294 -36.17 8.51 -8.34
C ARG D 294 -36.19 10.01 -8.04
N GLN D 295 -35.89 10.84 -9.02
CA GLN D 295 -35.79 12.27 -8.81
C GLN D 295 -37.00 13.04 -9.34
N ALA D 296 -37.66 12.51 -10.39
CA ALA D 296 -38.73 13.20 -11.09
C ALA D 296 -39.88 12.24 -11.27
N ASN D 297 -41.06 12.63 -10.78
CA ASN D 297 -42.31 11.89 -11.01
C ASN D 297 -43.05 12.45 -12.24
N GLY D 298 -42.30 12.67 -13.33
CA GLY D 298 -42.83 13.34 -14.52
C GLY D 298 -43.72 12.46 -15.39
N GLY D 299 -43.45 11.16 -15.43
CA GLY D 299 -44.39 10.19 -16.00
C GLY D 299 -43.87 9.38 -17.17
N LEU D 300 -42.62 9.60 -17.62
CA LEU D 300 -42.11 9.10 -18.89
C LEU D 300 -41.17 7.90 -18.69
N PRO D 301 -41.60 6.67 -18.99
CA PRO D 301 -40.71 5.50 -18.85
C PRO D 301 -39.35 5.75 -19.50
N ALA D 302 -38.32 5.10 -18.96
CA ALA D 302 -37.01 5.12 -19.61
C ALA D 302 -36.99 4.30 -20.90
N LEU D 303 -37.91 3.33 -21.06
CA LEU D 303 -37.93 2.50 -22.27
C LEU D 303 -38.51 3.24 -23.49
N ASP D 304 -39.58 3.99 -23.31
CA ASP D 304 -40.25 4.64 -24.42
C ASP D 304 -39.32 5.61 -25.15
N CYS D 305 -38.30 6.14 -24.46
CA CYS D 305 -37.37 7.12 -25.03
C CYS D 305 -36.18 6.46 -25.73
N LEU D 306 -35.93 5.18 -25.44
CA LEU D 306 -34.75 4.51 -25.99
C LEU D 306 -34.68 4.56 -27.51
N PRO D 307 -35.76 4.33 -28.27
CA PRO D 307 -35.62 4.27 -29.74
C PRO D 307 -35.15 5.60 -30.34
N GLU D 308 -35.69 6.73 -29.83
CA GLU D 308 -35.40 8.03 -30.40
CA GLU D 308 -35.41 8.05 -30.38
C GLU D 308 -33.99 8.52 -30.05
N VAL D 309 -33.45 8.10 -28.90
CA VAL D 309 -32.09 8.51 -28.54
C VAL D 309 -31.05 7.76 -29.38
N VAL D 310 -31.27 6.45 -29.55
CA VAL D 310 -30.36 5.63 -30.35
C VAL D 310 -30.34 6.06 -31.83
N LYS D 311 -31.48 6.50 -32.38
CA LYS D 311 -31.49 6.95 -33.77
C LYS D 311 -30.72 8.27 -33.91
N ALA D 312 -30.82 9.16 -32.92
CA ALA D 312 -30.12 10.43 -32.97
C ALA D 312 -28.68 10.33 -32.47
N SER D 313 -28.36 9.29 -31.69
CA SER D 313 -26.99 9.08 -31.22
C SER D 313 -26.17 8.21 -32.17
N GLY D 314 -26.82 7.33 -32.93
CA GLY D 314 -26.20 6.55 -33.98
C GLY D 314 -24.68 6.51 -34.09
N ASP D 315 -24.13 5.30 -33.95
CA ASP D 315 -22.70 4.99 -34.02
C ASP D 315 -22.01 5.17 -32.67
N THR D 316 -22.39 6.22 -31.94
CA THR D 316 -22.02 6.36 -30.52
C THR D 316 -22.87 5.41 -29.68
N PRO D 317 -22.26 4.57 -28.83
CA PRO D 317 -23.05 3.59 -28.08
C PRO D 317 -24.05 4.25 -27.15
N VAL D 318 -25.11 3.52 -26.86
CA VAL D 318 -26.15 4.00 -25.95
C VAL D 318 -26.31 2.97 -24.84
N LEU D 319 -25.81 3.32 -23.67
CA LEU D 319 -26.18 2.59 -22.47
C LEU D 319 -27.66 2.78 -22.20
N PHE D 320 -28.28 1.78 -21.59
CA PHE D 320 -29.65 1.92 -21.07
C PHE D 320 -29.71 1.59 -19.57
N ASP D 321 -30.53 2.33 -18.82
CA ASP D 321 -31.04 1.78 -17.56
C ASP D 321 -32.33 2.48 -17.13
N SER D 322 -32.97 1.87 -16.13
CA SER D 322 -34.19 2.29 -15.44
C SER D 322 -35.37 1.32 -15.71
N GLY D 323 -35.57 0.38 -14.80
CA GLY D 323 -36.73 -0.49 -14.88
C GLY D 323 -36.38 -1.95 -15.01
N ILE D 324 -35.11 -2.29 -15.27
CA ILE D 324 -34.73 -3.65 -15.60
C ILE D 324 -34.86 -4.52 -14.34
N ARG D 325 -35.49 -5.69 -14.50
CA ARG D 325 -35.80 -6.58 -13.39
C ARG D 325 -35.64 -8.06 -13.71
N THR D 326 -35.63 -8.46 -14.99
CA THR D 326 -35.53 -9.86 -15.38
C THR D 326 -34.62 -9.93 -16.60
N GLY D 327 -34.20 -11.16 -16.98
CA GLY D 327 -33.46 -11.36 -18.20
C GLY D 327 -34.23 -10.96 -19.45
N ALA D 328 -35.56 -11.16 -19.43
CA ALA D 328 -36.44 -10.70 -20.51
C ALA D 328 -36.22 -9.24 -20.84
N ASP D 329 -35.92 -8.40 -19.83
CA ASP D 329 -35.82 -6.96 -20.03
C ASP D 329 -34.46 -6.46 -20.48
N VAL D 330 -33.39 -7.26 -20.34
CA VAL D 330 -32.10 -6.92 -20.93
C VAL D 330 -32.12 -7.26 -22.40
N VAL D 331 -32.82 -8.35 -22.78
CA VAL D 331 -33.01 -8.68 -24.20
C VAL D 331 -33.79 -7.57 -24.89
N LYS D 332 -34.97 -7.21 -24.34
CA LYS D 332 -35.87 -6.26 -24.99
C LYS D 332 -35.32 -4.85 -25.09
N ALA D 333 -34.31 -4.49 -24.31
CA ALA D 333 -33.69 -3.17 -24.43
C ALA D 333 -32.51 -3.21 -25.39
N LEU D 334 -31.80 -4.34 -25.42
CA LEU D 334 -30.77 -4.55 -26.43
C LEU D 334 -31.36 -4.55 -27.82
N ALA D 335 -32.59 -5.07 -27.99
CA ALA D 335 -33.25 -5.07 -29.30
C ALA D 335 -33.71 -3.65 -29.73
N MET D 336 -33.89 -2.72 -28.80
CA MET D 336 -34.20 -1.35 -29.19
C MET D 336 -32.95 -0.49 -29.45
N GLY D 337 -31.75 -1.08 -29.45
CA GLY D 337 -30.53 -0.41 -29.86
C GLY D 337 -29.56 0.03 -28.76
N ALA D 338 -29.86 -0.22 -27.48
CA ALA D 338 -28.88 0.06 -26.43
C ALA D 338 -27.70 -0.91 -26.56
N SER D 339 -26.49 -0.41 -26.35
CA SER D 339 -25.28 -1.21 -26.41
C SER D 339 -24.86 -1.76 -25.05
N ALA D 340 -25.72 -1.73 -24.05
CA ALA D 340 -25.41 -2.29 -22.74
C ALA D 340 -26.52 -1.82 -21.83
N VAL D 341 -26.76 -2.56 -20.75
CA VAL D 341 -27.91 -2.34 -19.90
C VAL D 341 -27.44 -2.35 -18.46
N GLY D 342 -27.76 -1.29 -17.72
CA GLY D 342 -27.42 -1.20 -16.32
C GLY D 342 -28.48 -1.81 -15.43
N ILE D 343 -28.06 -2.17 -14.20
CA ILE D 343 -28.87 -2.85 -13.19
C ILE D 343 -28.73 -2.08 -11.87
N GLY D 344 -29.83 -1.53 -11.37
CA GLY D 344 -29.87 -0.96 -10.03
C GLY D 344 -30.56 -1.88 -9.05
N ARG D 345 -31.84 -1.63 -8.76
CA ARG D 345 -32.52 -2.35 -7.70
C ARG D 345 -32.10 -3.81 -7.53
N PRO D 346 -32.02 -4.60 -8.62
CA PRO D 346 -31.74 -6.04 -8.42
C PRO D 346 -30.43 -6.36 -7.73
N TYR D 347 -29.38 -5.56 -7.94
CA TYR D 347 -28.12 -5.84 -7.24
C TYR D 347 -27.99 -5.11 -5.90
N ALA D 348 -28.65 -3.97 -5.71
CA ALA D 348 -28.87 -3.47 -4.35
C ALA D 348 -29.59 -4.53 -3.52
N TRP D 349 -30.79 -4.91 -3.95
CA TRP D 349 -31.43 -6.07 -3.35
C TRP D 349 -30.41 -7.21 -3.19
N GLY D 350 -29.75 -7.60 -4.28
CA GLY D 350 -28.83 -8.72 -4.25
C GLY D 350 -27.71 -8.56 -3.24
N ALA D 351 -27.31 -7.31 -2.95
CA ALA D 351 -26.44 -7.03 -1.84
C ALA D 351 -27.09 -7.32 -0.49
N ALA D 352 -28.42 -7.15 -0.38
CA ALA D 352 -29.15 -7.47 0.84
C ALA D 352 -29.16 -8.97 1.16
N LEU D 353 -28.79 -9.85 0.23
CA LEU D 353 -28.92 -11.29 0.48
C LEU D 353 -27.62 -12.02 0.76
N GLY D 354 -26.61 -11.89 -0.10
CA GLY D 354 -25.45 -12.77 -0.02
C GLY D 354 -24.10 -12.11 0.13
N GLY D 355 -24.08 -10.79 0.10
CA GLY D 355 -22.82 -10.06 0.01
C GLY D 355 -22.33 -10.06 -1.41
N SER D 356 -21.04 -10.40 -1.61
CA SER D 356 -20.50 -10.48 -2.96
C SER D 356 -21.22 -11.57 -3.78
N LYS D 357 -21.49 -12.73 -3.16
CA LYS D 357 -22.15 -13.82 -3.88
C LYS D 357 -23.55 -13.43 -4.33
N GLY D 358 -24.30 -12.75 -3.47
CA GLY D 358 -25.60 -12.25 -3.83
C GLY D 358 -25.61 -11.42 -5.10
N ILE D 359 -25.00 -10.24 -5.07
CA ILE D 359 -24.84 -9.41 -6.25
C ILE D 359 -24.53 -10.29 -7.44
N GLU D 360 -23.61 -11.25 -7.28
CA GLU D 360 -23.17 -12.05 -8.42
C GLU D 360 -24.33 -12.87 -8.99
N HIS D 361 -25.12 -13.47 -8.11
CA HIS D 361 -26.24 -14.32 -8.51
C HIS D 361 -27.33 -13.50 -9.17
N VAL D 362 -27.44 -12.21 -8.85
CA VAL D 362 -28.38 -11.34 -9.59
C VAL D 362 -27.83 -11.00 -10.98
N ALA D 363 -26.51 -10.86 -11.13
CA ALA D 363 -25.97 -10.59 -12.46
C ALA D 363 -26.00 -11.85 -13.34
N ARG D 364 -25.68 -13.02 -12.77
CA ARG D 364 -25.62 -14.23 -13.57
C ARG D 364 -27.01 -14.78 -13.87
N SER D 365 -27.86 -14.83 -12.85
CA SER D 365 -29.26 -15.17 -13.07
C SER D 365 -29.81 -14.38 -14.27
N LEU D 366 -29.60 -13.06 -14.27
CA LEU D 366 -30.21 -12.23 -15.32
C LEU D 366 -29.62 -12.57 -16.67
N LEU D 367 -28.27 -12.71 -16.73
CA LEU D 367 -27.57 -13.12 -17.94
C LEU D 367 -28.01 -14.52 -18.39
N ALA D 368 -28.16 -15.44 -17.43
CA ALA D 368 -28.71 -16.77 -17.71
C ALA D 368 -30.02 -16.66 -18.45
N GLU D 369 -30.94 -15.82 -17.95
CA GLU D 369 -32.24 -15.63 -18.60
C GLU D 369 -32.08 -14.95 -19.96
N ALA D 370 -31.52 -13.73 -19.99
CA ALA D 370 -31.21 -13.07 -21.25
C ALA D 370 -30.71 -14.05 -22.32
N ASP D 371 -29.74 -14.89 -21.96
CA ASP D 371 -29.08 -15.76 -22.92
C ASP D 371 -29.91 -17.00 -23.25
N LEU D 372 -30.83 -17.40 -22.35
CA LEU D 372 -31.64 -18.59 -22.58
C LEU D 372 -32.86 -18.27 -23.44
N ILE D 373 -33.46 -17.09 -23.27
CA ILE D 373 -34.48 -16.67 -24.21
C ILE D 373 -33.85 -16.45 -25.58
N MET D 374 -32.59 -15.99 -25.63
CA MET D 374 -31.93 -15.76 -26.90
C MET D 374 -31.69 -17.06 -27.67
N ALA D 375 -31.50 -18.19 -26.95
CA ALA D 375 -31.28 -19.48 -27.59
C ALA D 375 -32.60 -20.13 -28.02
N VAL D 376 -33.64 -20.05 -27.18
CA VAL D 376 -34.95 -20.58 -27.57
C VAL D 376 -35.51 -19.80 -28.75
N ASP D 377 -35.40 -18.48 -28.72
CA ASP D 377 -35.93 -17.63 -29.76
C ASP D 377 -34.93 -17.43 -30.92
N GLY D 378 -33.79 -18.14 -30.90
CA GLY D 378 -32.83 -18.14 -31.99
C GLY D 378 -32.21 -16.82 -32.39
N TYR D 379 -31.56 -16.11 -31.46
CA TYR D 379 -30.78 -14.89 -31.76
C TYR D 379 -29.36 -15.09 -31.25
N ARG D 380 -28.44 -15.47 -32.14
CA ARG D 380 -27.15 -16.03 -31.71
C ARG D 380 -26.20 -14.98 -31.17
N ASN D 381 -26.42 -13.70 -31.48
CA ASN D 381 -25.61 -12.62 -30.95
C ASN D 381 -26.51 -11.39 -30.88
N LEU D 382 -25.91 -10.26 -30.47
CA LEU D 382 -26.62 -8.99 -30.40
C LEU D 382 -26.65 -8.26 -31.75
N LYS D 383 -25.76 -8.60 -32.67
CA LYS D 383 -25.96 -8.10 -34.02
C LYS D 383 -27.33 -8.52 -34.53
N GLU D 384 -27.86 -9.66 -34.03
CA GLU D 384 -29.08 -10.26 -34.60
C GLU D 384 -30.33 -9.85 -33.83
N LEU D 385 -30.16 -9.14 -32.74
CA LEU D 385 -31.25 -8.59 -31.95
C LEU D 385 -31.33 -7.13 -32.34
N THR D 386 -32.25 -6.81 -33.22
CA THR D 386 -32.56 -5.46 -33.69
C THR D 386 -33.97 -5.09 -33.22
N ILE D 387 -34.37 -3.84 -33.48
CA ILE D 387 -35.67 -3.34 -33.04
C ILE D 387 -36.82 -3.97 -33.81
N ASP D 388 -36.49 -4.69 -34.89
CA ASP D 388 -37.43 -5.38 -35.76
C ASP D 388 -37.83 -6.76 -35.24
N ALA D 389 -37.11 -7.29 -34.25
CA ALA D 389 -37.39 -8.59 -33.67
C ALA D 389 -38.32 -8.50 -32.45
N LEU D 390 -38.69 -7.29 -32.04
CA LEU D 390 -39.64 -7.06 -30.96
C LEU D 390 -40.99 -6.67 -31.58
N ARG D 391 -42.04 -6.92 -30.82
CA ARG D 391 -43.40 -6.65 -31.26
C ARG D 391 -44.11 -5.92 -30.12
N PRO D 392 -44.98 -4.97 -30.45
CA PRO D 392 -45.81 -4.28 -29.43
C PRO D 392 -46.98 -5.16 -28.98
N THR D 393 -47.04 -5.46 -27.68
CA THR D 393 -48.05 -6.34 -27.08
C THR D 393 -48.98 -5.53 -26.18
N ARG D 394 -50.26 -5.84 -26.22
CA ARG D 394 -51.27 -5.13 -25.45
C ARG D 394 -51.01 -5.15 -23.96
N SER E 2 73.24 14.74 -22.53
CA SER E 2 72.41 15.75 -23.24
C SER E 2 71.18 16.17 -22.45
N ASN E 3 70.55 17.26 -22.87
CA ASN E 3 69.29 17.71 -22.29
C ASN E 3 68.41 18.29 -23.41
N TRP E 4 67.28 18.87 -23.02
CA TRP E 4 66.34 19.44 -23.98
C TRP E 4 66.64 20.90 -24.32
N GLY E 5 67.38 21.62 -23.47
CA GLY E 5 67.74 22.99 -23.72
C GLY E 5 68.94 23.19 -24.62
N ASP E 6 69.49 22.09 -25.13
CA ASP E 6 70.56 22.12 -26.11
C ASP E 6 70.02 22.39 -27.52
N TYR E 7 68.71 22.61 -27.65
CA TYR E 7 68.09 22.89 -28.95
C TYR E 7 68.26 24.36 -29.34
N GLU E 8 68.37 25.27 -28.38
CA GLU E 8 68.68 26.65 -28.71
C GLU E 8 70.10 26.78 -29.24
N ASN E 9 71.02 25.91 -28.78
CA ASN E 9 72.38 25.90 -29.31
C ASN E 9 72.36 25.87 -30.84
N GLU E 10 71.62 24.90 -31.40
CA GLU E 10 71.56 24.74 -32.85
C GLU E 10 71.09 26.02 -33.54
N ILE E 11 70.04 26.64 -33.00
CA ILE E 11 69.52 27.86 -33.60
C ILE E 11 70.56 28.96 -33.54
N TYR E 12 71.41 28.94 -32.51
CA TYR E 12 72.42 29.98 -32.34
C TYR E 12 73.71 29.67 -33.06
N GLY E 13 74.08 28.39 -33.16
CA GLY E 13 75.23 28.04 -33.98
C GLY E 13 74.98 28.30 -35.45
N GLN E 14 73.83 27.84 -35.97
CA GLN E 14 73.53 28.04 -37.38
C GLN E 14 73.60 29.51 -37.77
N GLY E 15 73.37 30.43 -36.83
CA GLY E 15 73.44 31.84 -37.13
C GLY E 15 74.84 32.31 -37.45
N LEU E 16 75.84 31.77 -36.73
CA LEU E 16 77.23 32.14 -37.01
C LEU E 16 77.60 31.90 -38.46
N VAL E 17 76.88 31.02 -39.16
CA VAL E 17 77.18 30.66 -40.54
C VAL E 17 76.11 31.19 -41.50
N GLY E 18 75.34 32.19 -41.09
CA GLY E 18 74.39 32.85 -41.98
C GLY E 18 73.13 32.08 -42.31
N VAL E 19 72.84 30.98 -41.63
CA VAL E 19 71.65 30.17 -41.91
C VAL E 19 70.59 30.56 -40.88
N ALA E 20 69.75 31.53 -41.23
CA ALA E 20 68.72 32.02 -40.34
C ALA E 20 67.64 30.95 -40.15
N PRO E 21 66.74 31.15 -39.21
CA PRO E 21 65.59 30.23 -39.08
C PRO E 21 64.40 30.61 -39.94
N THR E 22 63.68 29.58 -40.39
CA THR E 22 62.53 29.73 -41.27
C THR E 22 61.19 29.57 -40.55
N LEU E 23 61.14 28.79 -39.46
CA LEU E 23 59.91 28.62 -38.70
C LEU E 23 59.84 29.56 -37.50
N PRO E 24 58.65 29.80 -36.97
CA PRO E 24 58.53 30.66 -35.79
C PRO E 24 58.96 29.96 -34.50
N MET E 25 59.33 30.80 -33.52
CA MET E 25 59.92 30.36 -32.26
C MET E 25 59.00 30.45 -31.06
N SER E 26 57.85 31.10 -31.19
CA SER E 26 56.88 31.30 -30.12
C SER E 26 55.50 30.90 -30.63
N TYR E 27 54.53 30.84 -29.71
CA TYR E 27 53.19 30.43 -30.13
C TYR E 27 52.42 31.56 -30.81
N ALA E 28 52.65 32.81 -30.41
CA ALA E 28 52.01 33.94 -31.08
C ALA E 28 52.41 33.95 -32.56
N ASP E 29 53.71 33.80 -32.84
CA ASP E 29 54.16 33.72 -34.23
C ASP E 29 53.75 32.40 -34.88
N TRP E 30 53.64 31.32 -34.09
CA TRP E 30 53.09 30.06 -34.60
C TRP E 30 51.64 30.26 -35.05
N GLU E 31 50.77 30.63 -34.12
CA GLU E 31 49.35 30.77 -34.43
C GLU E 31 49.12 31.76 -35.56
N ALA E 32 49.67 32.98 -35.43
CA ALA E 32 49.39 34.03 -36.39
C ALA E 32 49.61 33.55 -37.81
N HIS E 33 50.86 33.19 -38.14
CA HIS E 33 51.20 32.78 -39.50
C HIS E 33 50.50 31.48 -39.90
N ALA E 34 50.37 30.54 -38.97
CA ALA E 34 49.70 29.29 -39.31
C ALA E 34 48.27 29.53 -39.75
N GLN E 35 47.56 30.46 -39.08
CA GLN E 35 46.16 30.69 -39.43
C GLN E 35 46.01 31.19 -40.87
N GLN E 36 46.97 31.97 -41.36
CA GLN E 36 46.89 32.45 -42.72
C GLN E 36 47.37 31.42 -43.73
N ALA E 37 48.08 30.39 -43.26
CA ALA E 37 48.54 29.32 -44.11
C ALA E 37 47.51 28.20 -44.26
N LEU E 38 46.26 28.45 -43.86
CA LEU E 38 45.29 27.36 -43.80
C LEU E 38 44.05 27.67 -44.64
N PRO E 39 43.41 26.64 -45.19
CA PRO E 39 42.14 26.84 -45.87
C PRO E 39 41.09 27.44 -44.89
N PRO E 40 40.18 28.25 -45.40
CA PRO E 40 39.14 28.78 -44.49
C PRO E 40 38.27 27.67 -43.88
N GLY E 41 38.32 26.45 -44.44
CA GLY E 41 37.58 25.35 -43.84
C GLY E 41 38.34 24.67 -42.73
N VAL E 42 39.68 24.67 -42.80
CA VAL E 42 40.48 24.08 -41.74
C VAL E 42 40.77 25.09 -40.63
N LEU E 43 40.92 26.38 -40.96
CA LEU E 43 41.15 27.39 -39.93
C LEU E 43 39.95 27.50 -38.99
N SER E 44 38.73 27.54 -39.54
CA SER E 44 37.52 27.66 -38.75
C SER E 44 37.42 26.53 -37.73
N TYR E 45 37.42 25.28 -38.20
CA TYR E 45 37.26 24.14 -37.32
C TYR E 45 38.39 24.07 -36.28
N VAL E 46 39.59 24.47 -36.65
CA VAL E 46 40.75 24.34 -35.78
C VAL E 46 40.79 25.48 -34.75
N ALA E 47 40.87 26.73 -35.22
CA ALA E 47 40.92 27.86 -34.31
C ALA E 47 39.62 28.03 -33.54
N GLY E 48 38.53 27.43 -34.02
CA GLY E 48 37.25 27.61 -33.40
C GLY E 48 37.07 26.82 -32.12
N GLY E 49 36.21 27.34 -31.25
CA GLY E 49 35.86 26.66 -30.03
C GLY E 49 34.37 26.67 -29.81
N SER E 50 33.96 26.36 -28.59
CA SER E 50 32.54 26.39 -28.25
C SER E 50 32.09 27.80 -27.94
N GLY E 51 30.88 28.14 -28.39
CA GLY E 51 30.26 29.41 -28.07
C GLY E 51 31.15 30.59 -28.39
N ASP E 52 31.14 31.57 -27.48
CA ASP E 52 31.97 32.77 -27.57
C ASP E 52 33.45 32.50 -27.30
N GLU E 53 33.83 31.24 -27.07
CA GLU E 53 35.21 30.78 -26.89
C GLU E 53 35.77 31.07 -25.51
N HIS E 54 34.93 31.44 -24.55
CA HIS E 54 35.43 31.90 -23.26
C HIS E 54 36.21 30.81 -22.53
N THR E 55 35.67 29.59 -22.47
CA THR E 55 36.39 28.51 -21.81
C THR E 55 37.74 28.25 -22.49
N GLN E 56 37.79 28.41 -23.81
CA GLN E 56 39.01 28.16 -24.58
C GLN E 56 40.10 29.18 -24.25
N ARG E 57 39.74 30.46 -24.10
CA ARG E 57 40.70 31.46 -23.64
C ARG E 57 40.96 31.36 -22.14
N ALA E 58 39.94 30.96 -21.36
CA ALA E 58 40.10 30.84 -19.91
C ALA E 58 41.03 29.70 -19.54
N ASN E 59 41.14 28.66 -20.38
CA ASN E 59 42.14 27.63 -20.15
C ASN E 59 43.55 28.20 -20.24
N VAL E 60 43.75 29.18 -21.13
CA VAL E 60 45.07 29.75 -21.35
C VAL E 60 45.37 30.86 -20.33
N GLU E 61 44.35 31.61 -19.92
CA GLU E 61 44.54 32.70 -18.97
C GLU E 61 45.05 32.17 -17.63
N ALA E 62 44.52 31.04 -17.16
CA ALA E 62 44.87 30.50 -15.86
C ALA E 62 46.37 30.23 -15.71
N PHE E 63 47.09 30.06 -16.82
CA PHE E 63 48.52 29.84 -16.76
C PHE E 63 49.26 31.12 -16.39
N LYS E 64 48.64 32.28 -16.60
CA LYS E 64 49.25 33.56 -16.25
C LYS E 64 49.11 33.91 -14.77
N HIS E 65 48.28 33.20 -14.00
CA HIS E 65 48.07 33.51 -12.58
C HIS E 65 48.73 32.48 -11.66
N TRP E 66 49.81 31.88 -12.13
CA TRP E 66 50.69 31.07 -11.29
C TRP E 66 52.14 31.45 -11.57
N GLY E 67 52.97 31.32 -10.55
CA GLY E 67 54.39 31.60 -10.70
C GLY E 67 55.30 30.60 -10.05
N LEU E 68 56.32 30.16 -10.79
CA LEU E 68 57.38 29.32 -10.27
C LEU E 68 58.36 30.18 -9.46
N MET E 69 58.67 29.75 -8.25
CA MET E 69 59.52 30.54 -7.35
C MET E 69 60.97 30.18 -7.60
N PRO E 70 61.79 31.07 -8.15
CA PRO E 70 63.16 30.71 -8.46
C PRO E 70 63.91 30.24 -7.22
N ARG E 71 64.81 29.28 -7.43
CA ARG E 71 65.66 28.76 -6.36
C ARG E 71 67.10 28.84 -6.85
N MET E 72 67.88 29.72 -6.21
CA MET E 72 69.26 29.98 -6.56
C MET E 72 70.19 28.94 -5.92
N LEU E 73 71.39 28.81 -6.49
CA LEU E 73 72.44 27.98 -5.93
C LEU E 73 72.01 26.52 -5.78
N MET E 74 71.04 26.10 -6.60
CA MET E 74 70.63 24.70 -6.67
C MET E 74 71.45 23.91 -7.67
N ALA E 75 72.24 24.59 -8.50
CA ALA E 75 73.19 23.98 -9.44
C ALA E 75 72.59 22.74 -10.11
N ALA E 76 71.54 22.98 -10.91
CA ALA E 76 70.89 21.91 -11.66
C ALA E 76 71.45 21.87 -13.09
N THR E 77 72.70 21.40 -13.17
CA THR E 77 73.40 21.36 -14.45
C THR E 77 72.88 20.25 -15.35
N GLU E 78 72.34 19.19 -14.77
CA GLU E 78 71.79 18.07 -15.52
C GLU E 78 70.39 17.80 -15.01
N ARG E 79 69.39 18.07 -15.85
CA ARG E 79 67.99 17.84 -15.50
C ARG E 79 67.57 16.44 -15.93
N ASP E 80 66.47 15.98 -15.35
CA ASP E 80 65.88 14.68 -15.65
C ASP E 80 64.39 14.92 -15.87
N LEU E 81 63.94 14.81 -17.12
CA LEU E 81 62.57 15.08 -17.50
C LEU E 81 61.77 13.85 -17.86
N SER E 82 62.40 12.68 -18.00
CA SER E 82 61.68 11.46 -18.34
C SER E 82 60.70 11.08 -17.22
N VAL E 83 59.69 10.30 -17.60
CA VAL E 83 58.60 9.93 -16.70
C VAL E 83 58.23 8.48 -16.99
N GLU E 84 58.00 7.71 -15.90
CA GLU E 84 57.53 6.34 -15.99
C GLU E 84 56.01 6.35 -15.94
N LEU E 85 55.38 5.74 -16.95
CA LEU E 85 53.93 5.73 -17.10
C LEU E 85 53.52 4.37 -17.63
N TRP E 86 52.87 3.57 -16.79
CA TRP E 86 52.37 2.24 -17.19
C TRP E 86 53.48 1.36 -17.75
N GLY E 87 54.70 1.55 -17.24
CA GLY E 87 55.82 0.70 -17.55
C GLY E 87 56.75 1.22 -18.61
N LYS E 88 56.33 2.22 -19.39
CA LYS E 88 57.12 2.76 -20.49
C LYS E 88 57.67 4.12 -20.08
N THR E 89 58.97 4.33 -20.31
CA THR E 89 59.66 5.54 -19.86
C THR E 89 59.71 6.54 -21.01
N TRP E 90 59.01 7.66 -20.86
CA TRP E 90 58.96 8.69 -21.87
C TRP E 90 60.21 9.53 -21.82
N ALA E 91 60.73 9.90 -23.00
CA ALA E 91 61.92 10.76 -23.04
C ALA E 91 61.65 12.11 -22.37
N ALA E 92 60.42 12.61 -22.47
CA ALA E 92 60.01 13.88 -21.88
C ALA E 92 58.63 13.71 -21.28
N PRO E 93 58.20 14.65 -20.43
CA PRO E 93 56.87 14.56 -19.79
C PRO E 93 55.81 15.31 -20.59
N MET E 94 55.69 14.97 -21.88
CA MET E 94 54.78 15.64 -22.80
C MET E 94 54.26 14.60 -23.78
N PHE E 95 53.18 14.97 -24.49
CA PHE E 95 52.66 14.11 -25.54
C PHE E 95 51.74 14.93 -26.44
N PHE E 96 51.75 14.59 -27.73
CA PHE E 96 50.80 15.18 -28.67
C PHE E 96 49.41 14.70 -28.31
N ALA E 97 48.56 15.60 -27.82
CA ALA E 97 47.19 15.22 -27.54
C ALA E 97 46.48 14.89 -28.85
N PRO E 98 45.43 14.07 -28.80
CA PRO E 98 44.76 13.68 -30.05
C PRO E 98 44.24 14.88 -30.82
N ILE E 99 44.17 14.72 -32.15
CA ILE E 99 43.49 15.67 -33.04
C ILE E 99 42.88 14.89 -34.18
N GLY E 100 41.57 15.14 -34.44
CA GLY E 100 40.84 14.40 -35.46
C GLY E 100 40.97 14.92 -36.88
N VAL E 101 41.46 16.16 -37.06
CA VAL E 101 41.74 16.68 -38.40
C VAL E 101 43.17 17.19 -38.45
N ILE E 102 44.07 16.54 -37.69
CA ILE E 102 45.48 16.91 -37.75
C ILE E 102 46.01 16.72 -39.17
N ALA E 103 45.56 15.66 -39.84
CA ALA E 103 45.96 15.43 -41.23
C ALA E 103 45.61 16.62 -42.10
N LEU E 104 44.36 17.10 -42.04
CA LEU E 104 43.94 18.26 -42.81
C LEU E 104 44.60 19.55 -42.36
N CYS E 105 45.54 19.48 -41.40
CA CYS E 105 46.42 20.60 -41.12
C CYS E 105 47.69 20.56 -41.97
N ALA E 106 47.96 19.46 -42.64
CA ALA E 106 49.11 19.34 -43.51
C ALA E 106 48.67 19.56 -44.95
N GLN E 107 49.44 20.39 -45.68
CA GLN E 107 49.07 20.71 -47.05
C GLN E 107 48.88 19.46 -47.91
N ASP E 108 49.64 18.40 -47.62
CA ASP E 108 49.54 17.15 -48.39
C ASP E 108 48.37 16.30 -47.94
N GLY E 109 47.89 16.49 -46.72
CA GLY E 109 46.72 15.78 -46.25
C GLY E 109 47.01 14.48 -45.52
N HIS E 110 48.24 14.28 -45.04
CA HIS E 110 48.57 13.12 -44.24
C HIS E 110 49.19 13.54 -42.91
N GLY E 111 48.96 14.78 -42.49
CA GLY E 111 49.58 15.34 -41.31
C GLY E 111 49.34 14.57 -40.02
N ASP E 112 48.63 13.44 -40.09
CA ASP E 112 48.60 12.51 -38.97
C ASP E 112 49.84 11.61 -38.98
N ALA E 113 50.33 11.27 -40.18
CA ALA E 113 51.59 10.56 -40.30
C ALA E 113 52.78 11.43 -39.92
N ALA E 114 52.69 12.74 -40.22
CA ALA E 114 53.75 13.67 -39.83
C ALA E 114 53.83 13.81 -38.30
N SER E 115 52.68 13.88 -37.64
CA SER E 115 52.68 13.89 -36.18
C SER E 115 53.33 12.63 -35.63
N ALA E 116 52.91 11.48 -36.15
CA ALA E 116 53.50 10.21 -35.72
C ALA E 116 55.01 10.20 -35.97
N GLN E 117 55.44 10.65 -37.16
CA GLN E 117 56.86 10.66 -37.50
C GLN E 117 57.62 11.63 -36.61
N ALA E 118 57.08 12.85 -36.43
CA ALA E 118 57.66 13.78 -35.46
C ALA E 118 57.72 13.14 -34.08
N SER E 119 56.80 12.23 -33.77
CA SER E 119 56.85 11.47 -32.53
C SER E 119 57.91 10.37 -32.58
N ALA E 120 58.19 9.83 -33.77
CA ALA E 120 59.24 8.83 -33.87
C ALA E 120 60.64 9.43 -33.71
N ARG E 121 60.80 10.74 -33.93
CA ARG E 121 62.11 11.35 -33.94
C ARG E 121 62.43 12.15 -32.69
N THR E 122 61.44 12.46 -31.84
CA THR E 122 61.69 13.28 -30.66
C THR E 122 61.51 12.54 -29.35
N GLY E 123 60.82 11.39 -29.36
CA GLY E 123 60.48 10.72 -28.12
C GLY E 123 59.27 11.26 -27.43
N VAL E 124 58.49 12.12 -28.10
CA VAL E 124 57.25 12.67 -27.55
C VAL E 124 56.11 11.78 -28.01
N PRO E 125 55.46 11.01 -27.12
CA PRO E 125 54.44 10.05 -27.56
C PRO E 125 53.29 10.72 -28.30
N TYR E 126 52.70 9.96 -29.23
CA TYR E 126 51.62 10.45 -30.08
C TYR E 126 50.33 9.71 -29.76
N ILE E 127 49.26 10.47 -29.56
CA ILE E 127 47.93 9.92 -29.30
C ILE E 127 47.10 10.16 -30.55
N THR E 128 46.58 9.09 -31.14
CA THR E 128 45.83 9.18 -32.39
C THR E 128 44.34 9.09 -32.14
N SER E 129 43.59 10.06 -32.67
CA SER E 129 42.15 10.08 -32.53
C SER E 129 41.50 9.04 -33.44
N THR E 130 40.26 8.68 -33.09
CA THR E 130 39.50 7.73 -33.89
C THR E 130 39.39 8.18 -35.35
N LEU E 131 39.55 9.47 -35.61
CA LEU E 131 39.50 10.06 -36.94
C LEU E 131 40.92 10.36 -37.39
N ALA E 132 41.27 9.88 -38.59
CA ALA E 132 42.60 10.09 -39.15
C ALA E 132 42.53 9.79 -40.64
N VAL E 133 43.58 10.18 -41.35
CA VAL E 133 43.73 9.79 -42.76
C VAL E 133 44.47 8.46 -42.89
N SER E 134 45.44 8.21 -42.03
CA SER E 134 46.14 6.94 -41.96
C SER E 134 45.43 5.99 -41.00
N SER E 135 45.46 4.70 -41.32
CA SER E 135 44.86 3.70 -40.44
C SER E 135 45.60 3.69 -39.10
N LEU E 136 44.96 3.08 -38.10
CA LEU E 136 45.61 2.98 -36.79
C LEU E 136 46.71 1.93 -36.78
N GLU E 137 46.88 1.18 -37.86
CA GLU E 137 47.98 0.23 -37.96
C GLU E 137 49.19 0.84 -38.64
N ASP E 138 49.01 1.88 -39.43
CA ASP E 138 50.11 2.62 -40.04
C ASP E 138 50.62 3.73 -39.13
N ILE E 139 49.78 4.27 -38.25
CA ILE E 139 50.24 5.30 -37.32
C ILE E 139 51.17 4.71 -36.26
N ARG E 140 51.01 3.43 -35.93
CA ARG E 140 51.86 2.82 -34.91
C ARG E 140 53.24 2.48 -35.47
N LYS E 141 53.30 1.96 -36.70
CA LYS E 141 54.59 1.74 -37.34
C LYS E 141 55.37 3.04 -37.44
N HIS E 142 54.71 4.12 -37.89
CA HIS E 142 55.36 5.41 -38.04
C HIS E 142 55.89 5.96 -36.73
N ALA E 143 55.40 5.46 -35.59
CA ALA E 143 55.88 5.95 -34.30
C ALA E 143 57.27 5.43 -33.99
N GLY E 144 57.61 4.23 -34.43
CA GLY E 144 58.93 3.68 -34.21
C GLY E 144 59.19 3.17 -32.81
N ASP E 145 60.16 3.77 -32.11
CA ASP E 145 60.55 3.35 -30.78
C ASP E 145 60.10 4.33 -29.70
N THR E 146 59.21 5.29 -30.05
CA THR E 146 58.55 6.20 -29.13
C THR E 146 57.22 5.61 -28.67
N PRO E 147 56.94 5.54 -27.38
CA PRO E 147 55.64 5.05 -26.95
C PRO E 147 54.50 5.70 -27.72
N ALA E 148 53.51 4.89 -28.11
CA ALA E 148 52.35 5.37 -28.86
C ALA E 148 51.05 4.98 -28.18
N TYR E 149 50.07 5.89 -28.20
CA TYR E 149 48.78 5.70 -27.56
C TYR E 149 47.67 5.95 -28.57
N PHE E 150 46.51 5.35 -28.30
CA PHE E 150 45.36 5.36 -29.20
C PHE E 150 44.15 5.87 -28.45
N GLN E 151 43.48 6.89 -29.01
CA GLN E 151 42.31 7.49 -28.39
C GLN E 151 41.04 6.98 -29.07
N LEU E 152 40.16 6.36 -28.28
CA LEU E 152 38.92 5.79 -28.77
C LEU E 152 37.77 6.80 -28.64
N TYR E 153 36.98 6.88 -29.71
CA TYR E 153 35.69 7.57 -29.70
C TYR E 153 34.60 6.49 -29.65
N TYR E 154 33.99 6.30 -28.47
CA TYR E 154 33.05 5.20 -28.25
C TYR E 154 31.85 5.30 -29.20
N PRO E 155 31.75 4.41 -30.18
CA PRO E 155 30.58 4.44 -31.06
C PRO E 155 29.40 3.70 -30.43
N GLU E 156 28.26 3.80 -31.11
CA GLU E 156 27.06 3.07 -30.72
C GLU E 156 27.10 1.64 -31.26
N ASP E 157 28.16 0.90 -30.88
CA ASP E 157 28.30 -0.49 -31.33
C ASP E 157 29.35 -1.21 -30.51
N ARG E 158 28.98 -2.34 -29.91
CA ARG E 158 29.90 -3.11 -29.09
C ARG E 158 30.66 -4.17 -29.86
N ASP E 159 30.42 -4.29 -31.17
CA ASP E 159 31.28 -5.08 -32.04
C ASP E 159 32.31 -4.25 -32.78
N LEU E 160 32.06 -2.95 -32.95
CA LEU E 160 33.00 -2.03 -33.60
C LEU E 160 33.94 -1.36 -32.59
N ALA E 161 33.45 -1.03 -31.39
CA ALA E 161 34.31 -0.44 -30.37
C ALA E 161 35.42 -1.41 -29.98
N GLU E 162 35.06 -2.63 -29.62
CA GLU E 162 36.06 -3.66 -29.36
C GLU E 162 37.05 -3.75 -30.52
N SER E 163 36.53 -4.04 -31.72
CA SER E 163 37.38 -4.06 -32.91
C SER E 163 38.38 -2.91 -32.86
N PHE E 164 37.89 -1.70 -32.60
CA PHE E 164 38.80 -0.56 -32.48
C PHE E 164 39.85 -0.83 -31.40
N ILE E 165 39.41 -1.31 -30.23
CA ILE E 165 40.37 -1.60 -29.16
C ILE E 165 41.29 -2.74 -29.56
N ARG E 166 40.70 -3.88 -29.94
CA ARG E 166 41.51 -5.02 -30.37
C ARG E 166 42.59 -4.56 -31.35
N ARG E 167 42.20 -3.77 -32.35
CA ARG E 167 43.16 -3.31 -33.35
C ARG E 167 44.21 -2.41 -32.73
N ALA E 168 43.88 -1.72 -31.63
CA ALA E 168 44.88 -0.92 -30.96
C ALA E 168 45.86 -1.80 -30.19
N GLU E 169 45.41 -2.95 -29.68
CA GLU E 169 46.34 -3.84 -28.98
C GLU E 169 47.15 -4.71 -29.94
N GLU E 170 46.58 -5.12 -31.07
CA GLU E 170 47.35 -5.89 -32.05
C GLU E 170 48.49 -5.05 -32.63
N ALA E 171 48.25 -3.75 -32.83
CA ALA E 171 49.20 -2.92 -33.55
C ALA E 171 50.49 -2.72 -32.77
N GLY E 172 50.42 -2.66 -31.44
CA GLY E 172 51.56 -2.31 -30.62
C GLY E 172 51.35 -1.03 -29.84
N TYR E 173 50.10 -0.62 -29.65
CA TYR E 173 49.80 0.58 -28.88
C TYR E 173 49.98 0.32 -27.38
N ASP E 174 50.39 1.39 -26.67
CA ASP E 174 50.77 1.31 -25.28
C ASP E 174 49.63 1.62 -24.31
N GLY E 175 48.47 2.02 -24.81
CA GLY E 175 47.38 2.36 -23.94
C GLY E 175 46.09 2.52 -24.71
N LEU E 176 45.06 2.97 -24.01
CA LEU E 176 43.76 3.26 -24.60
C LEU E 176 43.25 4.55 -23.98
N VAL E 177 42.79 5.48 -24.82
CA VAL E 177 42.38 6.82 -24.37
C VAL E 177 40.92 7.00 -24.79
N ILE E 178 40.02 6.86 -23.81
CA ILE E 178 38.58 6.87 -24.05
C ILE E 178 38.08 8.28 -23.76
N THR E 179 37.92 9.09 -24.79
CA THR E 179 37.48 10.47 -24.61
C THR E 179 36.00 10.50 -24.21
N LEU E 180 35.70 11.24 -23.14
CA LEU E 180 34.43 11.14 -22.45
C LEU E 180 33.51 12.34 -22.66
N ASP E 181 34.06 13.50 -23.01
CA ASP E 181 33.27 14.72 -23.13
C ASP E 181 32.91 15.07 -24.58
N THR E 182 32.84 14.08 -25.48
CA THR E 182 32.53 14.39 -26.89
C THR E 182 31.76 13.24 -27.55
N TRP E 183 30.66 12.80 -26.91
CA TRP E 183 29.71 11.94 -27.60
C TRP E 183 28.78 12.77 -28.48
N ILE E 184 28.58 14.04 -28.15
CA ILE E 184 27.72 14.94 -28.90
C ILE E 184 28.47 16.25 -29.14
N PHE E 185 28.17 16.90 -30.25
CA PHE E 185 28.95 18.03 -30.76
C PHE E 185 28.45 19.33 -30.16
N GLY E 186 29.32 20.03 -29.42
CA GLY E 186 28.92 21.29 -28.84
C GLY E 186 28.58 22.33 -29.90
N TRP E 187 27.86 23.35 -29.47
CA TRP E 187 27.70 24.55 -30.29
C TRP E 187 29.09 25.07 -30.69
N ARG E 188 29.19 25.64 -31.89
CA ARG E 188 30.46 26.20 -32.38
C ARG E 188 30.16 27.31 -33.38
N PRO E 189 30.02 28.56 -32.91
CA PRO E 189 29.59 29.64 -33.83
C PRO E 189 30.51 29.89 -35.03
N ARG E 190 31.73 29.36 -35.06
CA ARG E 190 32.59 29.53 -36.22
C ARG E 190 32.36 28.46 -37.29
N ASP E 191 31.97 27.25 -36.90
CA ASP E 191 31.62 26.22 -37.88
C ASP E 191 30.20 26.37 -38.41
N LEU E 192 29.33 27.09 -37.67
CA LEU E 192 27.91 27.18 -37.98
C LEU E 192 27.54 28.31 -38.92
N THR E 193 28.37 29.37 -39.00
CA THR E 193 28.13 30.44 -39.94
C THR E 193 28.46 30.03 -41.37
N ILE E 194 29.40 29.10 -41.55
CA ILE E 194 29.74 28.58 -42.87
C ILE E 194 29.07 27.25 -43.18
N SER E 195 28.68 26.48 -42.15
CA SER E 195 28.14 25.12 -42.29
C SER E 195 29.28 24.14 -42.52
N ASN E 196 30.34 24.27 -41.73
CA ASN E 196 31.56 23.48 -41.87
C ASN E 196 31.48 22.27 -40.95
N PHE E 197 31.73 21.09 -41.51
CA PHE E 197 31.88 19.86 -40.76
C PHE E 197 32.55 18.79 -41.61
N PRO E 198 33.88 18.66 -41.55
CA PRO E 198 34.56 17.80 -42.54
C PRO E 198 34.08 16.36 -42.54
N PHE E 199 33.93 15.76 -41.35
CA PHE E 199 33.69 14.32 -41.25
C PHE E 199 32.45 13.92 -42.04
N LEU E 200 31.46 14.81 -42.14
CA LEU E 200 30.26 14.52 -42.92
C LEU E 200 30.47 14.69 -44.43
N ARG E 201 31.70 14.97 -44.88
CA ARG E 201 32.06 14.86 -46.29
C ARG E 201 32.92 13.62 -46.58
N GLY E 202 33.23 12.81 -45.59
CA GLY E 202 34.02 11.63 -45.76
C GLY E 202 35.50 11.80 -45.48
N LEU E 203 35.87 12.76 -44.64
CA LEU E 203 37.26 13.05 -44.34
C LEU E 203 37.60 12.51 -42.95
N CYS E 204 38.63 11.67 -42.88
CA CYS E 204 39.19 11.18 -41.63
C CYS E 204 38.34 10.04 -41.07
N LEU E 205 37.86 9.16 -41.95
CA LEU E 205 37.10 7.98 -41.53
C LEU E 205 37.85 6.69 -41.88
N THR E 206 39.18 6.76 -41.93
CA THR E 206 39.98 5.61 -42.34
C THR E 206 39.86 4.47 -41.33
N ASN E 207 39.79 4.78 -40.04
CA ASN E 207 39.70 3.75 -39.01
C ASN E 207 38.33 3.10 -38.97
N TYR E 208 37.35 3.66 -39.67
CA TYR E 208 36.06 3.01 -39.87
C TYR E 208 36.03 2.20 -41.16
N VAL E 209 36.42 2.81 -42.29
CA VAL E 209 36.36 2.11 -43.57
CA VAL E 209 36.41 2.13 -43.59
C VAL E 209 37.18 0.83 -43.52
N THR E 210 38.39 0.88 -42.96
CA THR E 210 39.24 -0.30 -42.85
C THR E 210 38.88 -1.19 -41.68
N ASP E 211 37.64 -1.11 -41.20
CA ASP E 211 37.23 -1.90 -40.06
C ASP E 211 36.32 -3.02 -40.54
N PRO E 212 36.70 -4.30 -40.38
CA PRO E 212 35.81 -5.39 -40.82
C PRO E 212 34.39 -5.32 -40.25
N VAL E 213 34.26 -5.00 -38.96
CA VAL E 213 32.94 -4.82 -38.39
C VAL E 213 32.19 -3.72 -39.15
N PHE E 214 32.81 -2.54 -39.26
CA PHE E 214 32.16 -1.44 -39.97
C PHE E 214 31.95 -1.78 -41.45
N GLN E 215 32.83 -2.61 -42.03
CA GLN E 215 32.67 -3.04 -43.42
C GLN E 215 31.59 -4.10 -43.58
N LYS E 216 31.18 -4.75 -42.50
CA LYS E 216 30.09 -5.70 -42.54
C LYS E 216 28.74 -5.06 -42.20
N LYS E 217 28.73 -4.04 -41.36
CA LYS E 217 27.48 -3.44 -40.88
C LYS E 217 26.94 -2.37 -41.81
N PHE E 218 27.81 -1.50 -42.34
CA PHE E 218 27.40 -0.64 -43.45
C PHE E 218 27.08 -1.44 -44.70
N LYS E 219 27.54 -2.70 -44.76
CA LYS E 219 27.29 -3.56 -45.92
C LYS E 219 25.87 -4.09 -45.92
N ALA E 220 25.33 -4.42 -44.74
CA ALA E 220 23.94 -4.88 -44.62
C ALA E 220 22.95 -3.73 -44.47
N HIS E 221 23.43 -2.50 -44.26
CA HIS E 221 22.53 -1.35 -44.15
C HIS E 221 22.18 -0.79 -45.54
N SER E 222 23.20 -0.42 -46.31
CA SER E 222 22.99 0.26 -47.58
C SER E 222 23.71 -0.47 -48.70
N GLY E 223 24.16 0.26 -49.72
CA GLY E 223 25.03 -0.30 -50.73
C GLY E 223 26.13 -1.11 -50.08
N VAL E 224 26.56 -2.18 -50.74
CA VAL E 224 27.39 -3.18 -50.10
C VAL E 224 28.86 -2.97 -50.50
N GLU E 225 29.73 -3.76 -49.89
CA GLU E 225 31.11 -3.95 -50.34
C GLU E 225 32.06 -2.94 -49.70
N ALA E 226 33.30 -3.35 -49.48
CA ALA E 226 34.30 -2.53 -48.81
C ALA E 226 35.25 -1.83 -49.77
N GLU E 227 35.43 -2.35 -51.00
CA GLU E 227 36.21 -1.59 -51.98
C GLU E 227 35.50 -0.27 -52.30
N GLY E 228 34.23 -0.33 -52.70
CA GLY E 228 33.47 0.87 -52.97
C GLY E 228 33.35 1.81 -51.79
N LEU E 229 33.64 1.32 -50.58
CA LEU E 229 33.66 2.17 -49.41
C LEU E 229 34.98 2.91 -49.28
N ARG E 230 36.09 2.23 -49.59
CA ARG E 230 37.41 2.87 -49.55
C ARG E 230 37.71 3.68 -50.80
N ASP E 231 36.80 3.71 -51.77
CA ASP E 231 36.91 4.60 -52.93
C ASP E 231 36.14 5.90 -52.73
N ASN E 232 34.96 5.83 -52.11
CA ASN E 232 34.19 7.00 -51.73
C ASN E 232 33.72 6.79 -50.30
N PRO E 233 34.59 7.05 -49.31
CA PRO E 233 34.15 6.93 -47.90
C PRO E 233 32.89 7.74 -47.60
N ARG E 234 32.65 8.82 -48.35
CA ARG E 234 31.48 9.65 -48.14
C ARG E 234 30.18 8.85 -48.22
N LEU E 235 30.21 7.69 -48.88
CA LEU E 235 29.02 6.85 -48.95
C LEU E 235 28.62 6.28 -47.58
N ALA E 236 29.53 6.26 -46.61
CA ALA E 236 29.23 5.77 -45.27
C ALA E 236 29.28 6.87 -44.22
N ALA E 237 29.28 8.14 -44.66
CA ALA E 237 29.43 9.27 -43.73
C ALA E 237 28.21 9.43 -42.84
N ASP E 238 27.01 9.18 -43.38
CA ASP E 238 25.80 9.28 -42.56
C ASP E 238 25.61 8.06 -41.69
N PHE E 239 26.20 6.92 -42.08
CA PHE E 239 26.20 5.75 -41.21
C PHE E 239 27.24 5.89 -40.10
N TRP E 240 28.34 6.61 -40.37
CA TRP E 240 29.26 6.97 -39.31
C TRP E 240 28.59 7.87 -38.28
N HIS E 241 27.77 8.82 -38.77
CA HIS E 241 27.10 9.77 -37.90
C HIS E 241 25.94 9.16 -37.11
N GLY E 242 25.58 7.90 -37.38
CA GLY E 242 24.53 7.25 -36.63
C GLY E 242 25.03 6.38 -35.50
N LEU E 243 26.34 6.08 -35.50
CA LEU E 243 26.94 5.24 -34.47
C LEU E 243 28.15 5.86 -33.79
N PHE E 244 28.55 7.07 -34.17
CA PHE E 244 29.71 7.73 -33.57
C PHE E 244 29.48 8.05 -32.10
N GLY E 245 28.57 8.97 -31.83
CA GLY E 245 28.39 9.40 -30.46
C GLY E 245 27.65 8.40 -29.60
N HIS E 246 28.38 7.55 -28.88
CA HIS E 246 27.80 6.83 -27.75
C HIS E 246 28.09 7.57 -26.45
N SER E 247 27.12 7.56 -25.54
CA SER E 247 27.28 8.14 -24.21
C SER E 247 27.92 7.09 -23.31
N VAL E 248 29.20 7.28 -22.99
CA VAL E 248 29.95 6.27 -22.26
C VAL E 248 29.53 6.25 -20.80
N THR E 249 29.49 5.05 -20.23
CA THR E 249 29.06 4.82 -18.86
C THR E 249 30.17 4.11 -18.08
N TRP E 250 29.96 4.03 -16.76
CA TRP E 250 30.86 3.27 -15.89
C TRP E 250 30.81 1.77 -16.20
N GLU E 251 29.69 1.26 -16.74
CA GLU E 251 29.59 -0.15 -17.08
C GLU E 251 30.00 -0.45 -18.52
N ASP E 252 30.41 0.57 -19.28
CA ASP E 252 31.16 0.37 -20.51
C ASP E 252 32.67 0.48 -20.29
N ILE E 253 33.10 1.20 -19.24
CA ILE E 253 34.51 1.26 -18.90
C ILE E 253 34.98 -0.07 -18.31
N ASP E 254 34.30 -0.53 -17.25
CA ASP E 254 34.62 -1.84 -16.68
C ASP E 254 34.72 -2.91 -17.75
N TRP E 255 33.87 -2.83 -18.77
CA TRP E 255 33.86 -3.82 -19.84
C TRP E 255 35.10 -3.69 -20.73
N VAL E 256 35.35 -2.47 -21.25
CA VAL E 256 36.56 -2.24 -22.06
C VAL E 256 37.81 -2.68 -21.33
N ARG E 257 37.77 -2.70 -19.99
CA ARG E 257 38.90 -3.18 -19.21
C ARG E 257 38.98 -4.70 -19.25
N SER E 258 37.83 -5.37 -19.19
CA SER E 258 37.79 -6.83 -19.21
C SER E 258 37.99 -7.39 -20.60
N ILE E 259 38.31 -6.55 -21.59
CA ILE E 259 38.56 -7.00 -22.95
C ILE E 259 39.88 -6.48 -23.50
N THR E 260 40.66 -5.73 -22.72
CA THR E 260 41.97 -5.28 -23.17
C THR E 260 42.96 -5.36 -22.02
N LYS E 261 44.20 -5.70 -22.35
CA LYS E 261 45.30 -5.63 -21.41
C LYS E 261 45.93 -4.25 -21.36
N MET E 262 45.50 -3.32 -22.23
CA MET E 262 46.07 -1.99 -22.31
C MET E 262 45.60 -1.12 -21.14
N PRO E 263 46.46 -0.22 -20.64
CA PRO E 263 46.02 0.72 -19.59
C PRO E 263 45.00 1.71 -20.11
N VAL E 264 43.84 1.75 -19.46
CA VAL E 264 42.70 2.54 -19.91
C VAL E 264 42.78 3.94 -19.29
N ILE E 265 42.69 4.96 -20.14
CA ILE E 265 42.88 6.36 -19.75
C ILE E 265 41.58 7.09 -20.08
N LEU E 266 40.97 7.70 -19.06
CA LEU E 266 39.70 8.42 -19.22
C LEU E 266 39.98 9.89 -19.48
N LYS E 267 39.52 10.41 -20.62
CA LYS E 267 39.84 11.76 -21.08
C LYS E 267 38.61 12.67 -21.02
N GLY E 268 38.77 13.81 -20.37
CA GLY E 268 37.67 14.74 -20.11
C GLY E 268 37.44 15.06 -18.64
N ILE E 269 38.13 14.38 -17.71
CA ILE E 269 37.83 14.51 -16.28
C ILE E 269 38.23 15.89 -15.76
N GLN E 270 37.34 16.45 -14.92
CA GLN E 270 37.60 17.71 -14.24
C GLN E 270 37.21 17.67 -12.75
N HIS E 271 36.17 16.90 -12.43
CA HIS E 271 35.67 16.82 -11.04
C HIS E 271 36.50 15.84 -10.23
N PRO E 272 37.08 16.24 -9.08
CA PRO E 272 37.84 15.26 -8.28
C PRO E 272 37.12 13.93 -8.06
N ASP E 273 35.80 13.95 -7.92
CA ASP E 273 35.08 12.71 -7.62
C ASP E 273 34.99 11.80 -8.83
N ASP E 274 34.99 12.37 -10.05
CA ASP E 274 35.02 11.54 -11.24
C ASP E 274 36.40 10.93 -11.44
N ALA E 275 37.42 11.47 -10.77
CA ALA E 275 38.72 10.83 -10.69
C ALA E 275 38.80 9.85 -9.53
N ARG E 276 38.02 10.10 -8.47
CA ARG E 276 38.03 9.25 -7.29
C ARG E 276 37.28 7.95 -7.56
N ARG E 277 36.16 8.02 -8.28
CA ARG E 277 35.40 6.82 -8.62
C ARG E 277 36.03 6.05 -9.77
N ALA E 278 36.92 6.68 -10.55
CA ALA E 278 37.60 5.99 -11.63
C ALA E 278 38.78 5.17 -11.10
N VAL E 279 39.58 5.74 -10.19
CA VAL E 279 40.70 4.98 -9.62
C VAL E 279 40.18 3.89 -8.68
N ASP E 280 39.03 4.09 -8.02
CA ASP E 280 38.44 3.00 -7.25
C ASP E 280 38.17 1.80 -8.16
N SER E 281 37.56 2.05 -9.32
CA SER E 281 37.13 1.02 -10.24
CA SER E 281 37.12 1.00 -10.22
C SER E 281 38.27 0.40 -11.04
N GLY E 282 39.51 0.83 -10.81
CA GLY E 282 40.64 0.22 -11.48
C GLY E 282 41.06 0.85 -12.78
N VAL E 283 40.86 2.16 -12.95
CA VAL E 283 41.37 2.84 -14.14
C VAL E 283 42.83 3.21 -13.90
N ASP E 284 43.69 2.91 -14.88
CA ASP E 284 45.13 3.09 -14.80
C ASP E 284 45.59 4.55 -14.96
N GLY E 285 44.72 5.46 -15.39
CA GLY E 285 45.17 6.81 -15.65
C GLY E 285 44.02 7.79 -15.73
N ILE E 286 44.31 9.02 -15.33
CA ILE E 286 43.37 10.14 -15.41
C ILE E 286 44.00 11.22 -16.27
N TYR E 287 43.18 11.87 -17.09
CA TYR E 287 43.61 12.84 -18.10
C TYR E 287 42.71 14.05 -17.91
N CYS E 288 43.22 15.06 -17.19
CA CYS E 288 42.43 16.22 -16.80
C CYS E 288 42.30 17.19 -17.98
N SER E 289 41.07 17.47 -18.39
CA SER E 289 40.88 18.34 -19.55
C SER E 289 39.40 18.65 -19.79
N ASN E 290 39.17 19.65 -20.63
CA ASN E 290 37.84 19.97 -21.12
C ASN E 290 37.81 20.09 -22.64
N HIS E 291 38.90 19.68 -23.33
CA HIS E 291 38.95 19.56 -24.78
C HIS E 291 39.45 20.86 -25.41
N GLY E 292 40.08 21.71 -24.61
CA GLY E 292 40.54 23.00 -25.06
C GLY E 292 39.52 24.11 -25.01
N GLY E 293 38.39 23.88 -24.32
CA GLY E 293 37.25 24.76 -24.42
C GLY E 293 36.46 24.62 -25.70
N ARG E 294 36.57 23.48 -26.37
CA ARG E 294 35.98 23.29 -27.69
C ARG E 294 34.61 22.60 -27.69
N GLN E 295 34.29 21.85 -26.65
CA GLN E 295 33.04 21.10 -26.61
C GLN E 295 32.01 21.69 -25.67
N ALA E 296 32.43 22.40 -24.63
CA ALA E 296 31.52 23.07 -23.74
C ALA E 296 32.06 24.45 -23.44
N ASN E 297 31.16 25.42 -23.38
CA ASN E 297 31.49 26.80 -22.98
C ASN E 297 31.14 27.05 -21.52
N GLY E 298 31.24 26.00 -20.69
CA GLY E 298 30.88 26.10 -19.29
C GLY E 298 31.66 27.14 -18.51
N GLY E 299 32.82 27.53 -18.99
CA GLY E 299 33.60 28.59 -18.41
C GLY E 299 34.78 28.13 -17.57
N LEU E 300 34.74 26.90 -17.07
CA LEU E 300 35.74 26.47 -16.09
C LEU E 300 37.03 26.08 -16.79
N PRO E 301 38.16 26.69 -16.46
CA PRO E 301 39.43 26.21 -17.01
C PRO E 301 39.73 24.80 -16.49
N ALA E 302 40.51 24.08 -17.29
CA ALA E 302 40.94 22.75 -16.86
C ALA E 302 42.11 22.81 -15.89
N LEU E 303 42.83 23.94 -15.84
CA LEU E 303 43.91 24.07 -14.88
C LEU E 303 43.38 24.33 -13.48
N ASP E 304 42.27 25.06 -13.37
CA ASP E 304 41.65 25.29 -12.08
C ASP E 304 41.27 23.98 -11.43
N CYS E 305 41.17 22.90 -12.20
CA CYS E 305 40.71 21.61 -11.70
C CYS E 305 41.83 20.58 -11.58
N LEU E 306 43.08 20.93 -11.90
CA LEU E 306 44.15 19.93 -12.00
C LEU E 306 44.70 19.49 -10.64
N PRO E 307 45.16 20.40 -9.76
CA PRO E 307 45.72 19.92 -8.49
C PRO E 307 44.76 19.05 -7.71
N GLU E 308 43.46 19.30 -7.82
CA GLU E 308 42.47 18.50 -7.09
C GLU E 308 42.37 17.10 -7.70
N VAL E 309 42.19 17.04 -9.03
CA VAL E 309 42.18 15.76 -9.76
C VAL E 309 43.42 14.95 -9.42
N VAL E 310 44.56 15.62 -9.31
CA VAL E 310 45.79 14.96 -8.84
C VAL E 310 45.64 14.49 -7.39
N LYS E 311 45.08 15.35 -6.53
CA LYS E 311 44.74 14.93 -5.18
C LYS E 311 43.79 13.74 -5.22
N ALA E 312 42.61 13.92 -5.81
CA ALA E 312 41.61 12.87 -5.86
C ALA E 312 42.14 11.60 -6.52
N SER E 313 43.16 11.71 -7.38
CA SER E 313 43.69 10.57 -8.12
C SER E 313 44.68 9.74 -7.33
N GLY E 314 45.32 10.30 -6.30
CA GLY E 314 46.31 9.53 -5.57
C GLY E 314 47.40 9.10 -6.51
N ASP E 315 47.78 7.83 -6.40
CA ASP E 315 48.92 7.29 -7.14
C ASP E 315 48.62 6.97 -8.61
N THR E 316 47.43 7.29 -9.12
CA THR E 316 47.10 6.99 -10.50
C THR E 316 47.60 8.14 -11.37
N PRO E 317 48.56 7.91 -12.28
CA PRO E 317 49.10 9.04 -13.07
C PRO E 317 48.03 9.99 -13.59
N VAL E 318 48.37 11.26 -13.73
CA VAL E 318 47.41 12.27 -14.18
C VAL E 318 48.02 12.97 -15.40
N LEU E 319 47.45 12.72 -16.58
CA LEU E 319 47.74 13.54 -17.74
C LEU E 319 46.94 14.85 -17.66
N PHE E 320 47.46 15.89 -18.30
CA PHE E 320 46.75 17.16 -18.40
C PHE E 320 46.83 17.68 -19.82
N ASP E 321 45.83 18.48 -20.20
CA ASP E 321 45.87 19.25 -21.44
C ASP E 321 44.69 20.21 -21.39
N SER E 322 44.75 21.21 -22.29
CA SER E 322 43.81 22.31 -22.46
C SER E 322 44.45 23.61 -21.99
N GLY E 323 44.96 24.40 -22.95
CA GLY E 323 45.51 25.72 -22.69
C GLY E 323 47.02 25.83 -22.81
N ILE E 324 47.74 24.71 -22.86
CA ILE E 324 49.20 24.77 -22.94
C ILE E 324 49.57 25.48 -24.24
N ARG E 325 50.56 26.37 -24.18
CA ARG E 325 50.95 27.12 -25.36
C ARG E 325 52.44 27.43 -25.42
N THR E 326 53.10 27.45 -24.26
CA THR E 326 54.55 27.61 -24.19
C THR E 326 55.13 26.70 -23.11
N GLY E 327 56.46 26.62 -23.11
CA GLY E 327 57.15 25.76 -22.17
C GLY E 327 56.88 26.13 -20.73
N ALA E 328 56.73 27.43 -20.47
CA ALA E 328 56.37 27.88 -19.12
C ALA E 328 55.09 27.17 -18.64
N ASP E 329 54.12 26.97 -19.54
CA ASP E 329 52.89 26.29 -19.15
C ASP E 329 53.18 24.87 -18.70
N VAL E 330 54.08 24.19 -19.43
CA VAL E 330 54.37 22.79 -19.13
C VAL E 330 54.98 22.66 -17.73
N VAL E 331 55.82 23.61 -17.35
CA VAL E 331 56.48 23.56 -16.04
C VAL E 331 55.46 23.66 -14.91
N LYS E 332 54.45 24.53 -15.08
CA LYS E 332 53.50 24.79 -14.01
C LYS E 332 52.54 23.61 -13.82
N ALA E 333 52.11 23.00 -14.92
CA ALA E 333 51.18 21.89 -14.86
C ALA E 333 51.79 20.69 -14.14
N LEU E 334 53.10 20.47 -14.36
CA LEU E 334 53.83 19.41 -13.67
C LEU E 334 54.14 19.79 -12.24
N ALA E 335 54.25 21.10 -11.97
CA ALA E 335 54.33 21.57 -10.59
C ALA E 335 53.05 21.23 -9.84
N MET E 336 51.88 21.43 -10.47
CA MET E 336 50.61 21.14 -9.84
C MET E 336 50.36 19.65 -9.65
N GLY E 337 51.10 18.80 -10.36
CA GLY E 337 51.03 17.35 -10.16
C GLY E 337 50.63 16.52 -11.36
N ALA E 338 50.66 17.11 -12.56
CA ALA E 338 50.38 16.37 -13.78
C ALA E 338 51.60 15.55 -14.17
N SER E 339 51.38 14.28 -14.52
CA SER E 339 52.44 13.36 -14.90
C SER E 339 52.95 13.57 -16.32
N ALA E 340 52.23 14.35 -17.13
CA ALA E 340 52.56 14.62 -18.52
C ALA E 340 51.48 15.55 -19.09
N VAL E 341 51.86 16.39 -20.04
CA VAL E 341 51.02 17.49 -20.49
CA VAL E 341 51.04 17.51 -20.49
C VAL E 341 50.83 17.37 -21.99
N GLY E 342 49.62 16.97 -22.39
CA GLY E 342 49.32 16.92 -23.81
C GLY E 342 49.56 18.27 -24.46
N ILE E 343 49.65 18.25 -25.79
CA ILE E 343 49.78 19.48 -26.58
C ILE E 343 48.77 19.41 -27.71
N GLY E 344 47.90 20.40 -27.81
CA GLY E 344 46.90 20.42 -28.87
C GLY E 344 47.22 21.45 -29.96
N ARG E 345 46.61 22.63 -29.85
CA ARG E 345 46.70 23.67 -30.87
C ARG E 345 48.12 23.94 -31.37
N PRO E 346 49.14 24.12 -30.53
CA PRO E 346 50.43 24.61 -31.04
C PRO E 346 51.03 23.75 -32.15
N TYR E 347 50.88 22.44 -32.07
CA TYR E 347 51.47 21.55 -33.07
C TYR E 347 50.56 21.37 -34.28
N ALA E 348 49.29 21.79 -34.19
CA ALA E 348 48.49 21.98 -35.40
C ALA E 348 49.03 23.14 -36.23
N TRP E 349 49.43 24.22 -35.55
CA TRP E 349 50.00 25.38 -36.25
C TRP E 349 51.33 25.06 -36.91
N GLY E 350 52.08 24.11 -36.35
CA GLY E 350 53.32 23.65 -36.97
C GLY E 350 53.13 22.61 -38.04
N ALA E 351 52.00 21.90 -38.01
CA ALA E 351 51.61 21.05 -39.13
C ALA E 351 51.38 21.88 -40.40
N ALA E 352 50.91 23.13 -40.23
CA ALA E 352 50.48 23.95 -41.37
C ALA E 352 51.64 24.70 -42.01
N LEU E 353 52.67 25.08 -41.25
CA LEU E 353 53.76 25.88 -41.78
C LEU E 353 54.97 25.08 -42.19
N GLY E 354 55.06 23.80 -41.82
CA GLY E 354 56.24 23.01 -42.09
C GLY E 354 56.04 21.50 -42.08
N GLY E 355 54.97 21.04 -41.44
CA GLY E 355 54.63 19.62 -41.43
C GLY E 355 55.26 18.90 -40.26
N SER E 356 55.92 17.77 -40.54
CA SER E 356 56.56 16.99 -39.48
C SER E 356 57.77 17.73 -38.91
N LYS E 357 58.60 18.33 -39.76
CA LYS E 357 59.72 19.12 -39.28
C LYS E 357 59.26 20.28 -38.40
N GLY E 358 57.96 20.62 -38.46
CA GLY E 358 57.38 21.72 -37.72
C GLY E 358 56.67 21.28 -36.45
N ILE E 359 55.91 20.18 -36.55
CA ILE E 359 55.45 19.48 -35.35
C ILE E 359 56.63 19.17 -34.44
N GLU E 360 57.76 18.79 -35.05
CA GLU E 360 59.00 18.55 -34.31
C GLU E 360 59.55 19.82 -33.68
N HIS E 361 59.58 20.92 -34.45
CA HIS E 361 59.99 22.19 -33.88
C HIS E 361 59.07 22.62 -32.74
N VAL E 362 57.75 22.46 -32.93
CA VAL E 362 56.80 22.80 -31.87
C VAL E 362 57.07 21.95 -30.65
N ALA E 363 57.25 20.64 -30.84
CA ALA E 363 57.59 19.75 -29.74
C ALA E 363 58.92 20.15 -29.10
N ARG E 364 59.93 20.39 -29.94
CA ARG E 364 61.27 20.70 -29.46
C ARG E 364 61.42 22.13 -28.95
N SER E 365 60.48 23.03 -29.26
CA SER E 365 60.52 24.37 -28.68
C SER E 365 59.86 24.41 -27.30
N LEU E 366 58.86 23.56 -27.08
CA LEU E 366 58.20 23.53 -25.77
C LEU E 366 59.12 22.91 -24.71
N LEU E 367 59.69 21.74 -24.99
CA LEU E 367 60.58 21.07 -24.05
C LEU E 367 61.85 21.87 -23.76
N ALA E 368 62.21 22.83 -24.61
CA ALA E 368 63.39 23.63 -24.36
C ALA E 368 63.11 24.72 -23.32
N GLU E 369 62.11 25.60 -23.59
CA GLU E 369 61.76 26.59 -22.59
C GLU E 369 61.34 25.94 -21.27
N ALA E 370 60.76 24.73 -21.31
CA ALA E 370 60.43 24.08 -20.06
C ALA E 370 61.70 23.63 -19.33
N ASP E 371 62.66 23.09 -20.08
CA ASP E 371 63.91 22.62 -19.51
C ASP E 371 64.73 23.78 -18.94
N LEU E 372 64.84 24.88 -19.69
CA LEU E 372 65.68 25.99 -19.28
C LEU E 372 65.11 26.77 -18.10
N ILE E 373 63.78 26.73 -17.92
CA ILE E 373 63.18 27.42 -16.77
C ILE E 373 63.57 26.70 -15.48
N MET E 374 63.40 25.38 -15.43
CA MET E 374 63.86 24.60 -14.29
C MET E 374 65.34 24.83 -14.04
N ALA E 375 66.17 24.61 -15.06
CA ALA E 375 67.62 24.73 -14.88
C ALA E 375 67.97 26.03 -14.20
N VAL E 376 67.47 27.15 -14.72
CA VAL E 376 67.86 28.45 -14.19
C VAL E 376 67.20 28.73 -12.84
N ASP E 377 66.00 28.19 -12.61
CA ASP E 377 65.25 28.45 -11.39
C ASP E 377 65.45 27.39 -10.31
N GLY E 378 66.29 26.38 -10.56
CA GLY E 378 66.75 25.51 -9.51
C GLY E 378 65.88 24.31 -9.22
N TYR E 379 65.47 23.60 -10.28
CA TYR E 379 64.68 22.38 -10.15
C TYR E 379 65.30 21.31 -11.04
N ARG E 380 65.96 20.33 -10.41
CA ARG E 380 66.76 19.35 -11.11
C ARG E 380 65.95 18.23 -11.77
N ASN E 381 64.64 18.15 -11.52
CA ASN E 381 63.78 17.17 -12.17
C ASN E 381 62.33 17.31 -11.71
N LEU E 382 61.46 16.37 -12.10
CA LEU E 382 60.03 16.46 -11.82
C LEU E 382 59.63 16.07 -10.39
N LYS E 383 60.52 15.45 -9.60
CA LYS E 383 60.20 15.09 -8.22
C LYS E 383 60.47 16.21 -7.22
N GLU E 384 61.33 17.16 -7.56
CA GLU E 384 61.48 18.39 -6.79
C GLU E 384 60.56 19.49 -7.30
N LEU E 385 60.18 19.45 -8.58
CA LEU E 385 59.20 20.38 -9.15
C LEU E 385 57.81 19.99 -8.67
N THR E 386 57.51 20.40 -7.44
CA THR E 386 56.30 20.00 -6.73
C THR E 386 55.26 21.11 -6.87
N ILE E 387 54.20 21.06 -6.06
CA ILE E 387 53.13 22.05 -6.19
C ILE E 387 53.40 23.30 -5.37
N ASP E 388 54.15 23.20 -4.27
CA ASP E 388 54.52 24.36 -3.46
C ASP E 388 55.73 25.10 -4.03
N ALA E 389 56.20 24.75 -5.22
CA ALA E 389 57.05 25.63 -6.00
C ALA E 389 56.23 26.63 -6.82
N LEU E 390 54.93 26.78 -6.52
CA LEU E 390 54.07 27.72 -7.21
C LEU E 390 53.52 28.74 -6.22
N ARG E 391 53.17 29.93 -6.74
CA ARG E 391 52.52 30.98 -5.98
C ARG E 391 51.44 31.62 -6.84
N PRO E 392 50.24 31.87 -6.27
CA PRO E 392 49.24 32.64 -7.03
C PRO E 392 49.72 34.08 -7.23
N THR E 393 49.66 34.53 -8.48
CA THR E 393 50.06 35.88 -8.85
C THR E 393 48.88 36.64 -9.43
N ARG E 394 48.94 37.97 -9.38
CA ARG E 394 47.84 38.76 -9.94
C ARG E 394 47.84 38.58 -11.45
N SER F 2 -31.74 48.92 -45.56
CA SER F 2 -31.85 48.32 -46.92
C SER F 2 -32.52 46.95 -46.86
N ASN F 3 -33.08 46.52 -48.00
CA ASN F 3 -33.62 45.17 -48.13
C ASN F 3 -33.57 44.78 -49.60
N TRP F 4 -33.53 43.46 -49.86
CA TRP F 4 -33.30 42.95 -51.20
C TRP F 4 -34.53 43.07 -52.12
N GLY F 5 -35.69 43.44 -51.58
CA GLY F 5 -36.84 43.71 -52.42
C GLY F 5 -36.78 45.05 -53.16
N ASP F 6 -35.76 45.88 -52.89
CA ASP F 6 -35.65 47.18 -53.53
C ASP F 6 -35.45 47.09 -55.04
N TYR F 7 -35.14 45.91 -55.57
CA TYR F 7 -34.67 45.77 -56.95
C TYR F 7 -35.78 46.01 -57.95
N GLU F 8 -37.04 45.80 -57.55
CA GLU F 8 -38.17 46.17 -58.39
C GLU F 8 -38.42 47.68 -58.34
N ASN F 9 -38.03 48.34 -57.26
CA ASN F 9 -38.06 49.79 -57.23
C ASN F 9 -37.23 50.38 -58.36
N GLU F 10 -36.00 49.86 -58.54
CA GLU F 10 -35.08 50.38 -59.53
C GLU F 10 -35.54 50.04 -60.95
N ILE F 11 -35.97 48.79 -61.16
CA ILE F 11 -36.58 48.40 -62.43
C ILE F 11 -37.75 49.32 -62.75
N TYR F 12 -38.75 49.36 -61.86
CA TYR F 12 -40.00 50.05 -62.15
C TYR F 12 -39.79 51.55 -62.40
N GLY F 13 -38.87 52.17 -61.66
CA GLY F 13 -38.62 53.59 -61.84
C GLY F 13 -37.93 53.93 -63.14
N GLN F 14 -37.13 52.98 -63.66
CA GLN F 14 -36.49 53.20 -64.96
C GLN F 14 -37.52 53.32 -66.07
N GLY F 15 -38.58 52.51 -66.02
CA GLY F 15 -39.66 52.64 -66.99
C GLY F 15 -40.27 54.03 -67.00
N LEU F 16 -40.34 54.67 -65.84
CA LEU F 16 -40.87 56.03 -65.78
C LEU F 16 -40.11 56.96 -66.72
N VAL F 17 -38.82 56.68 -66.96
CA VAL F 17 -37.97 57.53 -67.78
C VAL F 17 -37.59 56.83 -69.09
N GLY F 18 -38.44 55.93 -69.55
CA GLY F 18 -38.31 55.38 -70.88
C GLY F 18 -37.21 54.35 -71.11
N VAL F 19 -36.62 53.80 -70.05
CA VAL F 19 -35.55 52.82 -70.21
C VAL F 19 -36.10 51.44 -69.86
N ALA F 20 -36.67 50.76 -70.85
CA ALA F 20 -37.23 49.43 -70.63
C ALA F 20 -36.18 48.47 -70.14
N PRO F 21 -36.56 47.32 -69.61
CA PRO F 21 -35.56 46.31 -69.24
C PRO F 21 -35.06 45.51 -70.43
N THR F 22 -33.81 45.08 -70.32
CA THR F 22 -33.16 44.29 -71.35
C THR F 22 -32.88 42.86 -70.90
N LEU F 23 -33.40 42.44 -69.74
CA LEU F 23 -33.23 41.06 -69.30
C LEU F 23 -34.57 40.46 -68.89
N PRO F 24 -34.74 39.15 -69.09
CA PRO F 24 -35.97 38.50 -68.62
C PRO F 24 -36.01 38.43 -67.09
N MET F 25 -37.22 38.44 -66.55
CA MET F 25 -37.44 38.57 -65.12
C MET F 25 -37.91 37.28 -64.45
N SER F 26 -38.19 36.23 -65.22
CA SER F 26 -38.65 34.96 -64.68
C SER F 26 -37.69 33.85 -65.12
N TYR F 27 -37.71 32.74 -64.39
CA TYR F 27 -36.83 31.64 -64.76
C TYR F 27 -37.22 31.04 -66.11
N ALA F 28 -38.53 30.91 -66.35
CA ALA F 28 -39.00 30.41 -67.64
C ALA F 28 -38.35 31.19 -68.77
N ASP F 29 -38.46 32.51 -68.74
CA ASP F 29 -37.82 33.33 -69.75
C ASP F 29 -36.31 33.18 -69.70
N TRP F 30 -35.74 33.09 -68.49
CA TRP F 30 -34.31 32.83 -68.39
C TRP F 30 -33.92 31.56 -69.15
N GLU F 31 -34.84 30.59 -69.26
CA GLU F 31 -34.53 29.32 -69.91
C GLU F 31 -34.91 29.32 -71.39
N ALA F 32 -35.93 30.08 -71.80
CA ALA F 32 -36.30 30.10 -73.21
C ALA F 32 -35.30 30.89 -74.04
N HIS F 33 -34.99 32.13 -73.61
CA HIS F 33 -34.07 32.96 -74.38
C HIS F 33 -32.65 32.43 -74.36
N ALA F 34 -32.20 31.90 -73.22
CA ALA F 34 -30.80 31.52 -73.05
C ALA F 34 -30.48 30.15 -73.65
N GLN F 35 -31.47 29.29 -73.86
CA GLN F 35 -31.23 28.00 -74.51
C GLN F 35 -31.04 28.12 -76.02
N GLN F 36 -31.38 29.27 -76.62
CA GLN F 36 -31.14 29.55 -78.03
C GLN F 36 -29.91 30.41 -78.27
N ALA F 37 -29.49 31.22 -77.29
CA ALA F 37 -28.28 32.00 -77.35
C ALA F 37 -27.03 31.19 -77.00
N LEU F 38 -27.17 29.90 -76.68
CA LEU F 38 -26.07 29.00 -76.36
C LEU F 38 -25.78 28.07 -77.52
N PRO F 39 -24.51 27.81 -77.79
CA PRO F 39 -24.15 26.87 -78.86
C PRO F 39 -24.84 25.53 -78.69
N PRO F 40 -24.94 24.72 -79.76
CA PRO F 40 -25.55 23.38 -79.60
C PRO F 40 -24.87 22.51 -78.56
N GLY F 41 -23.55 22.56 -78.46
CA GLY F 41 -22.82 21.70 -77.56
C GLY F 41 -23.00 22.07 -76.11
N VAL F 42 -22.67 23.31 -75.75
CA VAL F 42 -22.85 23.77 -74.38
C VAL F 42 -24.28 23.56 -73.93
N LEU F 43 -25.25 23.63 -74.85
CA LEU F 43 -26.65 23.46 -74.48
C LEU F 43 -26.93 22.03 -74.03
N SER F 44 -26.52 21.03 -74.83
CA SER F 44 -26.79 19.64 -74.49
C SER F 44 -26.14 19.26 -73.17
N TYR F 45 -24.98 19.82 -72.88
CA TYR F 45 -24.36 19.59 -71.59
C TYR F 45 -25.18 20.19 -70.46
N VAL F 46 -25.43 21.50 -70.53
CA VAL F 46 -26.08 22.23 -69.45
C VAL F 46 -27.48 21.68 -69.21
N ALA F 47 -28.39 21.95 -70.14
CA ALA F 47 -29.77 21.50 -69.99
C ALA F 47 -29.92 19.98 -70.00
N GLY F 48 -28.83 19.25 -70.20
CA GLY F 48 -28.87 17.80 -70.21
C GLY F 48 -28.68 17.18 -68.83
N GLY F 49 -29.49 16.17 -68.54
CA GLY F 49 -29.46 15.48 -67.25
C GLY F 49 -29.31 13.97 -67.39
N SER F 50 -29.57 13.22 -66.32
CA SER F 50 -29.27 11.79 -66.29
C SER F 50 -30.47 10.95 -66.70
N GLY F 51 -30.21 9.90 -67.49
CA GLY F 51 -31.26 8.99 -67.90
C GLY F 51 -32.28 9.68 -68.80
N ASP F 52 -33.55 9.55 -68.43
CA ASP F 52 -34.63 10.31 -69.05
C ASP F 52 -34.88 11.64 -68.34
N GLU F 53 -34.11 11.95 -67.30
CA GLU F 53 -34.11 13.22 -66.58
C GLU F 53 -35.21 13.37 -65.54
N HIS F 54 -35.87 12.27 -65.15
CA HIS F 54 -37.00 12.39 -64.23
C HIS F 54 -36.59 12.99 -62.89
N THR F 55 -35.36 12.73 -62.43
CA THR F 55 -34.92 13.30 -61.17
C THR F 55 -34.66 14.79 -61.30
N GLN F 56 -33.97 15.17 -62.37
CA GLN F 56 -33.72 16.58 -62.67
C GLN F 56 -35.00 17.41 -62.62
N ARG F 57 -36.05 16.97 -63.31
CA ARG F 57 -37.32 17.70 -63.30
C ARG F 57 -38.02 17.56 -61.95
N ALA F 58 -38.02 16.35 -61.38
CA ALA F 58 -38.68 16.16 -60.09
C ALA F 58 -38.15 17.11 -59.03
N ASN F 59 -36.87 17.48 -59.11
CA ASN F 59 -36.29 18.44 -58.17
C ASN F 59 -37.00 19.79 -58.21
N VAL F 60 -37.67 20.10 -59.32
CA VAL F 60 -38.39 21.36 -59.45
C VAL F 60 -39.87 21.20 -59.13
N GLU F 61 -40.48 20.08 -59.55
CA GLU F 61 -41.89 19.86 -59.25
C GLU F 61 -42.15 19.96 -57.74
N ALA F 62 -41.21 19.45 -56.94
CA ALA F 62 -41.43 19.35 -55.49
C ALA F 62 -41.70 20.70 -54.85
N PHE F 63 -41.38 21.80 -55.52
CA PHE F 63 -41.60 23.11 -54.91
C PHE F 63 -43.02 23.62 -55.08
N LYS F 64 -43.82 22.98 -55.94
CA LYS F 64 -45.24 23.31 -56.02
C LYS F 64 -46.01 22.77 -54.83
N HIS F 65 -45.64 21.58 -54.34
CA HIS F 65 -46.38 20.83 -53.33
C HIS F 65 -46.02 21.25 -51.91
N TRP F 66 -45.70 22.52 -51.72
CA TRP F 66 -45.54 23.11 -50.40
C TRP F 66 -46.00 24.57 -50.51
N GLY F 67 -46.14 25.22 -49.35
CA GLY F 67 -46.66 26.56 -49.31
C GLY F 67 -46.44 27.28 -47.99
N LEU F 68 -45.93 28.51 -48.08
CA LEU F 68 -45.65 29.32 -46.89
C LEU F 68 -46.94 29.98 -46.40
N MET F 69 -47.29 29.72 -45.14
CA MET F 69 -48.57 30.14 -44.57
C MET F 69 -48.59 31.62 -44.24
N PRO F 70 -49.29 32.44 -45.02
CA PRO F 70 -49.22 33.90 -44.83
C PRO F 70 -49.78 34.35 -43.49
N ARG F 71 -48.93 35.00 -42.71
CA ARG F 71 -49.33 35.61 -41.45
C ARG F 71 -49.60 37.08 -41.69
N MET F 72 -50.70 37.59 -41.13
CA MET F 72 -51.07 38.99 -41.28
C MET F 72 -50.78 39.79 -40.02
N LEU F 73 -50.50 41.09 -40.23
CA LEU F 73 -50.30 42.06 -39.15
C LEU F 73 -49.05 41.74 -38.33
N MET F 74 -47.96 41.45 -39.05
CA MET F 74 -46.65 41.23 -38.44
C MET F 74 -45.69 42.38 -38.68
N ALA F 75 -45.92 43.21 -39.70
CA ALA F 75 -45.19 44.46 -39.93
C ALA F 75 -43.69 44.24 -40.12
N ALA F 76 -43.34 43.26 -40.95
CA ALA F 76 -41.93 42.98 -41.26
C ALA F 76 -41.47 44.03 -42.28
N THR F 77 -41.03 45.18 -41.77
CA THR F 77 -40.62 46.30 -42.61
C THR F 77 -39.11 46.40 -42.79
N GLU F 78 -38.31 45.80 -41.90
CA GLU F 78 -36.85 45.76 -42.04
C GLU F 78 -36.40 44.31 -41.80
N ARG F 79 -36.56 43.47 -42.83
CA ARG F 79 -36.18 42.06 -42.73
C ARG F 79 -34.69 41.93 -42.39
N ASP F 80 -34.29 40.70 -42.08
CA ASP F 80 -32.89 40.37 -41.77
C ASP F 80 -32.64 39.01 -42.42
N LEU F 81 -31.92 39.02 -43.55
CA LEU F 81 -31.70 37.80 -44.32
C LEU F 81 -30.24 37.35 -44.36
N SER F 82 -29.36 37.99 -43.59
CA SER F 82 -27.99 37.51 -43.43
C SER F 82 -27.97 36.08 -42.89
N VAL F 83 -26.79 35.47 -42.91
CA VAL F 83 -26.57 34.24 -42.16
C VAL F 83 -25.09 34.15 -41.78
N GLU F 84 -24.84 33.75 -40.54
CA GLU F 84 -23.50 33.47 -40.04
C GLU F 84 -23.14 32.02 -40.38
N LEU F 85 -22.04 31.83 -41.08
CA LEU F 85 -21.65 30.52 -41.59
C LEU F 85 -20.16 30.35 -41.39
N TRP F 86 -19.79 29.39 -40.53
CA TRP F 86 -18.39 29.10 -40.22
C TRP F 86 -17.64 30.38 -39.90
N GLY F 87 -18.32 31.31 -39.25
CA GLY F 87 -17.75 32.57 -38.85
C GLY F 87 -17.99 33.70 -39.83
N LYS F 88 -18.31 33.39 -41.08
CA LYS F 88 -18.45 34.38 -42.15
C LYS F 88 -19.92 34.73 -42.32
N THR F 89 -20.26 35.99 -42.05
CA THR F 89 -21.64 36.46 -42.15
C THR F 89 -21.96 36.72 -43.62
N TRP F 90 -22.86 35.95 -44.18
CA TRP F 90 -23.31 36.20 -45.54
C TRP F 90 -24.22 37.41 -45.59
N ALA F 91 -24.05 38.25 -46.61
CA ALA F 91 -25.02 39.31 -46.84
C ALA F 91 -26.37 38.74 -47.29
N ALA F 92 -26.39 37.48 -47.73
CA ALA F 92 -27.63 36.80 -48.12
C ALA F 92 -27.48 35.32 -47.81
N PRO F 93 -28.59 34.59 -47.68
CA PRO F 93 -28.49 33.16 -47.43
C PRO F 93 -28.51 32.34 -48.72
N MET F 94 -27.79 32.80 -49.74
CA MET F 94 -27.80 32.16 -51.05
C MET F 94 -26.42 32.24 -51.68
N PHE F 95 -26.06 31.20 -52.43
CA PHE F 95 -24.76 31.14 -53.07
C PHE F 95 -24.90 30.54 -54.47
N PHE F 96 -24.01 30.94 -55.36
CA PHE F 96 -23.90 30.26 -56.64
C PHE F 96 -23.32 28.87 -56.39
N ALA F 97 -23.84 27.88 -57.12
CA ALA F 97 -23.37 26.51 -56.95
C ALA F 97 -22.33 26.18 -58.00
N PRO F 98 -21.50 25.16 -57.75
CA PRO F 98 -20.40 24.86 -58.68
C PRO F 98 -20.91 24.43 -60.04
N ILE F 99 -20.41 25.11 -61.09
CA ILE F 99 -20.73 24.81 -62.49
C ILE F 99 -19.40 24.72 -63.24
N GLY F 100 -18.96 23.51 -63.55
CA GLY F 100 -17.62 23.33 -64.10
C GLY F 100 -17.38 24.02 -65.42
N VAL F 101 -18.44 24.27 -66.19
CA VAL F 101 -18.31 24.86 -67.50
C VAL F 101 -18.96 26.24 -67.56
N ILE F 102 -19.16 26.88 -66.41
CA ILE F 102 -19.79 28.20 -66.39
C ILE F 102 -19.06 29.14 -67.33
N ALA F 103 -17.76 28.91 -67.52
CA ALA F 103 -16.99 29.66 -68.50
C ALA F 103 -17.57 29.51 -69.89
N LEU F 104 -17.87 28.28 -70.30
CA LEU F 104 -18.40 28.06 -71.63
C LEU F 104 -19.80 28.65 -71.82
N CYS F 105 -20.41 29.20 -70.77
CA CYS F 105 -21.75 29.77 -70.88
C CYS F 105 -21.75 31.25 -71.26
N ALA F 106 -20.74 32.02 -70.89
CA ALA F 106 -20.66 33.41 -71.28
C ALA F 106 -20.02 33.57 -72.67
N GLN F 107 -20.27 34.72 -73.30
CA GLN F 107 -19.87 34.88 -74.69
C GLN F 107 -18.37 35.13 -74.86
N ASP F 108 -17.72 35.80 -73.92
CA ASP F 108 -16.30 36.09 -74.03
C ASP F 108 -15.42 34.97 -73.47
N GLY F 109 -16.02 33.89 -72.99
CA GLY F 109 -15.27 32.70 -72.58
C GLY F 109 -14.72 32.72 -71.17
N HIS F 110 -15.30 33.49 -70.26
CA HIS F 110 -14.78 33.61 -68.90
C HIS F 110 -15.93 33.92 -67.93
N GLY F 111 -17.02 33.17 -68.07
CA GLY F 111 -18.12 33.27 -67.13
C GLY F 111 -17.75 32.91 -65.70
N ASP F 112 -16.64 32.20 -65.50
CA ASP F 112 -16.20 31.91 -64.14
C ASP F 112 -15.59 33.16 -63.51
N ALA F 113 -14.83 33.93 -64.28
CA ALA F 113 -14.40 35.25 -63.82
C ALA F 113 -15.57 36.21 -63.69
N ALA F 114 -16.63 36.01 -64.48
CA ALA F 114 -17.80 36.88 -64.44
C ALA F 114 -18.68 36.57 -63.23
N SER F 115 -18.96 35.29 -62.98
CA SER F 115 -19.70 34.93 -61.78
C SER F 115 -18.94 35.35 -60.54
N ALA F 116 -17.61 35.38 -60.60
CA ALA F 116 -16.81 35.80 -59.45
C ALA F 116 -16.95 37.31 -59.22
N GLN F 117 -16.99 38.09 -60.29
CA GLN F 117 -17.23 39.53 -60.17
C GLN F 117 -18.66 39.85 -59.79
N ALA F 118 -19.60 38.94 -60.05
CA ALA F 118 -20.96 39.09 -59.56
C ALA F 118 -21.03 38.81 -58.07
N SER F 119 -20.28 37.81 -57.58
CA SER F 119 -20.21 37.58 -56.14
C SER F 119 -19.59 38.78 -55.43
N ALA F 120 -18.67 39.49 -56.09
CA ALA F 120 -18.04 40.65 -55.48
C ALA F 120 -19.01 41.81 -55.32
N ARG F 121 -19.91 42.00 -56.27
CA ARG F 121 -20.79 43.16 -56.26
C ARG F 121 -22.03 42.96 -55.40
N THR F 122 -22.62 41.78 -55.43
CA THR F 122 -23.86 41.57 -54.70
C THR F 122 -23.63 41.16 -53.25
N GLY F 123 -22.59 40.37 -53.00
CA GLY F 123 -22.41 39.72 -51.72
C GLY F 123 -22.82 38.27 -51.69
N VAL F 124 -23.29 37.73 -52.80
CA VAL F 124 -23.66 36.31 -52.91
C VAL F 124 -22.39 35.51 -53.07
N PRO F 125 -22.09 34.55 -52.19
CA PRO F 125 -20.86 33.77 -52.32
C PRO F 125 -20.80 32.91 -53.57
N TYR F 126 -19.63 32.88 -54.21
CA TYR F 126 -19.37 32.05 -55.37
C TYR F 126 -18.51 30.85 -54.96
N ILE F 127 -18.97 29.65 -55.30
CA ILE F 127 -18.25 28.42 -55.03
C ILE F 127 -17.66 27.93 -56.35
N THR F 128 -16.34 28.07 -56.51
CA THR F 128 -15.69 27.71 -57.77
C THR F 128 -15.44 26.20 -57.83
N SER F 129 -15.79 25.59 -58.96
CA SER F 129 -15.52 24.17 -59.16
C SER F 129 -14.02 23.94 -59.35
N THR F 130 -13.62 22.68 -59.23
CA THR F 130 -12.28 22.30 -59.67
C THR F 130 -12.10 22.65 -61.14
N LEU F 131 -13.05 22.27 -61.98
CA LEU F 131 -13.00 22.58 -63.41
CA LEU F 131 -13.00 22.58 -63.41
C LEU F 131 -13.33 24.07 -63.62
N ALA F 132 -12.36 24.83 -64.11
CA ALA F 132 -12.53 26.26 -64.30
C ALA F 132 -11.58 26.75 -65.38
N VAL F 133 -11.94 27.88 -65.99
CA VAL F 133 -11.04 28.53 -66.94
C VAL F 133 -10.10 29.49 -66.24
N SER F 134 -10.61 30.42 -65.43
CA SER F 134 -9.73 31.19 -64.56
C SER F 134 -9.38 30.33 -63.36
N SER F 135 -8.09 30.31 -63.01
CA SER F 135 -7.64 29.49 -61.90
C SER F 135 -8.34 29.90 -60.61
N LEU F 136 -8.24 29.03 -59.59
CA LEU F 136 -8.87 29.32 -58.32
C LEU F 136 -8.31 30.60 -57.70
N GLU F 137 -7.01 30.84 -57.88
CA GLU F 137 -6.39 32.05 -57.36
C GLU F 137 -6.97 33.29 -58.03
N ASP F 138 -7.19 33.21 -59.34
CA ASP F 138 -7.79 34.33 -60.06
C ASP F 138 -9.27 34.49 -59.74
N ILE F 139 -10.01 33.38 -59.64
CA ILE F 139 -11.41 33.47 -59.23
C ILE F 139 -11.50 34.07 -57.83
N ARG F 140 -10.48 33.87 -57.00
CA ARG F 140 -10.49 34.37 -55.64
C ARG F 140 -10.32 35.90 -55.61
N LYS F 141 -9.32 36.42 -56.32
CA LYS F 141 -9.08 37.85 -56.32
C LYS F 141 -10.23 38.61 -56.95
N HIS F 142 -10.96 37.98 -57.88
CA HIS F 142 -12.12 38.59 -58.51
C HIS F 142 -13.35 38.58 -57.60
N ALA F 143 -13.44 37.60 -56.70
CA ALA F 143 -14.61 37.48 -55.83
C ALA F 143 -14.78 38.66 -54.88
N GLY F 144 -13.71 39.40 -54.59
CA GLY F 144 -13.79 40.54 -53.71
C GLY F 144 -13.68 40.18 -52.24
N ASP F 145 -14.50 40.80 -51.41
CA ASP F 145 -14.51 40.54 -49.96
C ASP F 145 -15.70 39.69 -49.54
N THR F 146 -16.45 39.12 -50.50
CA THR F 146 -17.50 38.13 -50.24
C THR F 146 -16.87 36.77 -49.99
N PRO F 147 -17.45 35.96 -49.10
CA PRO F 147 -16.91 34.61 -48.90
C PRO F 147 -16.96 33.80 -50.19
N ALA F 148 -15.84 33.19 -50.53
CA ALA F 148 -15.76 32.24 -51.64
C ALA F 148 -15.47 30.85 -51.10
N TYR F 149 -15.86 29.84 -51.88
CA TYR F 149 -15.62 28.45 -51.51
C TYR F 149 -15.10 27.71 -52.72
N PHE F 150 -14.21 26.76 -52.47
CA PHE F 150 -13.63 25.94 -53.53
C PHE F 150 -14.21 24.54 -53.44
N GLN F 151 -14.87 24.11 -54.52
CA GLN F 151 -15.41 22.76 -54.63
C GLN F 151 -14.33 21.85 -55.22
N LEU F 152 -14.14 20.69 -54.60
CA LEU F 152 -13.07 19.76 -54.96
C LEU F 152 -13.65 18.51 -55.61
N TYR F 153 -12.96 18.05 -56.64
CA TYR F 153 -13.26 16.79 -57.32
C TYR F 153 -12.09 15.86 -57.04
N TYR F 154 -12.25 15.00 -56.03
CA TYR F 154 -11.17 14.12 -55.57
C TYR F 154 -10.52 13.36 -56.72
N PRO F 155 -9.29 13.67 -57.09
CA PRO F 155 -8.61 12.91 -58.15
C PRO F 155 -7.98 11.64 -57.57
N GLU F 156 -7.58 10.76 -58.47
CA GLU F 156 -6.97 9.49 -58.07
C GLU F 156 -5.50 9.67 -57.69
N ASP F 157 -5.18 10.81 -57.09
CA ASP F 157 -3.83 11.09 -56.62
C ASP F 157 -3.95 11.85 -55.31
N ARG F 158 -3.36 11.30 -54.25
CA ARG F 158 -3.37 12.01 -52.97
C ARG F 158 -2.44 13.22 -53.02
N ASP F 159 -1.36 13.14 -53.80
CA ASP F 159 -0.45 14.26 -53.93
C ASP F 159 -1.05 15.42 -54.72
N LEU F 160 -2.05 15.14 -55.58
CA LEU F 160 -2.77 16.19 -56.29
C LEU F 160 -3.84 16.83 -55.41
N ALA F 161 -4.61 16.00 -54.70
CA ALA F 161 -5.64 16.49 -53.80
C ALA F 161 -5.09 17.54 -52.84
N GLU F 162 -4.16 17.11 -51.98
CA GLU F 162 -3.50 18.02 -51.05
C GLU F 162 -3.11 19.30 -51.78
N SER F 163 -2.55 19.16 -52.98
CA SER F 163 -2.19 20.34 -53.77
C SER F 163 -3.42 21.20 -54.06
N PHE F 164 -4.57 20.56 -54.33
CA PHE F 164 -5.81 21.29 -54.46
C PHE F 164 -6.34 21.77 -53.11
N ILE F 165 -5.84 21.22 -52.00
CA ILE F 165 -6.27 21.66 -50.68
C ILE F 165 -5.39 22.79 -50.15
N ARG F 166 -4.07 22.74 -50.38
CA ARG F 166 -3.21 23.82 -49.90
C ARG F 166 -3.47 25.12 -50.66
N ARG F 167 -3.68 25.04 -51.98
CA ARG F 167 -3.76 26.25 -52.80
C ARG F 167 -4.99 27.10 -52.45
N ALA F 168 -6.14 26.45 -52.28
CA ALA F 168 -7.36 27.22 -51.97
C ALA F 168 -7.26 27.91 -50.61
N GLU F 169 -6.53 27.31 -49.66
CA GLU F 169 -6.32 27.95 -48.36
C GLU F 169 -5.43 29.18 -48.51
N GLU F 170 -4.26 29.02 -49.15
CA GLU F 170 -3.38 30.16 -49.38
C GLU F 170 -4.04 31.18 -50.29
N ALA F 171 -4.94 30.73 -51.17
CA ALA F 171 -5.71 31.63 -52.01
C ALA F 171 -6.77 32.42 -51.23
N GLY F 172 -7.01 32.05 -49.97
CA GLY F 172 -7.95 32.78 -49.14
C GLY F 172 -9.37 32.28 -49.17
N TYR F 173 -9.63 31.07 -49.67
CA TYR F 173 -10.98 30.53 -49.68
C TYR F 173 -11.46 30.29 -48.25
N ASP F 174 -12.79 30.16 -48.11
CA ASP F 174 -13.43 30.13 -46.79
C ASP F 174 -14.15 28.80 -46.51
N GLY F 175 -13.84 27.76 -47.27
CA GLY F 175 -14.44 26.45 -47.02
C GLY F 175 -14.35 25.51 -48.21
N LEU F 176 -14.07 24.24 -47.94
CA LEU F 176 -13.86 23.24 -48.98
C LEU F 176 -15.13 22.42 -49.15
N VAL F 177 -15.66 22.40 -50.37
CA VAL F 177 -16.85 21.61 -50.70
C VAL F 177 -16.39 20.39 -51.49
N ILE F 178 -16.38 19.22 -50.85
CA ILE F 178 -15.92 17.98 -51.44
C ILE F 178 -17.14 17.22 -51.96
N THR F 179 -17.35 17.23 -53.27
CA THR F 179 -18.48 16.54 -53.85
C THR F 179 -18.25 15.04 -53.85
N LEU F 180 -19.35 14.29 -53.75
CA LEU F 180 -19.30 12.86 -53.49
C LEU F 180 -20.18 12.00 -54.37
N ASP F 181 -20.90 12.58 -55.33
CA ASP F 181 -21.76 11.77 -56.21
C ASP F 181 -21.36 11.93 -57.68
N THR F 182 -20.08 12.24 -57.95
CA THR F 182 -19.59 12.31 -59.35
CA THR F 182 -19.58 12.37 -59.31
C THR F 182 -18.09 12.00 -59.38
N TRP F 183 -17.77 10.73 -59.10
CA TRP F 183 -16.46 10.19 -59.43
C TRP F 183 -16.53 9.34 -60.69
N ILE F 184 -17.75 8.95 -61.07
CA ILE F 184 -18.04 8.28 -62.33
C ILE F 184 -19.27 8.96 -62.92
N PHE F 185 -19.20 9.34 -64.19
CA PHE F 185 -20.24 10.16 -64.80
C PHE F 185 -21.44 9.32 -65.19
N GLY F 186 -22.63 9.88 -64.96
CA GLY F 186 -23.86 9.15 -65.22
C GLY F 186 -24.16 9.03 -66.70
N TRP F 187 -25.10 8.14 -67.02
CA TRP F 187 -25.58 7.96 -68.39
C TRP F 187 -26.40 9.18 -68.76
N ARG F 188 -25.91 9.97 -69.73
CA ARG F 188 -26.56 11.21 -70.14
CA ARG F 188 -26.55 11.22 -70.13
C ARG F 188 -26.89 11.18 -71.62
N PRO F 189 -28.13 10.88 -72.00
CA PRO F 189 -28.45 10.82 -73.45
C PRO F 189 -28.19 12.10 -74.22
N ARG F 190 -28.40 13.28 -73.61
CA ARG F 190 -28.23 14.52 -74.36
C ARG F 190 -26.80 14.67 -74.88
N ASP F 191 -25.83 14.30 -74.05
CA ASP F 191 -24.42 14.37 -74.46
C ASP F 191 -24.03 13.16 -75.30
N LEU F 192 -24.63 11.99 -75.04
CA LEU F 192 -24.24 10.77 -75.75
C LEU F 192 -24.72 10.77 -77.18
N THR F 193 -25.94 11.25 -77.44
CA THR F 193 -26.43 11.32 -78.81
C THR F 193 -25.52 12.15 -79.70
N ILE F 194 -24.81 13.11 -79.12
CA ILE F 194 -23.89 13.97 -79.87
C ILE F 194 -22.47 13.85 -79.34
N SER F 195 -22.18 12.79 -78.59
CA SER F 195 -20.84 12.54 -78.05
C SER F 195 -20.19 13.84 -77.57
N ASN F 196 -20.83 14.44 -76.58
CA ASN F 196 -20.47 15.78 -76.10
C ASN F 196 -19.89 15.66 -74.70
N PHE F 197 -18.58 15.95 -74.57
CA PHE F 197 -17.90 15.94 -73.27
C PHE F 197 -16.74 16.92 -73.37
N PRO F 198 -16.88 18.15 -72.84
CA PRO F 198 -15.88 19.18 -73.13
C PRO F 198 -14.51 18.93 -72.52
N PHE F 199 -14.45 18.34 -71.32
CA PHE F 199 -13.17 18.23 -70.61
C PHE F 199 -12.19 17.32 -71.33
N LEU F 200 -12.67 16.39 -72.16
CA LEU F 200 -11.79 15.56 -72.96
C LEU F 200 -11.27 16.27 -74.22
N ARG F 201 -11.68 17.52 -74.45
CA ARG F 201 -11.08 18.37 -75.47
C ARG F 201 -10.09 19.38 -74.88
N GLY F 202 -9.89 19.35 -73.56
CA GLY F 202 -8.94 20.22 -72.90
C GLY F 202 -9.54 21.46 -72.25
N LEU F 203 -10.82 21.72 -72.44
CA LEU F 203 -11.43 22.96 -71.98
C LEU F 203 -11.70 22.92 -70.49
N CYS F 204 -11.48 24.06 -69.82
CA CYS F 204 -11.81 24.27 -68.41
C CYS F 204 -10.90 23.51 -67.46
N LEU F 205 -9.77 22.98 -67.95
CA LEU F 205 -8.83 22.25 -67.12
CA LEU F 205 -8.83 22.25 -67.12
C LEU F 205 -7.77 23.16 -66.49
N THR F 206 -8.03 24.48 -66.45
CA THR F 206 -7.01 25.40 -65.96
C THR F 206 -6.59 25.12 -64.53
N ASN F 207 -7.36 24.36 -63.77
CA ASN F 207 -6.99 24.02 -62.40
C ASN F 207 -6.17 22.74 -62.32
N TYR F 208 -5.95 22.03 -63.43
CA TYR F 208 -5.01 20.92 -63.50
C TYR F 208 -3.71 21.31 -64.17
N VAL F 209 -3.77 22.15 -65.20
CA VAL F 209 -2.56 22.65 -65.85
C VAL F 209 -1.75 23.50 -64.86
N THR F 210 -2.38 24.51 -64.28
CA THR F 210 -1.69 25.39 -63.35
C THR F 210 -1.48 24.74 -61.98
N ASP F 211 -2.28 23.75 -61.62
CA ASP F 211 -2.01 23.00 -60.40
C ASP F 211 -0.71 22.22 -60.59
N PRO F 212 0.21 22.23 -59.63
CA PRO F 212 1.56 21.73 -59.90
C PRO F 212 1.73 20.23 -59.75
N VAL F 213 0.75 19.48 -59.25
CA VAL F 213 0.92 18.03 -59.15
C VAL F 213 0.36 17.32 -60.39
N PHE F 214 -0.81 17.72 -60.91
CA PHE F 214 -1.14 17.32 -62.26
C PHE F 214 -0.03 17.78 -63.20
N GLN F 215 0.60 18.89 -62.86
CA GLN F 215 1.92 19.25 -63.33
C GLN F 215 2.99 18.54 -62.49
N LYS F 216 2.71 17.29 -62.05
CA LYS F 216 3.72 16.45 -61.44
C LYS F 216 3.37 14.95 -61.57
N LYS F 217 2.53 14.58 -62.53
CA LYS F 217 2.34 13.16 -62.84
C LYS F 217 2.23 12.91 -64.33
N PHE F 218 2.08 13.94 -65.16
CA PHE F 218 1.82 13.82 -66.60
C PHE F 218 3.08 13.83 -67.45
N LYS F 219 4.26 14.00 -66.85
CA LYS F 219 5.52 14.14 -67.59
C LYS F 219 6.28 12.82 -67.70
N ALA F 220 6.42 12.10 -66.58
CA ALA F 220 6.96 10.74 -66.64
C ALA F 220 6.10 9.82 -67.49
N HIS F 221 4.90 10.28 -67.88
CA HIS F 221 3.98 9.50 -68.71
C HIS F 221 3.99 9.95 -70.17
N SER F 222 4.31 11.22 -70.44
CA SER F 222 4.22 11.75 -71.79
C SER F 222 5.47 12.48 -72.27
N GLY F 223 6.16 13.18 -71.38
CA GLY F 223 7.18 14.12 -71.80
C GLY F 223 6.63 15.42 -72.34
N VAL F 224 5.35 15.45 -72.73
CA VAL F 224 4.66 16.70 -73.03
C VAL F 224 4.39 17.39 -71.69
N GLU F 225 5.16 18.42 -71.39
CA GLU F 225 5.15 19.04 -70.08
C GLU F 225 4.10 20.15 -70.10
N ALA F 226 4.40 21.34 -69.60
CA ALA F 226 3.29 22.23 -69.30
C ALA F 226 2.87 23.16 -70.44
N GLU F 227 3.75 23.54 -71.38
CA GLU F 227 3.30 24.50 -72.39
C GLU F 227 2.27 23.86 -73.33
N GLY F 228 2.68 22.84 -74.08
CA GLY F 228 1.70 22.06 -74.81
C GLY F 228 0.53 21.72 -73.93
N LEU F 229 0.75 21.71 -72.61
CA LEU F 229 -0.32 21.56 -71.63
C LEU F 229 -0.97 22.88 -71.25
N ARG F 230 -0.25 24.00 -71.30
CA ARG F 230 -0.84 25.32 -71.10
C ARG F 230 -1.22 25.97 -72.42
N ASP F 231 -0.40 25.75 -73.46
CA ASP F 231 -0.74 26.23 -74.79
C ASP F 231 -1.74 25.31 -75.50
N ASN F 232 -1.80 24.03 -75.15
CA ASN F 232 -2.74 23.08 -75.76
C ASN F 232 -3.23 22.11 -74.69
N PRO F 233 -4.08 22.57 -73.77
CA PRO F 233 -4.46 21.71 -72.63
C PRO F 233 -4.92 20.33 -73.01
N ARG F 234 -5.23 20.12 -74.30
CA ARG F 234 -5.75 18.83 -74.74
C ARG F 234 -4.75 17.70 -74.57
N LEU F 235 -3.44 18.00 -74.70
CA LEU F 235 -2.46 16.92 -74.71
C LEU F 235 -2.45 16.12 -73.41
N ALA F 236 -2.97 16.68 -72.32
CA ALA F 236 -3.10 15.96 -71.06
C ALA F 236 -4.54 15.55 -70.77
N ALA F 237 -5.44 15.66 -71.75
CA ALA F 237 -6.84 15.33 -71.52
C ALA F 237 -7.01 13.84 -71.20
N ASP F 238 -6.25 12.98 -71.89
CA ASP F 238 -6.33 11.55 -71.63
C ASP F 238 -5.71 11.17 -70.29
N PHE F 239 -4.84 12.03 -69.75
CA PHE F 239 -4.24 11.82 -68.45
C PHE F 239 -5.09 12.38 -67.33
N TRP F 240 -5.68 13.57 -67.52
CA TRP F 240 -6.67 14.08 -66.57
C TRP F 240 -7.76 13.04 -66.34
N HIS F 241 -8.22 12.40 -67.42
CA HIS F 241 -9.37 11.51 -67.34
C HIS F 241 -9.06 10.18 -66.65
N GLY F 242 -7.80 9.91 -66.33
CA GLY F 242 -7.46 8.74 -65.56
C GLY F 242 -7.40 9.03 -64.07
N LEU F 243 -7.32 10.31 -63.70
CA LEU F 243 -7.17 10.72 -62.31
C LEU F 243 -8.17 11.78 -61.89
N PHE F 244 -9.29 11.93 -62.60
CA PHE F 244 -10.25 12.97 -62.24
C PHE F 244 -11.04 12.58 -61.00
N GLY F 245 -11.64 11.39 -61.01
CA GLY F 245 -12.56 10.98 -59.98
C GLY F 245 -12.07 9.86 -59.09
N HIS F 246 -11.77 10.19 -57.84
CA HIS F 246 -11.39 9.24 -56.80
C HIS F 246 -12.61 9.07 -55.91
N SER F 247 -13.35 7.97 -56.12
CA SER F 247 -14.49 7.63 -55.28
C SER F 247 -14.16 7.80 -53.80
N VAL F 248 -14.68 8.85 -53.18
CA VAL F 248 -14.20 9.29 -51.88
C VAL F 248 -14.81 8.43 -50.78
N THR F 249 -14.03 8.19 -49.73
CA THR F 249 -14.37 7.28 -48.65
C THR F 249 -14.37 8.02 -47.32
N TRP F 250 -14.92 7.37 -46.28
CA TRP F 250 -14.93 7.95 -44.94
C TRP F 250 -13.52 8.22 -44.43
N GLU F 251 -12.54 7.44 -44.89
CA GLU F 251 -11.16 7.65 -44.47
C GLU F 251 -10.53 8.83 -45.23
N ASP F 252 -10.80 8.95 -46.52
CA ASP F 252 -10.38 10.14 -47.25
C ASP F 252 -10.93 11.40 -46.60
N ILE F 253 -12.11 11.32 -45.98
CA ILE F 253 -12.71 12.50 -45.38
C ILE F 253 -11.90 12.93 -44.15
N ASP F 254 -11.57 11.97 -43.29
CA ASP F 254 -10.82 12.31 -42.07
C ASP F 254 -9.46 12.91 -42.39
N TRP F 255 -8.86 12.51 -43.51
CA TRP F 255 -7.52 12.97 -43.86
C TRP F 255 -7.51 14.39 -44.43
N VAL F 256 -8.56 14.76 -45.19
CA VAL F 256 -8.64 16.13 -45.69
C VAL F 256 -8.78 17.11 -44.53
N ARG F 257 -9.46 16.70 -43.46
CA ARG F 257 -9.65 17.57 -42.31
C ARG F 257 -8.34 17.79 -41.54
N SER F 258 -7.45 16.80 -41.55
CA SER F 258 -6.18 16.91 -40.84
C SER F 258 -5.09 17.58 -41.67
N ILE F 259 -5.40 17.98 -42.91
CA ILE F 259 -4.45 18.70 -43.76
C ILE F 259 -5.02 20.03 -44.23
N THR F 260 -5.99 20.58 -43.49
CA THR F 260 -6.57 21.85 -43.90
C THR F 260 -7.40 22.44 -42.76
N LYS F 261 -7.23 23.73 -42.53
CA LYS F 261 -7.92 24.42 -41.44
C LYS F 261 -9.36 24.75 -41.80
N MET F 262 -9.60 25.08 -43.06
CA MET F 262 -10.88 25.57 -43.52
C MET F 262 -12.00 24.65 -43.03
N PRO F 263 -13.26 25.09 -43.13
CA PRO F 263 -14.39 24.16 -42.92
C PRO F 263 -14.60 23.29 -44.15
N VAL F 264 -14.66 21.97 -43.92
CA VAL F 264 -14.92 21.00 -44.98
C VAL F 264 -16.42 20.85 -45.11
N ILE F 265 -16.89 20.74 -46.35
CA ILE F 265 -18.31 20.55 -46.64
C ILE F 265 -18.43 19.40 -47.64
N LEU F 266 -19.40 18.52 -47.41
CA LEU F 266 -19.59 17.30 -48.19
C LEU F 266 -20.85 17.44 -49.02
N LYS F 267 -20.70 17.48 -50.35
CA LYS F 267 -21.79 17.83 -51.25
C LYS F 267 -22.38 16.59 -51.89
N GLY F 268 -23.69 16.39 -51.69
CA GLY F 268 -24.39 15.26 -52.25
C GLY F 268 -25.05 14.36 -51.21
N ILE F 269 -25.06 14.78 -49.95
CA ILE F 269 -25.59 13.95 -48.86
C ILE F 269 -27.12 13.93 -48.94
N GLN F 270 -27.69 12.74 -49.11
CA GLN F 270 -29.13 12.53 -49.22
C GLN F 270 -29.71 11.73 -48.04
N HIS F 271 -29.10 10.60 -47.69
CA HIS F 271 -29.62 9.79 -46.59
C HIS F 271 -29.39 10.48 -45.25
N PRO F 272 -30.27 10.27 -44.28
CA PRO F 272 -29.99 10.84 -42.94
C PRO F 272 -28.80 10.20 -42.23
N ASP F 273 -28.64 8.86 -42.32
CA ASP F 273 -27.48 8.21 -41.72
C ASP F 273 -26.17 8.81 -42.23
N ASP F 274 -26.08 9.05 -43.55
CA ASP F 274 -24.89 9.71 -44.09
C ASP F 274 -24.65 11.01 -43.35
N ALA F 275 -25.67 11.86 -43.25
CA ALA F 275 -25.52 13.15 -42.61
C ALA F 275 -25.13 13.01 -41.15
N ARG F 276 -25.71 12.02 -40.45
CA ARG F 276 -25.39 11.84 -39.04
C ARG F 276 -23.96 11.34 -38.83
N ARG F 277 -23.43 10.54 -39.76
CA ARG F 277 -22.07 10.04 -39.59
C ARG F 277 -21.03 11.15 -39.78
N ALA F 278 -21.36 12.18 -40.59
CA ALA F 278 -20.42 13.24 -40.94
C ALA F 278 -20.33 14.34 -39.87
N VAL F 279 -21.45 14.66 -39.24
CA VAL F 279 -21.43 15.59 -38.10
C VAL F 279 -20.73 14.97 -36.90
N ASP F 280 -20.95 13.67 -36.64
CA ASP F 280 -20.22 12.98 -35.58
C ASP F 280 -18.72 13.02 -35.85
N SER F 281 -18.32 12.65 -37.08
CA SER F 281 -16.92 12.62 -37.48
C SER F 281 -16.28 13.99 -37.48
N GLY F 282 -17.06 15.05 -37.35
CA GLY F 282 -16.53 16.40 -37.30
C GLY F 282 -16.66 17.20 -38.58
N VAL F 283 -17.62 16.89 -39.44
CA VAL F 283 -17.81 17.67 -40.66
C VAL F 283 -18.50 18.98 -40.32
N ASP F 284 -17.90 20.09 -40.75
CA ASP F 284 -18.40 21.41 -40.42
C ASP F 284 -19.72 21.74 -41.11
N GLY F 285 -20.00 21.12 -42.25
CA GLY F 285 -21.19 21.49 -43.01
C GLY F 285 -21.72 20.33 -43.82
N ILE F 286 -23.04 20.35 -44.05
CA ILE F 286 -23.75 19.38 -44.86
C ILE F 286 -24.38 20.13 -46.03
N TYR F 287 -24.28 19.57 -47.23
CA TYR F 287 -24.66 20.25 -48.48
C TYR F 287 -25.61 19.31 -49.22
N CYS F 288 -26.91 19.54 -49.04
CA CYS F 288 -27.94 18.60 -49.50
C CYS F 288 -28.26 18.84 -50.98
N SER F 289 -27.81 17.92 -51.83
CA SER F 289 -27.88 18.02 -53.27
C SER F 289 -27.89 16.60 -53.84
N ASN F 290 -28.62 16.41 -54.94
CA ASN F 290 -28.43 15.23 -55.78
C ASN F 290 -27.85 15.62 -57.14
N HIS F 291 -27.12 16.74 -57.16
CA HIS F 291 -26.41 17.21 -58.35
C HIS F 291 -27.37 17.56 -59.49
N GLY F 292 -28.56 18.03 -59.14
CA GLY F 292 -29.56 18.39 -60.12
C GLY F 292 -30.07 17.24 -60.98
N GLY F 293 -29.98 16.01 -60.49
CA GLY F 293 -30.34 14.87 -61.30
C GLY F 293 -29.58 14.86 -62.61
N ARG F 294 -28.37 15.44 -62.60
CA ARG F 294 -27.47 15.37 -63.74
C ARG F 294 -26.55 14.15 -63.69
N GLN F 295 -26.34 13.61 -62.48
CA GLN F 295 -25.38 12.54 -62.26
C GLN F 295 -26.03 11.25 -61.82
N ALA F 296 -27.35 11.23 -61.66
CA ALA F 296 -28.04 9.97 -61.43
C ALA F 296 -29.53 10.20 -61.62
N ASN F 297 -30.16 9.24 -62.32
CA ASN F 297 -31.61 9.23 -62.53
C ASN F 297 -32.34 8.43 -61.47
N GLY F 298 -31.86 8.45 -60.22
CA GLY F 298 -32.37 7.61 -59.16
C GLY F 298 -33.79 7.91 -58.75
N GLY F 299 -34.27 9.14 -58.99
CA GLY F 299 -35.67 9.46 -58.87
C GLY F 299 -36.08 10.25 -57.64
N LEU F 300 -35.21 10.37 -56.64
CA LEU F 300 -35.57 11.01 -55.37
C LEU F 300 -35.21 12.48 -55.44
N PRO F 301 -36.18 13.41 -55.41
CA PRO F 301 -35.84 14.83 -55.37
C PRO F 301 -34.91 15.13 -54.20
N ALA F 302 -34.23 16.27 -54.25
CA ALA F 302 -33.33 16.64 -53.17
C ALA F 302 -34.10 17.23 -51.99
N LEU F 303 -35.18 17.97 -52.26
CA LEU F 303 -35.99 18.53 -51.19
C LEU F 303 -36.56 17.44 -50.29
N ASP F 304 -37.05 16.35 -50.89
CA ASP F 304 -37.56 15.20 -50.13
C ASP F 304 -36.51 14.63 -49.17
N CYS F 305 -35.27 15.09 -49.25
CA CYS F 305 -34.22 14.74 -48.31
C CYS F 305 -33.81 15.93 -47.44
N LEU F 306 -34.47 17.08 -47.58
CA LEU F 306 -34.08 18.29 -46.87
C LEU F 306 -34.51 18.28 -45.41
N PRO F 307 -35.76 17.90 -45.06
CA PRO F 307 -36.10 17.80 -43.64
C PRO F 307 -35.24 16.78 -42.89
N GLU F 308 -35.23 15.53 -43.34
CA GLU F 308 -34.56 14.46 -42.59
C GLU F 308 -33.05 14.67 -42.47
N VAL F 309 -32.47 15.61 -43.22
CA VAL F 309 -31.05 15.93 -43.07
C VAL F 309 -30.83 17.06 -42.06
N VAL F 310 -31.80 17.98 -41.94
CA VAL F 310 -31.71 19.05 -40.95
C VAL F 310 -31.81 18.49 -39.54
N LYS F 311 -32.79 17.61 -39.30
CA LYS F 311 -32.81 16.85 -38.07
C LYS F 311 -31.44 16.25 -37.78
N ALA F 312 -30.94 15.44 -38.74
CA ALA F 312 -29.71 14.69 -38.52
C ALA F 312 -28.51 15.60 -38.33
N SER F 313 -28.54 16.77 -38.97
CA SER F 313 -27.41 17.68 -38.94
C SER F 313 -27.35 18.50 -37.67
N GLY F 314 -28.48 18.70 -37.00
CA GLY F 314 -28.48 19.47 -35.77
C GLY F 314 -27.96 20.88 -36.01
N ASP F 315 -27.06 21.32 -35.12
CA ASP F 315 -26.45 22.64 -35.21
C ASP F 315 -25.42 22.77 -36.32
N THR F 316 -25.13 21.70 -37.04
CA THR F 316 -24.26 21.80 -38.20
C THR F 316 -25.06 22.42 -39.35
N PRO F 317 -24.59 23.50 -39.96
CA PRO F 317 -25.38 24.14 -41.04
C PRO F 317 -25.77 23.14 -42.11
N VAL F 318 -26.80 23.46 -42.89
CA VAL F 318 -27.18 22.65 -44.04
C VAL F 318 -27.30 23.56 -45.25
N LEU F 319 -26.59 23.20 -46.32
CA LEU F 319 -26.70 23.88 -47.60
C LEU F 319 -27.48 22.99 -48.56
N PHE F 320 -28.40 23.60 -49.31
CA PHE F 320 -29.32 22.85 -50.16
C PHE F 320 -29.41 23.46 -51.55
N ASP F 321 -29.41 22.61 -52.56
CA ASP F 321 -29.68 23.03 -53.93
C ASP F 321 -30.40 21.89 -54.64
N SER F 322 -30.45 21.99 -55.98
CA SER F 322 -31.04 21.01 -56.88
C SER F 322 -32.54 21.23 -57.02
N GLY F 323 -32.92 22.10 -57.95
CA GLY F 323 -34.31 22.42 -58.20
C GLY F 323 -34.75 23.80 -57.75
N ILE F 324 -33.82 24.63 -57.30
CA ILE F 324 -34.11 26.02 -56.95
C ILE F 324 -34.26 26.79 -58.26
N ARG F 325 -35.47 27.24 -58.56
CA ARG F 325 -35.80 27.90 -59.81
C ARG F 325 -36.31 29.31 -59.60
N THR F 326 -37.27 29.51 -58.70
CA THR F 326 -37.80 30.83 -58.40
C THR F 326 -37.42 31.24 -56.99
N GLY F 327 -37.57 32.54 -56.72
CA GLY F 327 -37.45 33.01 -55.35
C GLY F 327 -38.37 32.26 -54.40
N ALA F 328 -39.49 31.75 -54.91
CA ALA F 328 -40.41 30.95 -54.09
C ALA F 328 -39.75 29.67 -53.62
N ASP F 329 -38.75 29.16 -54.34
CA ASP F 329 -38.03 27.96 -53.95
C ASP F 329 -36.89 28.23 -52.97
N VAL F 330 -36.58 29.49 -52.69
CA VAL F 330 -35.55 29.81 -51.69
C VAL F 330 -36.15 29.93 -50.30
N VAL F 331 -37.25 30.66 -50.16
CA VAL F 331 -37.96 30.75 -48.89
C VAL F 331 -38.39 29.38 -48.39
N LYS F 332 -38.77 28.50 -49.32
CA LYS F 332 -39.22 27.17 -48.96
C LYS F 332 -38.05 26.21 -48.72
N ALA F 333 -36.90 26.46 -49.36
CA ALA F 333 -35.70 25.69 -49.08
C ALA F 333 -35.01 26.14 -47.79
N LEU F 334 -35.19 27.41 -47.41
CA LEU F 334 -34.71 27.87 -46.11
C LEU F 334 -35.65 27.42 -44.99
N ALA F 335 -36.95 27.45 -45.23
CA ALA F 335 -37.91 27.12 -44.19
C ALA F 335 -37.78 25.69 -43.69
N MET F 336 -37.16 24.80 -44.47
CA MET F 336 -36.97 23.43 -44.04
C MET F 336 -35.70 23.23 -43.24
N GLY F 337 -34.85 24.26 -43.15
CA GLY F 337 -33.65 24.22 -42.33
C GLY F 337 -32.35 24.48 -43.07
N ALA F 338 -32.38 24.59 -44.40
CA ALA F 338 -31.17 24.87 -45.14
C ALA F 338 -30.61 26.22 -44.73
N SER F 339 -29.39 26.22 -44.21
CA SER F 339 -28.75 27.47 -43.78
C SER F 339 -28.45 28.38 -44.98
N ALA F 340 -28.21 27.80 -46.15
CA ALA F 340 -28.13 28.57 -47.38
C ALA F 340 -28.54 27.68 -48.53
N VAL F 341 -28.91 28.32 -49.64
CA VAL F 341 -29.40 27.63 -50.84
C VAL F 341 -28.52 28.03 -52.02
N GLY F 342 -28.22 27.05 -52.87
CA GLY F 342 -27.46 27.30 -54.06
C GLY F 342 -28.33 27.55 -55.27
N ILE F 343 -27.74 28.22 -56.26
CA ILE F 343 -28.39 28.52 -57.53
C ILE F 343 -27.53 27.88 -58.63
N GLY F 344 -28.08 26.90 -59.32
CA GLY F 344 -27.37 26.13 -60.33
C GLY F 344 -27.73 26.58 -61.71
N ARG F 345 -28.69 25.91 -62.34
CA ARG F 345 -29.07 26.23 -63.72
C ARG F 345 -29.41 27.70 -63.94
N PRO F 346 -30.15 28.37 -63.06
CA PRO F 346 -30.56 29.76 -63.36
C PRO F 346 -29.41 30.66 -63.74
N TYR F 347 -28.35 30.74 -62.93
CA TYR F 347 -27.20 31.55 -63.29
C TYR F 347 -26.28 30.84 -64.29
N ALA F 348 -26.70 29.69 -64.82
CA ALA F 348 -26.13 29.21 -66.08
C ALA F 348 -26.77 29.93 -67.27
N TRP F 349 -28.11 30.11 -67.25
CA TRP F 349 -28.76 30.90 -68.29
C TRP F 349 -28.35 32.37 -68.22
N GLY F 350 -28.01 32.86 -67.03
CA GLY F 350 -27.67 34.27 -66.88
C GLY F 350 -26.41 34.63 -67.61
N ALA F 351 -25.32 33.87 -67.36
CA ALA F 351 -24.06 34.14 -68.03
C ALA F 351 -24.24 34.26 -69.54
N ALA F 352 -25.14 33.45 -70.11
CA ALA F 352 -25.27 33.39 -71.56
C ALA F 352 -25.93 34.64 -72.12
N LEU F 353 -26.94 35.18 -71.44
CA LEU F 353 -27.66 36.33 -71.95
C LEU F 353 -26.97 37.65 -71.61
N GLY F 354 -26.19 37.70 -70.54
CA GLY F 354 -25.48 38.90 -70.19
C GLY F 354 -24.30 38.72 -69.25
N GLY F 355 -23.39 37.82 -69.59
CA GLY F 355 -22.17 37.62 -68.83
C GLY F 355 -22.30 37.89 -67.34
N SER F 356 -21.37 38.69 -66.81
CA SER F 356 -21.35 38.98 -65.38
C SER F 356 -22.59 39.77 -64.95
N LYS F 357 -22.89 40.87 -65.66
CA LYS F 357 -24.02 41.71 -65.28
C LYS F 357 -25.30 40.89 -65.18
N GLY F 358 -25.40 39.82 -65.97
CA GLY F 358 -26.56 38.94 -65.93
C GLY F 358 -26.55 37.87 -64.84
N ILE F 359 -25.38 37.52 -64.31
CA ILE F 359 -25.33 36.68 -63.12
C ILE F 359 -25.68 37.46 -61.87
N GLU F 360 -25.79 38.80 -61.96
CA GLU F 360 -26.22 39.66 -60.87
C GLU F 360 -27.72 39.97 -60.91
N HIS F 361 -28.34 39.92 -62.09
CA HIS F 361 -29.78 40.14 -62.21
C HIS F 361 -30.59 38.89 -61.86
N VAL F 362 -29.99 37.71 -61.94
CA VAL F 362 -30.64 36.49 -61.44
C VAL F 362 -30.57 36.43 -59.92
N ALA F 363 -29.43 36.81 -59.33
CA ALA F 363 -29.28 36.73 -57.88
C ALA F 363 -30.13 37.78 -57.17
N ARG F 364 -30.11 39.02 -57.67
CA ARG F 364 -30.95 40.05 -57.08
C ARG F 364 -32.43 39.82 -57.35
N SER F 365 -32.77 39.24 -58.52
CA SER F 365 -34.15 38.88 -58.80
C SER F 365 -34.63 37.75 -57.90
N LEU F 366 -33.73 36.83 -57.52
CA LEU F 366 -34.09 35.71 -56.64
C LEU F 366 -34.17 36.14 -55.18
N LEU F 367 -33.20 36.92 -54.70
CA LEU F 367 -33.24 37.47 -53.35
C LEU F 367 -34.34 38.51 -53.21
N ALA F 368 -34.67 39.21 -54.31
CA ALA F 368 -35.81 40.12 -54.36
C ALA F 368 -37.10 39.38 -54.02
N GLU F 369 -37.56 38.48 -54.90
CA GLU F 369 -38.79 37.76 -54.61
C GLU F 369 -38.72 37.06 -53.26
N ALA F 370 -37.54 36.54 -52.89
CA ALA F 370 -37.38 35.85 -51.61
C ALA F 370 -37.60 36.80 -50.45
N ASP F 371 -37.13 38.05 -50.59
CA ASP F 371 -37.30 39.04 -49.55
C ASP F 371 -38.70 39.64 -49.54
N LEU F 372 -39.29 39.78 -50.73
CA LEU F 372 -40.63 40.36 -50.84
C LEU F 372 -41.71 39.39 -50.39
N ILE F 373 -41.51 38.06 -50.57
CA ILE F 373 -42.47 37.10 -50.06
C ILE F 373 -42.44 37.08 -48.53
N MET F 374 -41.25 37.17 -47.95
CA MET F 374 -41.16 37.12 -46.49
C MET F 374 -41.78 38.36 -45.86
N ALA F 375 -41.76 39.49 -46.56
CA ALA F 375 -42.35 40.71 -46.00
C ALA F 375 -43.88 40.68 -46.07
N VAL F 376 -44.44 40.17 -47.16
CA VAL F 376 -45.89 40.15 -47.34
C VAL F 376 -46.54 38.98 -46.59
N ASP F 377 -45.77 37.98 -46.19
CA ASP F 377 -46.30 36.86 -45.43
C ASP F 377 -45.81 36.85 -43.98
N GLY F 378 -45.14 37.91 -43.55
CA GLY F 378 -44.91 38.11 -42.13
C GLY F 378 -43.76 37.33 -41.52
N TYR F 379 -42.62 37.25 -42.22
CA TYR F 379 -41.44 36.53 -41.75
C TYR F 379 -40.27 37.49 -41.72
N ARG F 380 -40.06 38.12 -40.56
CA ARG F 380 -39.09 39.21 -40.44
C ARG F 380 -37.67 38.75 -40.75
N ASN F 381 -37.38 37.46 -40.66
CA ASN F 381 -36.01 36.97 -40.77
C ASN F 381 -36.07 35.45 -40.88
N LEU F 382 -34.91 34.80 -40.84
CA LEU F 382 -34.82 33.34 -41.04
C LEU F 382 -35.04 32.55 -39.74
N LYS F 383 -34.64 33.08 -38.59
CA LYS F 383 -34.98 32.46 -37.31
C LYS F 383 -36.50 32.31 -37.16
N GLU F 384 -37.25 33.30 -37.64
CA GLU F 384 -38.71 33.21 -37.69
C GLU F 384 -39.23 32.32 -38.82
N LEU F 385 -38.35 31.84 -39.70
CA LEU F 385 -38.76 31.04 -40.87
C LEU F 385 -38.46 29.58 -40.56
N THR F 386 -39.42 28.92 -39.91
CA THR F 386 -39.30 27.54 -39.45
C THR F 386 -40.19 26.60 -40.27
N ILE F 387 -39.90 25.31 -40.18
CA ILE F 387 -40.60 24.32 -41.01
C ILE F 387 -42.10 24.35 -40.75
N ASP F 388 -42.51 24.65 -39.52
CA ASP F 388 -43.92 24.85 -39.26
C ASP F 388 -44.49 26.15 -39.91
N ALA F 389 -43.72 26.81 -40.78
CA ALA F 389 -44.26 27.89 -41.59
C ALA F 389 -44.74 27.42 -42.97
N LEU F 390 -44.68 26.12 -43.25
CA LEU F 390 -45.12 25.60 -44.53
C LEU F 390 -46.30 24.64 -44.35
N ARG F 391 -47.04 24.45 -45.44
CA ARG F 391 -48.07 23.43 -45.54
C ARG F 391 -47.83 22.62 -46.81
N PRO F 392 -48.18 21.34 -46.81
CA PRO F 392 -48.27 20.61 -48.07
C PRO F 392 -49.51 21.01 -48.87
N THR F 393 -49.42 20.86 -50.18
CA THR F 393 -50.43 21.32 -51.11
C THR F 393 -50.49 20.37 -52.29
N ARG F 394 -51.70 20.10 -52.79
CA ARG F 394 -51.88 19.20 -53.93
C ARG F 394 -51.03 19.62 -55.14
#